data_9K6U
#
_entry.id   9K6U
#
_cell.length_a   1.00
_cell.length_b   1.00
_cell.length_c   1.00
_cell.angle_alpha   90.00
_cell.angle_beta   90.00
_cell.angle_gamma   90.00
#
_symmetry.space_group_name_H-M   'P 1'
#
loop_
_entity.id
_entity.type
_entity.pdbx_description
1 polymer 'Pentraxin-related protein PTX3'
2 non-polymer 2-acetamido-2-deoxy-beta-D-glucopyranose
#
_entity_poly.entity_id   1
_entity_poly.type   'polypeptide(L)'
_entity_poly.pdbx_seq_one_letter_code
;WLPAGCETAILFPMRSKKIFGSVHPVRPMRLESFSACIWVKATDVLNKTILFSYGTKRNPYEIQLYLSYQSIVFVVGGEE
NKLVAEAMVSLGRWTHLCGTWNSEEGLTSLWVNGELAATTVEMATGHIVPEGGILQIGQEKNGCCVGGGFDETLAFSGRL
TGFNIWDSVLSNEEIRETGGAESCHIRGNIVGWGVTEIQPHGGAQYVS
;
_entity_poly.pdbx_strand_id   B,A,D,C,E,H,G,F
#
loop_
_chem_comp.id
_chem_comp.type
_chem_comp.name
_chem_comp.formula
NAG D-saccharide, beta linking 2-acetamido-2-deoxy-beta-D-glucopyranose 'C8 H15 N O6'
#
# COMPACT_ATOMS: atom_id res chain seq x y z
N TRP A 1 -0.29 25.38 20.94
CA TRP A 1 -1.39 26.22 21.41
C TRP A 1 -2.41 26.44 20.31
N LEU A 2 -3.68 26.31 20.64
CA LEU A 2 -4.79 26.44 19.70
C LEU A 2 -5.83 27.39 20.29
N PRO A 3 -6.66 27.99 19.44
CA PRO A 3 -7.56 29.04 19.92
C PRO A 3 -8.92 28.53 20.37
N ALA A 4 -9.46 29.20 21.39
CA ALA A 4 -10.79 28.99 21.92
C ALA A 4 -10.97 27.64 22.59
N GLY A 5 -9.89 26.90 22.84
CA GLY A 5 -10.00 25.60 23.49
C GLY A 5 -10.40 24.50 22.54
N CYS A 6 -9.65 24.33 21.45
CA CYS A 6 -9.86 23.26 20.50
C CYS A 6 -8.70 22.29 20.59
N GLU A 7 -9.01 20.99 20.61
CA GLU A 7 -8.00 19.96 20.81
C GLU A 7 -7.30 19.53 19.53
N THR A 8 -7.87 19.82 18.36
CA THR A 8 -7.32 19.34 17.11
C THR A 8 -7.28 20.45 16.08
N ALA A 9 -6.37 20.30 15.12
CA ALA A 9 -6.26 21.19 13.97
C ALA A 9 -5.79 20.37 12.79
N ILE A 10 -5.57 21.04 11.67
CA ILE A 10 -5.02 20.41 10.47
C ILE A 10 -3.84 21.25 10.00
N LEU A 11 -2.74 20.58 9.68
CA LEU A 11 -1.51 21.25 9.30
C LEU A 11 -1.28 21.10 7.80
N PHE A 12 -1.00 22.22 7.15
CA PHE A 12 -0.58 22.26 5.74
C PHE A 12 0.86 22.71 5.72
N PRO A 13 1.84 21.79 5.75
CA PRO A 13 3.24 22.22 5.87
C PRO A 13 3.82 22.87 4.63
N MET A 14 3.12 22.80 3.49
CA MET A 14 3.71 23.21 2.24
C MET A 14 2.60 23.55 1.25
N ARG A 15 2.99 24.24 0.19
CA ARG A 15 2.12 24.48 -0.97
C ARG A 15 2.60 23.56 -2.08
N SER A 16 1.80 22.56 -2.43
CA SER A 16 2.16 21.64 -3.49
C SER A 16 0.99 21.43 -4.43
N LYS A 17 1.10 20.47 -5.34
CA LYS A 17 0.06 20.19 -6.31
C LYS A 17 -0.83 19.03 -5.90
N LYS A 18 -0.73 18.55 -4.66
CA LYS A 18 -1.54 17.43 -4.21
C LYS A 18 -2.11 17.60 -2.81
N ILE A 19 -1.92 18.74 -2.17
CA ILE A 19 -2.31 18.93 -0.77
C ILE A 19 -3.68 19.58 -0.72
N PHE A 20 -4.59 18.98 0.06
CA PHE A 20 -5.92 19.53 0.27
C PHE A 20 -6.63 18.63 1.28
N GLY A 21 -7.82 19.07 1.69
CA GLY A 21 -8.67 18.27 2.56
C GLY A 21 -10.11 18.33 2.12
N SER A 22 -10.80 17.20 2.15
CA SER A 22 -12.15 17.09 1.62
C SER A 22 -13.16 16.88 2.74
N VAL A 23 -14.32 17.53 2.62
CA VAL A 23 -15.38 17.47 3.61
C VAL A 23 -16.54 16.69 3.03
N HIS A 24 -17.12 15.81 3.84
CA HIS A 24 -18.25 14.96 3.43
C HIS A 24 -19.45 15.27 4.33
N PRO A 25 -20.31 16.20 3.93
CA PRO A 25 -21.48 16.51 4.74
C PRO A 25 -22.47 15.34 4.78
N VAL A 26 -23.28 15.33 5.83
CA VAL A 26 -24.26 14.27 6.01
C VAL A 26 -25.56 14.58 5.28
N ARG A 27 -25.96 15.85 5.23
CA ARG A 27 -27.21 16.25 4.60
C ARG A 27 -26.94 17.08 3.34
N PRO A 28 -27.94 17.27 2.49
CA PRO A 28 -27.72 18.00 1.24
C PRO A 28 -27.26 19.43 1.50
N MET A 29 -26.48 19.95 0.54
CA MET A 29 -25.93 21.29 0.63
C MET A 29 -26.81 22.34 -0.03
N ARG A 30 -28.02 21.96 -0.47
CA ARG A 30 -28.95 22.94 -1.03
C ARG A 30 -29.34 23.94 0.04
N LEU A 31 -29.07 25.22 -0.22
CA LEU A 31 -29.27 26.26 0.78
C LEU A 31 -29.86 27.50 0.12
N GLU A 32 -30.65 28.25 0.92
CA GLU A 32 -31.08 29.59 0.55
C GLU A 32 -30.44 30.66 1.40
N SER A 33 -29.90 30.30 2.56
CA SER A 33 -29.08 31.20 3.38
C SER A 33 -28.17 30.33 4.22
N PHE A 34 -27.01 30.87 4.58
CA PHE A 34 -26.04 30.08 5.31
C PHE A 34 -25.06 30.99 6.06
N SER A 35 -24.35 30.39 7.01
CA SER A 35 -23.22 31.00 7.67
C SER A 35 -22.10 29.98 7.72
N ALA A 36 -20.85 30.46 7.77
CA ALA A 36 -19.71 29.55 7.75
C ALA A 36 -18.53 30.25 8.39
N CYS A 37 -18.08 29.75 9.54
CA CYS A 37 -16.96 30.32 10.27
C CYS A 37 -15.81 29.33 10.35
N ILE A 38 -14.60 29.86 10.54
CA ILE A 38 -13.38 29.05 10.57
C ILE A 38 -12.31 29.83 11.33
N TRP A 39 -11.35 29.09 11.90
CA TRP A 39 -10.15 29.66 12.49
C TRP A 39 -8.98 29.43 11.54
N VAL A 40 -8.18 30.47 11.29
CA VAL A 40 -7.08 30.37 10.35
C VAL A 40 -5.82 30.99 10.97
N LYS A 41 -4.66 30.48 10.53
CA LYS A 41 -3.36 31.03 10.94
C LYS A 41 -2.43 30.84 9.75
N ALA A 42 -2.27 31.88 8.94
CA ALA A 42 -1.59 31.77 7.66
C ALA A 42 -0.09 31.97 7.81
N THR A 43 0.67 31.21 7.02
CA THR A 43 2.12 31.33 6.99
C THR A 43 2.60 32.28 5.90
N ASP A 44 2.03 32.18 4.71
CA ASP A 44 2.37 33.07 3.60
C ASP A 44 1.14 33.23 2.73
N VAL A 45 0.71 34.47 2.53
CA VAL A 45 -0.49 34.78 1.77
C VAL A 45 -0.06 35.33 0.42
N LEU A 46 -0.43 34.63 -0.64
CA LEU A 46 -0.03 34.95 -2.00
C LEU A 46 -1.16 35.74 -2.66
N ASN A 47 -1.09 35.92 -3.98
CA ASN A 47 -2.07 36.72 -4.70
C ASN A 47 -3.50 36.22 -4.47
N LYS A 48 -3.69 34.92 -4.24
CA LYS A 48 -5.02 34.39 -3.94
C LYS A 48 -4.84 33.04 -3.26
N THR A 49 -5.22 32.95 -1.98
CA THR A 49 -5.02 31.75 -1.18
C THR A 49 -6.38 31.21 -0.74
N ILE A 50 -6.74 30.04 -1.24
CA ILE A 50 -8.06 29.47 -0.99
C ILE A 50 -8.12 28.91 0.43
N LEU A 51 -9.17 29.28 1.17
CA LEU A 51 -9.44 28.68 2.47
C LEU A 51 -10.40 27.50 2.34
N PHE A 52 -11.61 27.76 1.84
CA PHE A 52 -12.54 26.69 1.52
C PHE A 52 -13.34 27.09 0.29
N SER A 53 -13.81 26.09 -0.45
CA SER A 53 -14.45 26.32 -1.73
C SER A 53 -15.48 25.23 -1.98
N TYR A 54 -16.71 25.64 -2.32
CA TYR A 54 -17.77 24.74 -2.71
C TYR A 54 -18.11 24.99 -4.18
N GLY A 55 -18.09 23.94 -4.98
CA GLY A 55 -18.37 24.09 -6.40
C GLY A 55 -19.00 22.84 -6.96
N THR A 56 -19.78 23.01 -8.01
CA THR A 56 -20.47 21.92 -8.70
C THR A 56 -19.87 21.74 -10.09
N LYS A 57 -20.42 20.78 -10.83
CA LYS A 57 -19.90 20.48 -12.16
C LYS A 57 -20.07 21.65 -13.11
N ARG A 58 -21.24 22.29 -13.09
CA ARG A 58 -21.52 23.38 -14.02
C ARG A 58 -21.01 24.72 -13.53
N ASN A 59 -20.62 24.84 -12.27
CA ASN A 59 -20.19 26.11 -11.70
C ASN A 59 -19.22 25.87 -10.55
N PRO A 60 -17.92 25.97 -10.76
CA PRO A 60 -16.96 25.69 -9.69
C PRO A 60 -16.79 26.81 -8.67
N TYR A 61 -17.63 27.84 -8.71
CA TYR A 61 -17.48 29.00 -7.85
C TYR A 61 -18.79 29.34 -7.16
N GLU A 62 -19.48 28.32 -6.65
CA GLU A 62 -20.74 28.56 -5.95
C GLU A 62 -20.50 29.35 -4.67
N ILE A 63 -19.57 28.89 -3.83
CA ILE A 63 -19.20 29.58 -2.61
C ILE A 63 -17.69 29.48 -2.48
N GLN A 64 -17.05 30.59 -2.11
CA GLN A 64 -15.59 30.61 -2.04
C GLN A 64 -15.14 31.73 -1.12
N LEU A 65 -14.27 31.39 -0.17
CA LEU A 65 -13.61 32.34 0.70
C LEU A 65 -12.11 32.18 0.56
N TYR A 66 -11.41 33.29 0.36
CA TYR A 66 -9.97 33.24 0.17
C TYR A 66 -9.34 34.56 0.59
N LEU A 67 -8.03 34.55 0.75
CA LEU A 67 -7.25 35.70 1.19
C LEU A 67 -6.41 36.22 0.03
N SER A 68 -6.33 37.53 -0.17
CA SER A 68 -5.53 38.17 -1.23
C SER A 68 -4.63 39.20 -0.62
N TYR A 69 -3.36 38.94 -0.46
CA TYR A 69 -2.47 39.83 0.28
C TYR A 69 -3.12 40.20 1.60
N GLN A 70 -3.31 41.46 1.98
CA GLN A 70 -3.94 41.73 3.28
C GLN A 70 -5.46 41.99 3.19
N SER A 71 -6.20 41.29 2.33
CA SER A 71 -7.59 41.53 2.08
C SER A 71 -8.28 40.22 2.24
N ILE A 72 -9.59 40.20 2.37
CA ILE A 72 -10.41 39.00 2.46
C ILE A 72 -11.54 39.13 1.44
N VAL A 73 -11.69 38.12 0.59
CA VAL A 73 -12.67 38.13 -0.48
C VAL A 73 -13.64 36.97 -0.27
N PHE A 74 -14.94 37.28 -0.27
CA PHE A 74 -16.00 36.30 -0.07
C PHE A 74 -16.85 36.29 -1.33
N VAL A 75 -17.02 35.11 -1.92
CA VAL A 75 -17.64 34.96 -3.24
C VAL A 75 -18.83 34.02 -3.12
N VAL A 76 -19.97 34.45 -3.64
CA VAL A 76 -21.17 33.62 -3.72
C VAL A 76 -21.73 33.75 -5.13
N GLY A 77 -21.95 32.62 -5.77
CA GLY A 77 -22.53 32.59 -7.12
C GLY A 77 -21.54 32.61 -8.28
N GLY A 78 -20.57 33.51 -8.24
CA GLY A 78 -19.63 33.62 -9.34
C GLY A 78 -18.59 34.69 -9.05
N GLU A 79 -17.71 34.90 -10.02
CA GLU A 79 -16.61 35.85 -9.82
C GLU A 79 -17.15 37.26 -9.61
N GLU A 80 -18.13 37.67 -10.40
CA GLU A 80 -18.60 39.05 -10.35
C GLU A 80 -19.18 39.39 -8.99
N ASN A 81 -19.71 38.41 -8.28
CA ASN A 81 -20.32 38.61 -6.97
C ASN A 81 -19.26 38.35 -5.92
N LYS A 82 -18.73 39.42 -5.32
CA LYS A 82 -17.70 39.27 -4.30
C LYS A 82 -17.76 40.45 -3.33
N LEU A 83 -17.44 40.16 -2.07
CA LEU A 83 -17.34 41.15 -1.01
C LEU A 83 -15.91 41.15 -0.49
N VAL A 84 -15.32 42.33 -0.38
CA VAL A 84 -13.89 42.47 -0.08
C VAL A 84 -13.70 43.27 1.19
N ALA A 85 -12.99 42.78 2.20
CA ALA A 85 -12.74 43.48 3.43
C ALA A 85 -11.35 43.86 3.24
N GLU A 86 -10.83 44.85 3.96
CA GLU A 86 -9.50 45.37 3.73
C GLU A 86 -8.66 45.53 4.97
N ALA A 87 -7.41 45.07 4.94
CA ALA A 87 -6.46 45.17 6.06
C ALA A 87 -6.88 44.36 7.26
N MET A 88 -7.63 43.29 7.03
CA MET A 88 -8.20 42.55 8.14
C MET A 88 -7.45 41.30 8.53
N VAL A 89 -6.50 40.87 7.75
CA VAL A 89 -5.81 39.59 7.90
C VAL A 89 -4.32 39.84 8.01
N SER A 90 -3.67 39.10 8.91
CA SER A 90 -2.23 39.14 9.12
C SER A 90 -1.65 37.74 8.94
N LEU A 91 -0.37 37.60 9.27
CA LEU A 91 0.32 36.32 9.18
C LEU A 91 0.88 35.94 10.54
N GLY A 92 0.75 34.67 10.89
CA GLY A 92 1.38 34.12 12.07
C GLY A 92 0.58 34.19 13.36
N ARG A 93 -0.65 34.70 13.33
CA ARG A 93 -1.50 34.73 14.50
C ARG A 93 -2.90 34.23 14.13
N TRP A 94 -3.54 33.56 15.08
CA TRP A 94 -4.87 33.02 14.85
C TRP A 94 -5.88 34.16 14.69
N THR A 95 -6.79 33.99 13.75
CA THR A 95 -7.85 34.98 13.51
C THR A 95 -9.13 34.26 13.12
N HIS A 96 -10.25 34.78 13.59
CA HIS A 96 -11.56 34.22 13.31
C HIS A 96 -12.23 35.04 12.21
N LEU A 97 -12.80 34.33 11.21
CA LEU A 97 -13.44 34.91 10.09
C LEU A 97 -14.79 34.28 9.85
N CYS A 98 -15.90 34.98 10.08
CA CYS A 98 -17.24 34.45 9.78
C CYS A 98 -17.85 35.24 8.64
N GLY A 99 -18.80 34.68 7.86
CA GLY A 99 -19.57 35.45 6.87
C GLY A 99 -20.97 34.99 6.55
N THR A 100 -22.06 35.85 6.53
CA THR A 100 -23.36 35.27 6.29
C THR A 100 -23.89 35.67 4.92
N TRP A 101 -24.93 34.96 4.48
CA TRP A 101 -25.55 35.25 3.19
C TRP A 101 -27.05 34.95 3.27
N ASN A 102 -27.84 35.76 2.58
CA ASN A 102 -29.28 35.58 2.50
C ASN A 102 -29.71 35.75 1.05
N SER A 103 -30.41 34.75 0.52
CA SER A 103 -30.86 34.82 -0.87
C SER A 103 -32.13 35.63 -1.04
N GLU A 104 -32.85 35.92 0.05
CA GLU A 104 -34.11 36.63 -0.08
C GLU A 104 -33.90 38.03 -0.64
N GLU A 105 -32.88 38.73 -0.17
CA GLU A 105 -32.58 40.08 -0.64
C GLU A 105 -31.11 40.26 -0.97
N GLY A 106 -30.32 39.19 -0.94
CA GLY A 106 -28.90 39.29 -1.25
C GLY A 106 -28.07 40.06 -0.23
N LEU A 107 -28.33 39.86 1.05
CA LEU A 107 -27.51 40.44 2.11
C LEU A 107 -26.31 39.54 2.38
N THR A 108 -25.11 40.10 2.24
CA THR A 108 -23.89 39.41 2.56
C THR A 108 -23.10 40.25 3.55
N SER A 109 -22.30 39.59 4.37
CA SER A 109 -21.53 40.28 5.39
C SER A 109 -20.26 39.52 5.68
N LEU A 110 -19.29 40.20 6.28
CA LEU A 110 -18.06 39.59 6.74
C LEU A 110 -17.70 40.15 8.11
N TRP A 111 -17.33 39.27 9.02
CA TRP A 111 -16.88 39.63 10.36
C TRP A 111 -15.48 39.10 10.56
N VAL A 112 -14.62 39.92 11.16
CA VAL A 112 -13.24 39.54 11.45
C VAL A 112 -13.01 39.76 12.94
N ASN A 113 -12.68 38.68 13.64
CA ASN A 113 -12.48 38.73 15.08
C ASN A 113 -13.68 39.32 15.79
N GLY A 114 -14.87 38.96 15.32
CA GLY A 114 -16.11 39.35 15.97
C GLY A 114 -16.59 40.75 15.65
N GLU A 115 -15.98 41.42 14.69
CA GLU A 115 -16.34 42.79 14.32
C GLU A 115 -16.69 42.85 12.84
N LEU A 116 -17.78 43.53 12.51
CA LEU A 116 -18.19 43.66 11.12
C LEU A 116 -17.11 44.36 10.31
N ALA A 117 -16.79 43.78 9.15
CA ALA A 117 -15.76 44.32 8.27
C ALA A 117 -16.27 44.71 6.90
N ALA A 118 -17.39 44.15 6.44
CA ALA A 118 -17.94 44.49 5.14
C ALA A 118 -19.41 44.13 5.11
N THR A 119 -20.13 44.74 4.17
CA THR A 119 -21.54 44.44 3.99
C THR A 119 -21.97 44.93 2.62
N THR A 120 -22.91 44.21 2.01
CA THR A 120 -23.40 44.55 0.69
C THR A 120 -24.87 44.13 0.59
N VAL A 121 -25.52 44.55 -0.50
CA VAL A 121 -26.91 44.26 -0.75
C VAL A 121 -27.07 43.91 -2.22
N GLU A 122 -28.17 43.21 -2.53
CA GLU A 122 -28.49 42.80 -3.91
C GLU A 122 -27.35 41.98 -4.52
N MET A 123 -26.84 41.03 -3.75
CA MET A 123 -25.78 40.12 -4.22
C MET A 123 -26.40 38.75 -4.43
N ALA A 124 -26.41 38.29 -5.67
CA ALA A 124 -26.97 36.98 -6.02
C ALA A 124 -28.40 36.85 -5.51
N THR A 125 -29.19 37.90 -5.70
CA THR A 125 -30.58 37.87 -5.27
C THR A 125 -31.36 36.80 -6.03
N GLY A 126 -32.14 36.02 -5.29
CA GLY A 126 -32.95 34.97 -5.89
C GLY A 126 -32.18 33.71 -6.22
N HIS A 127 -30.88 33.68 -5.94
CA HIS A 127 -30.07 32.51 -6.26
C HIS A 127 -30.23 31.44 -5.19
N ILE A 128 -30.13 30.18 -5.63
CA ILE A 128 -30.18 29.02 -4.74
C ILE A 128 -28.94 28.18 -5.02
N VAL A 129 -28.21 27.83 -3.96
CA VAL A 129 -27.01 27.02 -4.11
C VAL A 129 -27.44 25.59 -4.45
N PRO A 130 -26.97 25.02 -5.56
CA PRO A 130 -27.41 23.66 -5.91
C PRO A 130 -26.85 22.61 -4.96
N GLU A 131 -27.19 21.35 -5.20
CA GLU A 131 -26.77 20.25 -4.36
C GLU A 131 -26.05 19.21 -5.20
N GLY A 132 -25.27 18.37 -4.54
CA GLY A 132 -24.45 17.40 -5.22
C GLY A 132 -23.09 17.90 -5.63
N GLY A 133 -22.61 18.99 -5.03
CA GLY A 133 -21.30 19.53 -5.32
C GLY A 133 -20.22 18.86 -4.48
N ILE A 134 -19.06 19.50 -4.49
CA ILE A 134 -17.87 18.98 -3.82
C ILE A 134 -17.29 20.09 -2.95
N LEU A 135 -17.06 19.78 -1.68
CA LEU A 135 -16.59 20.75 -0.70
C LEU A 135 -15.15 20.41 -0.31
N GLN A 136 -14.30 21.42 -0.26
CA GLN A 136 -12.88 21.23 0.03
C GLN A 136 -12.37 22.39 0.87
N ILE A 137 -11.26 22.17 1.56
CA ILE A 137 -10.57 23.20 2.31
C ILE A 137 -9.12 23.25 1.84
N GLY A 138 -8.63 24.45 1.59
CA GLY A 138 -7.24 24.67 1.23
C GLY A 138 -6.96 24.59 -0.26
N GLN A 139 -7.94 24.23 -1.07
CA GLN A 139 -7.75 24.10 -2.51
C GLN A 139 -9.06 24.42 -3.21
N GLU A 140 -8.97 24.69 -4.50
CA GLU A 140 -10.09 25.23 -5.27
C GLU A 140 -10.99 24.17 -5.88
N LYS A 141 -10.46 23.32 -6.76
CA LYS A 141 -11.29 22.41 -7.51
C LYS A 141 -10.44 21.20 -7.88
N ASN A 142 -11.08 20.16 -8.43
CA ASN A 142 -10.52 18.82 -8.45
C ASN A 142 -9.39 18.72 -9.48
N GLY A 143 -8.91 17.51 -9.71
CA GLY A 143 -7.62 17.25 -10.30
C GLY A 143 -6.66 16.55 -9.36
N CYS A 144 -7.17 15.87 -8.33
CA CYS A 144 -6.32 15.35 -7.26
C CYS A 144 -5.46 14.19 -7.75
N CYS A 145 -6.06 13.22 -8.43
CA CYS A 145 -5.38 11.98 -8.72
C CYS A 145 -4.65 12.01 -10.06
N VAL A 146 -5.38 12.21 -11.16
CA VAL A 146 -4.79 12.09 -12.49
C VAL A 146 -5.00 13.29 -13.42
N GLY A 147 -5.70 14.33 -12.97
CA GLY A 147 -5.82 15.52 -13.79
C GLY A 147 -4.50 16.23 -14.03
N GLY A 148 -3.47 15.86 -13.29
CA GLY A 148 -2.20 16.56 -13.33
C GLY A 148 -1.87 17.15 -11.98
N GLY A 149 -2.92 17.52 -11.24
CA GLY A 149 -2.77 18.10 -9.93
C GLY A 149 -3.59 19.36 -9.80
N PHE A 150 -3.26 20.19 -8.81
CA PHE A 150 -3.90 21.48 -8.61
C PHE A 150 -2.90 22.58 -8.92
N ASP A 151 -3.39 23.81 -9.03
CA ASP A 151 -2.53 24.97 -9.19
C ASP A 151 -1.88 25.28 -7.84
N GLU A 152 -0.56 25.09 -7.75
CA GLU A 152 0.14 25.32 -6.51
C GLU A 152 0.01 26.77 -6.04
N THR A 153 -0.30 27.70 -6.94
CA THR A 153 -0.39 29.10 -6.56
C THR A 153 -1.52 29.33 -5.57
N LEU A 154 -2.65 28.67 -5.77
CA LEU A 154 -3.85 28.91 -4.96
C LEU A 154 -3.87 28.10 -3.67
N ALA A 155 -2.95 27.18 -3.47
CA ALA A 155 -2.99 26.32 -2.29
C ALA A 155 -2.76 27.14 -1.03
N PHE A 156 -2.87 26.46 0.12
CA PHE A 156 -2.81 27.08 1.42
C PHE A 156 -1.70 26.45 2.25
N SER A 157 -1.05 27.24 3.08
CA SER A 157 -0.02 26.76 3.98
C SER A 157 -0.21 27.41 5.35
N GLY A 158 -0.44 26.61 6.36
CA GLY A 158 -0.72 27.08 7.70
C GLY A 158 -1.55 26.06 8.46
N ARG A 159 -2.36 26.56 9.39
CA ARG A 159 -3.20 25.73 10.24
C ARG A 159 -4.65 26.19 10.16
N LEU A 160 -5.57 25.25 10.21
CA LEU A 160 -7.01 25.52 10.18
C LEU A 160 -7.71 24.73 11.27
N THR A 161 -8.77 25.31 11.83
CA THR A 161 -9.57 24.60 12.81
C THR A 161 -10.92 25.30 12.93
N GLY A 162 -11.87 24.59 13.53
CA GLY A 162 -13.17 25.16 13.83
C GLY A 162 -14.01 25.52 12.62
N PHE A 163 -14.05 24.64 11.62
CA PHE A 163 -14.80 24.88 10.40
C PHE A 163 -16.24 24.43 10.58
N ASN A 164 -17.16 25.38 10.67
CA ASN A 164 -18.58 25.11 10.89
C ASN A 164 -19.40 25.82 9.82
N ILE A 165 -20.52 25.20 9.45
CA ILE A 165 -21.47 25.78 8.52
C ILE A 165 -22.87 25.58 9.09
N TRP A 166 -23.64 26.66 9.14
CA TRP A 166 -25.04 26.63 9.55
C TRP A 166 -25.94 26.81 8.34
N ASP A 167 -27.21 26.46 8.50
CA ASP A 167 -28.20 26.57 7.44
C ASP A 167 -28.97 27.87 7.51
N SER A 168 -28.57 28.80 8.38
CA SER A 168 -29.30 30.05 8.55
C SER A 168 -28.30 31.14 8.90
N VAL A 169 -28.75 32.39 8.78
CA VAL A 169 -27.92 33.54 9.11
C VAL A 169 -27.91 33.71 10.63
N LEU A 170 -26.76 33.46 11.25
CA LEU A 170 -26.63 33.63 12.68
C LEU A 170 -26.82 35.09 13.07
N SER A 171 -27.43 35.31 14.23
CA SER A 171 -27.60 36.66 14.74
C SER A 171 -26.27 37.22 15.21
N ASN A 172 -26.27 38.51 15.52
CA ASN A 172 -25.04 39.15 15.98
C ASN A 172 -24.54 38.53 17.27
N GLU A 173 -25.45 38.22 18.19
CA GLU A 173 -25.04 37.62 19.45
C GLU A 173 -24.38 36.26 19.22
N GLU A 174 -24.98 35.45 18.34
CA GLU A 174 -24.39 34.15 18.02
C GLU A 174 -23.02 34.32 17.37
N ILE A 175 -22.88 35.31 16.49
CA ILE A 175 -21.62 35.51 15.79
C ILE A 175 -20.52 35.90 16.76
N ARG A 176 -20.81 36.82 17.69
CA ARG A 176 -19.80 37.15 18.70
C ARG A 176 -19.54 35.98 19.64
N GLU A 177 -20.54 35.13 19.90
CA GLU A 177 -20.31 33.96 20.73
C GLU A 177 -19.35 32.98 20.05
N THR A 178 -19.51 32.79 18.75
CA THR A 178 -18.73 31.76 18.05
C THR A 178 -17.23 32.05 18.06
N GLY A 179 -16.83 33.30 18.24
CA GLY A 179 -15.43 33.66 18.31
C GLY A 179 -14.89 33.84 19.72
N GLY A 180 -15.60 33.38 20.74
CA GLY A 180 -15.19 33.59 22.10
C GLY A 180 -14.14 32.60 22.56
N ALA A 181 -13.83 32.69 23.85
CA ALA A 181 -12.83 31.81 24.47
C ALA A 181 -13.41 30.45 24.87
N GLU A 182 -14.70 30.25 24.71
CA GLU A 182 -15.36 28.98 24.99
C GLU A 182 -16.28 28.61 23.85
N SER A 183 -15.80 28.75 22.62
CA SER A 183 -16.62 28.62 21.43
C SER A 183 -16.36 27.34 20.64
N CYS A 184 -15.50 26.45 21.15
CA CYS A 184 -15.17 25.24 20.42
C CYS A 184 -16.16 24.11 20.66
N HIS A 185 -17.17 24.34 21.50
CA HIS A 185 -18.20 23.34 21.75
C HIS A 185 -19.47 23.56 20.94
N ILE A 186 -19.68 24.77 20.41
CA ILE A 186 -20.83 25.04 19.54
C ILE A 186 -20.40 24.80 18.11
N ARG A 187 -21.14 23.93 17.41
CA ARG A 187 -20.81 23.53 16.06
C ARG A 187 -22.07 23.62 15.19
N GLY A 188 -21.85 23.82 13.90
CA GLY A 188 -22.94 23.95 12.97
C GLY A 188 -23.58 22.63 12.63
N ASN A 189 -24.69 22.70 11.91
CA ASN A 189 -25.44 21.50 11.59
C ASN A 189 -25.09 20.91 10.23
N ILE A 190 -24.95 21.74 9.19
CA ILE A 190 -24.54 21.21 7.89
C ILE A 190 -23.14 20.64 7.98
N VAL A 191 -22.23 21.36 8.62
CA VAL A 191 -20.87 20.89 8.88
C VAL A 191 -20.53 21.25 10.32
N GLY A 192 -19.97 20.31 11.05
CA GLY A 192 -19.55 20.54 12.41
C GLY A 192 -18.15 20.02 12.64
N TRP A 193 -17.36 20.79 13.38
CA TRP A 193 -15.98 20.41 13.65
C TRP A 193 -15.96 19.34 14.73
N GLY A 194 -15.56 18.12 14.35
CA GLY A 194 -15.49 17.01 15.27
C GLY A 194 -16.51 15.92 15.02
N VAL A 195 -17.60 16.23 14.33
CA VAL A 195 -18.61 15.25 13.98
C VAL A 195 -18.62 14.95 12.49
N THR A 196 -18.34 15.95 11.66
CA THR A 196 -18.31 15.75 10.22
C THR A 196 -16.99 15.14 9.78
N GLU A 197 -17.03 14.38 8.70
CA GLU A 197 -15.85 13.71 8.19
C GLU A 197 -15.01 14.67 7.37
N ILE A 198 -13.77 14.88 7.78
CA ILE A 198 -12.80 15.70 7.04
C ILE A 198 -11.55 14.85 6.86
N GLN A 199 -11.16 14.62 5.61
CA GLN A 199 -10.10 13.68 5.27
C GLN A 199 -8.93 14.39 4.60
N PRO A 200 -7.86 14.72 5.32
CA PRO A 200 -6.72 15.37 4.67
C PRO A 200 -6.04 14.46 3.66
N HIS A 201 -5.46 15.08 2.63
CA HIS A 201 -4.84 14.36 1.54
C HIS A 201 -3.52 15.01 1.18
N GLY A 202 -2.61 14.20 0.64
CA GLY A 202 -1.43 14.71 -0.04
C GLY A 202 -0.40 15.38 0.83
N GLY A 203 -0.49 15.24 2.14
CA GLY A 203 0.51 15.82 3.01
C GLY A 203 -0.05 16.50 4.24
N ALA A 204 -1.33 16.86 4.19
CA ALA A 204 -1.98 17.42 5.37
C ALA A 204 -2.15 16.34 6.43
N GLN A 205 -2.08 16.75 7.70
CA GLN A 205 -2.13 15.81 8.79
C GLN A 205 -2.81 16.44 9.99
N TYR A 206 -3.53 15.62 10.75
CA TYR A 206 -4.11 16.05 12.00
C TYR A 206 -3.01 16.26 13.04
N VAL A 207 -3.20 17.25 13.91
CA VAL A 207 -2.28 17.52 15.00
C VAL A 207 -3.10 17.80 16.25
N SER A 208 -2.66 17.25 17.38
CA SER A 208 -3.36 17.43 18.64
C SER A 208 -2.48 18.18 19.64
N TRP B 1 -4.16 15.92 28.43
CA TRP B 1 -4.46 15.42 29.77
C TRP B 1 -5.39 14.21 29.70
N LEU B 2 -5.09 13.19 30.51
CA LEU B 2 -5.82 11.94 30.54
C LEU B 2 -6.14 11.59 31.98
N PRO B 3 -7.17 10.76 32.20
CA PRO B 3 -7.66 10.53 33.56
C PRO B 3 -7.00 9.34 34.25
N ALA B 4 -6.88 9.48 35.57
CA ALA B 4 -6.42 8.39 36.44
C ALA B 4 -4.98 7.97 36.12
N GLY B 5 -4.21 8.87 35.52
CA GLY B 5 -2.83 8.54 35.22
C GLY B 5 -2.62 7.58 34.07
N CYS B 6 -3.60 7.46 33.17
CA CYS B 6 -3.40 6.69 31.95
C CYS B 6 -2.59 7.51 30.95
N GLU B 7 -1.71 6.82 30.22
CA GLU B 7 -0.76 7.47 29.33
C GLU B 7 -1.03 7.15 27.86
N THR B 8 -2.20 6.63 27.53
CA THR B 8 -2.56 6.35 26.15
C THR B 8 -4.08 6.41 26.01
N ALA B 9 -4.53 6.73 24.81
CA ALA B 9 -5.95 6.81 24.52
C ALA B 9 -6.14 6.56 23.03
N ILE B 10 -7.39 6.53 22.60
CA ILE B 10 -7.75 6.38 21.19
C ILE B 10 -8.65 7.53 20.81
N LEU B 11 -8.36 8.17 19.68
CA LEU B 11 -9.09 9.34 19.23
C LEU B 11 -10.01 8.96 18.08
N PHE B 12 -11.28 9.35 18.20
CA PHE B 12 -12.26 9.27 17.12
C PHE B 12 -12.57 10.68 16.69
N PRO B 13 -11.85 11.25 15.71
CA PRO B 13 -12.03 12.67 15.39
C PRO B 13 -13.35 12.99 14.72
N MET B 14 -14.17 11.99 14.41
CA MET B 14 -15.29 12.16 13.51
C MET B 14 -16.05 10.85 13.48
N ARG B 15 -17.36 10.95 13.31
CA ARG B 15 -18.19 9.76 13.15
C ARG B 15 -18.50 9.60 11.66
N SER B 16 -18.16 8.42 11.12
CA SER B 16 -18.18 8.17 9.70
C SER B 16 -18.74 6.77 9.48
N LYS B 17 -18.59 6.26 8.26
CA LYS B 17 -19.04 4.92 7.92
C LYS B 17 -17.92 3.89 7.94
N LYS B 18 -16.73 4.25 8.43
CA LYS B 18 -15.61 3.34 8.42
C LYS B 18 -14.82 3.32 9.73
N ILE B 19 -15.16 4.15 10.70
CA ILE B 19 -14.34 4.35 11.88
C ILE B 19 -14.80 3.38 12.97
N PHE B 20 -13.85 2.65 13.54
CA PHE B 20 -14.11 1.74 14.65
C PHE B 20 -12.78 1.15 15.11
N GLY B 21 -12.83 0.42 16.22
CA GLY B 21 -11.67 -0.30 16.71
C GLY B 21 -12.04 -1.68 17.17
N SER B 22 -11.20 -2.68 16.88
CA SER B 22 -11.51 -4.07 17.16
C SER B 22 -10.60 -4.61 18.25
N VAL B 23 -11.16 -5.47 19.10
CA VAL B 23 -10.45 -6.07 20.22
C VAL B 23 -10.31 -7.56 19.98
N HIS B 24 -9.14 -8.10 20.29
CA HIS B 24 -8.83 -9.51 20.09
C HIS B 24 -8.46 -10.15 21.42
N PRO B 25 -9.43 -10.67 22.17
CA PRO B 25 -9.10 -11.29 23.45
C PRO B 25 -8.24 -12.53 23.28
N VAL B 26 -7.40 -12.80 24.29
CA VAL B 26 -6.53 -13.97 24.23
C VAL B 26 -7.33 -15.24 24.51
N ARG B 27 -8.28 -15.18 25.43
CA ARG B 27 -9.03 -16.34 25.88
C ARG B 27 -10.49 -16.26 25.46
N PRO B 28 -11.23 -17.37 25.54
CA PRO B 28 -12.62 -17.36 25.08
C PRO B 28 -13.48 -16.38 25.86
N MET B 29 -14.51 -15.87 25.19
CA MET B 29 -15.43 -14.89 25.76
C MET B 29 -16.67 -15.54 26.37
N ARG B 30 -16.70 -16.87 26.49
CA ARG B 30 -17.81 -17.53 27.16
C ARG B 30 -17.82 -17.14 28.63
N LEU B 31 -18.93 -16.55 29.10
CA LEU B 31 -18.98 -15.96 30.42
C LEU B 31 -20.27 -16.34 31.13
N GLU B 32 -20.16 -16.60 32.43
CA GLU B 32 -21.31 -16.72 33.32
C GLU B 32 -21.65 -15.39 33.98
N SER B 33 -20.63 -14.64 34.36
CA SER B 33 -20.78 -13.29 34.89
C SER B 33 -19.57 -12.49 34.44
N PHE B 34 -19.73 -11.16 34.43
CA PHE B 34 -18.64 -10.32 33.96
C PHE B 34 -18.80 -8.91 34.52
N SER B 35 -17.72 -8.15 34.41
CA SER B 35 -17.69 -6.73 34.73
C SER B 35 -16.81 -6.04 33.71
N ALA B 36 -17.20 -4.85 33.27
CA ALA B 36 -16.48 -4.16 32.20
C ALA B 36 -16.54 -2.66 32.42
N CYS B 37 -15.39 -2.03 32.60
CA CYS B 37 -15.31 -0.59 32.80
C CYS B 37 -14.52 0.08 31.69
N ILE B 38 -14.73 1.40 31.56
CA ILE B 38 -14.11 2.19 30.49
C ILE B 38 -14.13 3.65 30.89
N TRP B 39 -13.21 4.44 30.34
CA TRP B 39 -13.21 5.89 30.45
C TRP B 39 -13.67 6.49 29.13
N VAL B 40 -14.53 7.51 29.20
CA VAL B 40 -15.11 8.10 28.00
C VAL B 40 -15.16 9.61 28.15
N LYS B 41 -14.93 10.31 27.03
CA LYS B 41 -15.11 11.77 26.95
C LYS B 41 -15.77 12.05 25.61
N ALA B 42 -17.09 12.29 25.63
CA ALA B 42 -17.88 12.38 24.42
C ALA B 42 -17.93 13.81 23.89
N THR B 43 -17.90 13.94 22.56
CA THR B 43 -18.00 15.22 21.89
C THR B 43 -19.44 15.58 21.53
N ASP B 44 -20.18 14.63 20.99
CA ASP B 44 -21.58 14.84 20.65
C ASP B 44 -22.32 13.52 20.79
N VAL B 45 -23.37 13.52 21.61
CA VAL B 45 -24.15 12.32 21.91
C VAL B 45 -25.46 12.42 21.15
N LEU B 46 -25.73 11.43 20.32
CA LEU B 46 -26.87 11.41 19.43
C LEU B 46 -27.91 10.45 20.00
N ASN B 47 -28.95 10.14 19.23
CA ASN B 47 -30.03 9.28 19.70
C ASN B 47 -29.51 7.96 20.27
N LYS B 48 -28.41 7.43 19.74
CA LYS B 48 -27.81 6.21 20.27
C LYS B 48 -26.36 6.15 19.82
N THR B 49 -25.43 6.19 20.76
CA THR B 49 -23.99 6.24 20.47
C THR B 49 -23.32 5.03 21.10
N ILE B 50 -22.82 4.12 20.27
CA ILE B 50 -22.24 2.87 20.75
C ILE B 50 -20.88 3.13 21.36
N LEU B 51 -20.66 2.60 22.56
CA LEU B 51 -19.33 2.62 23.18
C LEU B 51 -18.57 1.33 22.88
N PHE B 52 -19.11 0.20 23.30
CA PHE B 52 -18.57 -1.10 22.92
C PHE B 52 -19.71 -2.09 22.76
N SER B 53 -19.50 -3.10 21.92
CA SER B 53 -20.55 -4.03 21.56
C SER B 53 -19.94 -5.40 21.28
N TYR B 54 -20.52 -6.43 21.88
CA TYR B 54 -20.14 -7.81 21.63
C TYR B 54 -21.33 -8.54 21.01
N GLY B 55 -21.11 -9.20 19.89
CA GLY B 55 -22.19 -9.90 19.22
C GLY B 55 -21.68 -11.07 18.42
N THR B 56 -22.53 -12.09 18.28
CA THR B 56 -22.25 -13.28 17.52
C THR B 56 -23.01 -13.24 16.20
N LYS B 57 -22.85 -14.30 15.41
CA LYS B 57 -23.52 -14.38 14.11
C LYS B 57 -25.04 -14.44 14.28
N ARG B 58 -25.52 -15.23 15.23
CA ARG B 58 -26.95 -15.43 15.40
C ARG B 58 -27.60 -14.39 16.29
N ASN B 59 -26.81 -13.58 17.00
CA ASN B 59 -27.35 -12.60 17.94
C ASN B 59 -26.35 -11.45 18.04
N PRO B 60 -26.58 -10.35 17.33
CA PRO B 60 -25.66 -9.22 17.39
C PRO B 60 -25.80 -8.34 18.63
N TYR B 61 -26.62 -8.72 19.59
CA TYR B 61 -26.91 -7.90 20.76
C TYR B 61 -26.63 -8.67 22.04
N GLU B 62 -25.50 -9.36 22.10
CA GLU B 62 -25.16 -10.13 23.29
C GLU B 62 -24.88 -9.20 24.46
N ILE B 63 -23.89 -8.33 24.32
CA ILE B 63 -23.56 -7.32 25.33
C ILE B 63 -23.39 -6.00 24.59
N GLN B 64 -23.97 -4.94 25.14
CA GLN B 64 -23.93 -3.64 24.47
C GLN B 64 -24.09 -2.53 25.50
N LEU B 65 -23.19 -1.55 25.43
CA LEU B 65 -23.26 -0.34 26.24
C LEU B 65 -23.23 0.86 25.31
N TYR B 66 -24.17 1.79 25.50
CA TYR B 66 -24.24 2.96 24.64
C TYR B 66 -24.90 4.10 25.41
N LEU B 67 -24.79 5.30 24.84
CA LEU B 67 -25.29 6.53 25.46
C LEU B 67 -26.46 7.10 24.66
N SER B 68 -27.49 7.54 25.37
CA SER B 68 -28.57 8.32 24.79
C SER B 68 -28.36 9.79 25.14
N TYR B 69 -29.36 10.62 24.84
CA TYR B 69 -29.21 12.06 25.02
C TYR B 69 -28.70 12.41 26.41
N GLN B 70 -29.27 11.79 27.44
CA GLN B 70 -28.85 12.08 28.81
C GLN B 70 -28.77 10.82 29.67
N SER B 71 -28.78 9.64 29.07
CA SER B 71 -28.87 8.38 29.81
C SER B 71 -27.87 7.38 29.27
N ILE B 72 -27.52 6.41 30.12
CA ILE B 72 -26.66 5.29 29.76
C ILE B 72 -27.52 4.04 29.73
N VAL B 73 -27.46 3.29 28.64
CA VAL B 73 -28.24 2.07 28.46
C VAL B 73 -27.29 0.89 28.38
N PHE B 74 -27.55 -0.11 29.21
CA PHE B 74 -26.73 -1.32 29.29
C PHE B 74 -27.58 -2.51 28.91
N VAL B 75 -27.14 -3.27 27.91
CA VAL B 75 -27.93 -4.32 27.29
C VAL B 75 -27.18 -5.64 27.40
N VAL B 76 -27.85 -6.67 27.91
CA VAL B 76 -27.31 -8.02 27.99
C VAL B 76 -28.35 -8.98 27.45
N GLY B 77 -27.95 -9.82 26.50
CA GLY B 77 -28.84 -10.83 25.95
C GLY B 77 -29.64 -10.41 24.73
N GLY B 78 -30.27 -9.25 24.79
CA GLY B 78 -31.07 -8.77 23.69
C GLY B 78 -31.61 -7.39 23.98
N GLU B 79 -32.34 -6.86 22.99
CA GLU B 79 -32.84 -5.49 23.12
C GLU B 79 -33.85 -5.37 24.26
N GLU B 80 -34.71 -6.37 24.43
CA GLU B 80 -35.75 -6.28 25.45
C GLU B 80 -35.16 -6.14 26.84
N ASN B 81 -33.96 -6.69 27.07
CA ASN B 81 -33.29 -6.62 28.37
C ASN B 81 -32.34 -5.43 28.34
N LYS B 82 -32.67 -4.40 29.11
CA LYS B 82 -31.84 -3.21 29.17
C LYS B 82 -32.02 -2.51 30.51
N LEU B 83 -30.93 -1.92 31.00
CA LEU B 83 -30.92 -1.13 32.22
C LEU B 83 -30.52 0.30 31.86
N VAL B 84 -31.28 1.27 32.33
CA VAL B 84 -31.14 2.66 31.91
C VAL B 84 -30.87 3.53 33.13
N ALA B 85 -29.76 4.27 33.11
CA ALA B 85 -29.53 5.37 34.02
C ALA B 85 -30.23 6.62 33.47
N GLU B 86 -30.45 7.60 34.35
CA GLU B 86 -31.37 8.68 34.01
C GLU B 86 -30.69 9.93 33.45
N ALA B 87 -29.88 10.61 34.25
CA ALA B 87 -29.36 11.93 33.86
C ALA B 87 -27.88 12.05 34.24
N MET B 88 -27.09 11.02 33.94
CA MET B 88 -25.76 10.91 34.50
C MET B 88 -24.70 10.74 33.41
N VAL B 89 -24.74 11.62 32.41
CA VAL B 89 -23.67 11.69 31.42
C VAL B 89 -23.63 13.10 30.84
N SER B 90 -22.42 13.56 30.53
CA SER B 90 -22.22 14.90 29.99
C SER B 90 -21.35 14.84 28.74
N LEU B 91 -20.96 16.00 28.22
CA LEU B 91 -20.13 16.11 27.03
C LEU B 91 -18.86 16.88 27.35
N GLY B 92 -17.73 16.40 26.83
CA GLY B 92 -16.47 17.08 27.00
C GLY B 92 -15.86 16.95 28.38
N ARG B 93 -16.26 15.95 29.16
CA ARG B 93 -15.71 15.72 30.49
C ARG B 93 -15.46 14.23 30.65
N TRP B 94 -14.27 13.89 31.16
CA TRP B 94 -13.95 12.49 31.39
C TRP B 94 -14.87 11.92 32.46
N THR B 95 -15.40 10.73 32.21
CA THR B 95 -16.29 10.08 33.16
C THR B 95 -16.08 8.57 33.11
N HIS B 96 -16.18 7.93 34.27
CA HIS B 96 -15.98 6.50 34.41
C HIS B 96 -17.34 5.82 34.52
N LEU B 97 -17.56 4.80 33.70
CA LEU B 97 -18.77 4.07 33.65
C LEU B 97 -18.39 2.67 33.83
N CYS B 98 -18.95 1.91 34.79
CA CYS B 98 -18.70 0.47 35.04
C CYS B 98 -19.99 -0.33 35.27
N GLY B 99 -20.30 -1.45 34.62
CA GLY B 99 -21.45 -2.31 34.98
C GLY B 99 -21.31 -3.80 35.22
N THR B 100 -21.99 -4.45 36.24
CA THR B 100 -21.73 -5.87 36.39
C THR B 100 -22.97 -6.67 36.02
N TRP B 101 -22.77 -7.97 35.79
CA TRP B 101 -23.86 -8.86 35.45
C TRP B 101 -23.61 -10.23 36.06
N ASN B 102 -24.69 -10.87 36.52
CA ASN B 102 -24.63 -12.22 37.08
C ASN B 102 -25.76 -13.03 36.50
N SER B 103 -25.44 -14.18 35.89
CA SER B 103 -26.46 -15.00 35.26
C SER B 103 -27.19 -15.89 36.25
N GLU B 104 -26.67 -16.04 37.47
CA GLU B 104 -27.31 -16.94 38.43
C GLU B 104 -28.71 -16.46 38.80
N GLU B 105 -28.86 -15.15 39.00
CA GLU B 105 -30.16 -14.58 39.35
C GLU B 105 -30.47 -13.34 38.52
N GLY B 106 -29.65 -13.02 37.52
CA GLY B 106 -29.88 -11.86 36.69
C GLY B 106 -29.71 -10.53 37.40
N LEU B 107 -28.70 -10.39 38.23
CA LEU B 107 -28.37 -9.11 38.85
C LEU B 107 -27.53 -8.29 37.89
N THR B 108 -28.01 -7.10 37.56
CA THR B 108 -27.27 -6.15 36.75
C THR B 108 -27.22 -4.82 37.49
N SER B 109 -26.15 -4.06 37.23
CA SER B 109 -25.97 -2.77 37.90
C SER B 109 -25.20 -1.85 36.98
N LEU B 110 -25.27 -0.55 37.29
CA LEU B 110 -24.47 0.47 36.61
C LEU B 110 -23.93 1.44 37.64
N TRP B 111 -22.64 1.74 37.51
CA TRP B 111 -21.97 2.71 38.36
C TRP B 111 -21.42 3.82 37.48
N VAL B 112 -21.61 5.06 37.89
CA VAL B 112 -21.10 6.23 37.17
C VAL B 112 -20.25 7.04 38.14
N ASN B 113 -18.98 7.21 37.81
CA ASN B 113 -18.04 7.93 38.66
C ASN B 113 -18.03 7.34 40.07
N GLY B 114 -18.07 6.01 40.16
CA GLY B 114 -17.93 5.32 41.42
C GLY B 114 -19.19 5.23 42.25
N GLU B 115 -20.32 5.73 41.76
CA GLU B 115 -21.57 5.73 42.49
C GLU B 115 -22.61 4.91 41.72
N LEU B 116 -23.28 4.01 42.42
CA LEU B 116 -24.30 3.18 41.77
C LEU B 116 -25.42 4.06 41.22
N ALA B 117 -25.80 3.79 39.98
CA ALA B 117 -26.80 4.57 39.28
C ALA B 117 -28.05 3.79 38.91
N ALA B 118 -27.97 2.47 38.80
CA ALA B 118 -29.12 1.66 38.44
C ALA B 118 -28.90 0.24 38.93
N THR B 119 -30.00 -0.49 39.06
CA THR B 119 -29.93 -1.90 39.45
C THR B 119 -31.24 -2.57 39.08
N THR B 120 -31.14 -3.85 38.71
CA THR B 120 -32.31 -4.62 38.31
C THR B 120 -32.10 -6.07 38.71
N VAL B 121 -33.16 -6.86 38.59
CA VAL B 121 -33.16 -8.27 38.95
C VAL B 121 -33.93 -9.05 37.89
N GLU B 122 -33.64 -10.35 37.80
CA GLU B 122 -34.27 -11.24 36.83
C GLU B 122 -34.08 -10.73 35.39
N MET B 123 -32.83 -10.38 35.08
CA MET B 123 -32.45 -9.95 33.74
C MET B 123 -31.62 -11.05 33.10
N ALA B 124 -32.14 -11.65 32.03
CA ALA B 124 -31.44 -12.71 31.31
C ALA B 124 -31.01 -13.83 32.26
N THR B 125 -31.91 -14.22 33.15
CA THR B 125 -31.62 -15.28 34.10
C THR B 125 -31.37 -16.59 33.37
N GLY B 126 -30.31 -17.29 33.76
CA GLY B 126 -29.96 -18.55 33.15
C GLY B 126 -29.26 -18.44 31.81
N HIS B 127 -29.04 -17.23 31.32
CA HIS B 127 -28.40 -17.03 30.03
C HIS B 127 -26.89 -17.19 30.16
N ILE B 128 -26.26 -17.64 29.07
CA ILE B 128 -24.82 -17.78 28.98
C ILE B 128 -24.37 -17.10 27.70
N VAL B 129 -23.39 -16.21 27.80
CA VAL B 129 -22.88 -15.49 26.64
C VAL B 129 -22.09 -16.48 25.77
N PRO B 130 -22.42 -16.62 24.48
CA PRO B 130 -21.67 -17.57 23.65
C PRO B 130 -20.24 -17.15 23.43
N GLU B 131 -19.48 -17.94 22.67
CA GLU B 131 -18.09 -17.66 22.37
C GLU B 131 -17.89 -17.71 20.86
N GLY B 132 -16.86 -17.03 20.40
CA GLY B 132 -16.57 -16.94 18.98
C GLY B 132 -17.17 -15.74 18.28
N GLY B 133 -17.58 -14.72 19.03
CA GLY B 133 -18.13 -13.51 18.44
C GLY B 133 -17.07 -12.49 18.13
N ILE B 134 -17.52 -11.27 17.86
CA ILE B 134 -16.67 -10.14 17.49
C ILE B 134 -16.89 -9.04 18.51
N LEU B 135 -15.79 -8.50 19.04
CA LEU B 135 -15.82 -7.42 20.03
C LEU B 135 -15.28 -6.15 19.38
N GLN B 136 -15.98 -5.03 19.59
CA GLN B 136 -15.61 -3.77 18.97
C GLN B 136 -15.87 -2.63 19.94
N ILE B 137 -15.23 -1.50 19.69
CA ILE B 137 -15.44 -0.28 20.44
C ILE B 137 -15.81 0.84 19.47
N GLY B 138 -16.82 1.62 19.83
CA GLY B 138 -17.21 2.76 19.03
C GLY B 138 -18.11 2.47 17.85
N GLN B 139 -18.48 1.21 17.63
CA GLN B 139 -19.31 0.85 16.49
C GLN B 139 -19.97 -0.49 16.78
N GLU B 140 -20.99 -0.81 15.99
CA GLU B 140 -21.75 -2.03 16.13
C GLU B 140 -21.42 -2.99 14.99
N LYS B 141 -21.64 -4.27 15.24
CA LYS B 141 -21.25 -5.30 14.29
C LYS B 141 -21.97 -5.12 12.97
N ASN B 142 -21.22 -5.18 11.87
CA ASN B 142 -21.75 -5.03 10.53
C ASN B 142 -20.60 -5.23 9.55
N GLY B 143 -20.93 -5.31 8.26
CA GLY B 143 -19.91 -5.46 7.25
C GLY B 143 -18.95 -4.28 7.25
N CYS B 144 -17.66 -4.58 7.13
CA CYS B 144 -16.61 -3.59 7.15
C CYS B 144 -15.71 -3.62 5.92
N CYS B 145 -15.37 -4.81 5.41
CA CYS B 145 -14.59 -4.91 4.20
C CYS B 145 -15.43 -4.69 2.94
N VAL B 146 -16.76 -4.66 3.07
CA VAL B 146 -17.62 -4.38 1.94
C VAL B 146 -17.34 -2.99 1.40
N GLY B 147 -16.79 -2.11 2.23
CA GLY B 147 -16.60 -0.72 1.89
C GLY B 147 -17.61 0.13 2.63
N GLY B 148 -17.18 0.76 3.72
CA GLY B 148 -18.14 1.38 4.60
C GLY B 148 -19.11 0.35 5.16
N GLY B 149 -20.39 0.67 5.09
CA GLY B 149 -21.41 -0.25 5.56
C GLY B 149 -21.93 0.12 6.94
N PHE B 150 -21.02 0.52 7.82
CA PHE B 150 -21.43 0.90 9.16
C PHE B 150 -22.37 2.09 9.12
N ASP B 151 -23.40 2.05 9.95
CA ASP B 151 -24.33 3.18 10.06
C ASP B 151 -23.66 4.32 10.82
N GLU B 152 -23.45 5.44 10.14
CA GLU B 152 -22.76 6.57 10.75
C GLU B 152 -23.53 7.14 11.93
N THR B 153 -24.83 6.87 12.02
CA THR B 153 -25.62 7.44 13.11
C THR B 153 -25.17 6.90 14.46
N LEU B 154 -24.86 5.61 14.53
CA LEU B 154 -24.52 4.96 15.80
C LEU B 154 -23.06 5.11 16.18
N ALA B 155 -22.21 5.63 15.29
CA ALA B 155 -20.79 5.70 15.59
C ALA B 155 -20.52 6.66 16.74
N PHE B 156 -19.24 6.73 17.12
CA PHE B 156 -18.80 7.47 18.30
C PHE B 156 -17.75 8.50 17.89
N SER B 157 -17.76 9.64 18.57
CA SER B 157 -16.77 10.69 18.34
C SER B 157 -16.31 11.23 19.70
N GLY B 158 -15.03 11.10 19.98
CA GLY B 158 -14.46 11.50 21.25
C GLY B 158 -13.21 10.69 21.54
N ARG B 159 -12.95 10.49 22.83
CA ARG B 159 -11.77 9.76 23.30
C ARG B 159 -12.18 8.65 24.25
N LEU B 160 -11.47 7.53 24.17
CA LEU B 160 -11.71 6.36 25.02
C LEU B 160 -10.39 5.87 25.59
N THR B 161 -10.45 5.34 26.81
CA THR B 161 -9.28 4.74 27.42
C THR B 161 -9.71 3.85 28.58
N GLY B 162 -8.80 2.99 29.01
CA GLY B 162 -9.05 2.15 30.18
C GLY B 162 -10.15 1.13 30.02
N PHE B 163 -10.19 0.44 28.90
CA PHE B 163 -11.21 -0.56 28.63
C PHE B 163 -10.78 -1.91 29.20
N ASN B 164 -11.43 -2.34 30.28
CA ASN B 164 -11.11 -3.59 30.95
C ASN B 164 -12.36 -4.43 31.10
N ILE B 165 -12.17 -5.75 31.04
CA ILE B 165 -13.24 -6.72 31.26
C ILE B 165 -12.73 -7.79 32.21
N TRP B 166 -13.50 -8.08 33.26
CA TRP B 166 -13.21 -9.16 34.18
C TRP B 166 -14.19 -10.31 33.95
N ASP B 167 -13.83 -11.48 34.48
CA ASP B 167 -14.67 -12.67 34.35
C ASP B 167 -15.59 -12.86 35.56
N SER B 168 -15.64 -11.89 36.46
CA SER B 168 -16.44 -12.02 37.67
C SER B 168 -16.99 -10.64 38.05
N VAL B 169 -17.99 -10.65 38.92
CA VAL B 169 -18.60 -9.41 39.39
C VAL B 169 -17.68 -8.80 40.45
N LEU B 170 -17.05 -7.67 40.11
CA LEU B 170 -16.19 -6.99 41.07
C LEU B 170 -16.99 -6.52 42.27
N SER B 171 -16.36 -6.57 43.44
CA SER B 171 -17.00 -6.08 44.65
C SER B 171 -17.06 -4.55 44.64
N ASN B 172 -17.79 -3.99 45.61
CA ASN B 172 -17.92 -2.55 45.68
C ASN B 172 -16.57 -1.88 45.88
N GLU B 173 -15.73 -2.45 46.74
CA GLU B 173 -14.42 -1.86 46.99
C GLU B 173 -13.59 -1.84 45.72
N GLU B 174 -13.59 -2.94 44.97
CA GLU B 174 -12.85 -2.98 43.71
C GLU B 174 -13.41 -1.97 42.71
N ILE B 175 -14.74 -1.82 42.67
CA ILE B 175 -15.33 -0.90 41.72
C ILE B 175 -14.95 0.54 42.03
N ARG B 176 -14.98 0.92 43.31
CA ARG B 176 -14.52 2.27 43.65
C ARG B 176 -13.03 2.43 43.43
N GLU B 177 -12.25 1.35 43.60
CA GLU B 177 -10.82 1.44 43.32
C GLU B 177 -10.55 1.70 41.84
N THR B 178 -11.30 1.04 40.96
CA THR B 178 -11.01 1.12 39.53
C THR B 178 -11.15 2.52 38.99
N GLY B 179 -11.99 3.34 39.60
CA GLY B 179 -12.19 4.72 39.18
C GLY B 179 -11.35 5.74 39.90
N GLY B 180 -10.34 5.30 40.67
CA GLY B 180 -9.54 6.21 41.46
C GLY B 180 -8.49 6.93 40.65
N ALA B 181 -7.70 7.73 41.35
CA ALA B 181 -6.63 8.50 40.72
C ALA B 181 -5.36 7.71 40.52
N GLU B 182 -5.30 6.47 41.00
CA GLU B 182 -4.15 5.58 40.83
C GLU B 182 -4.63 4.20 40.40
N SER B 183 -5.59 4.17 39.47
CA SER B 183 -6.26 2.95 39.08
C SER B 183 -5.88 2.43 37.71
N CYS B 184 -5.13 3.20 36.92
CA CYS B 184 -4.92 2.83 35.53
C CYS B 184 -4.02 1.61 35.39
N HIS B 185 -3.39 1.16 36.47
CA HIS B 185 -2.62 -0.08 36.46
C HIS B 185 -3.45 -1.29 36.85
N ILE B 186 -4.72 -1.10 37.20
CA ILE B 186 -5.63 -2.20 37.49
C ILE B 186 -6.29 -2.60 36.19
N ARG B 187 -5.87 -3.74 35.63
CA ARG B 187 -6.37 -4.21 34.35
C ARG B 187 -7.04 -5.57 34.53
N GLY B 188 -8.08 -5.80 33.73
CA GLY B 188 -8.83 -7.03 33.80
C GLY B 188 -8.13 -8.16 33.09
N ASN B 189 -8.70 -9.35 33.23
CA ASN B 189 -8.05 -10.56 32.70
C ASN B 189 -8.55 -10.93 31.31
N ILE B 190 -9.85 -10.89 31.07
CA ILE B 190 -10.38 -11.19 29.74
C ILE B 190 -9.87 -10.15 28.74
N VAL B 191 -9.93 -8.87 29.12
CA VAL B 191 -9.41 -7.77 28.32
C VAL B 191 -8.68 -6.81 29.26
N GLY B 192 -7.50 -6.40 28.88
CA GLY B 192 -6.72 -5.46 29.68
C GLY B 192 -6.16 -4.34 28.83
N TRP B 193 -6.20 -3.13 29.36
CA TRP B 193 -5.71 -1.97 28.65
C TRP B 193 -4.18 -1.98 28.65
N GLY B 194 -3.58 -1.97 27.47
CA GLY B 194 -2.14 -2.02 27.32
C GLY B 194 -1.57 -3.40 27.19
N VAL B 195 -2.38 -4.46 27.35
CA VAL B 195 -1.95 -5.83 27.20
C VAL B 195 -2.66 -6.51 26.05
N THR B 196 -3.96 -6.25 25.88
CA THR B 196 -4.75 -6.85 24.82
C THR B 196 -4.58 -6.07 23.53
N GLU B 197 -4.73 -6.76 22.41
CA GLU B 197 -4.58 -6.15 21.10
C GLU B 197 -5.83 -5.35 20.76
N ILE B 198 -5.65 -4.07 20.46
CA ILE B 198 -6.74 -3.20 20.03
C ILE B 198 -6.23 -2.36 18.87
N GLN B 199 -6.64 -2.70 17.66
CA GLN B 199 -6.15 -2.01 16.47
C GLN B 199 -7.21 -1.09 15.89
N PRO B 200 -7.06 0.22 15.95
CA PRO B 200 -8.07 1.12 15.37
C PRO B 200 -8.09 1.04 13.85
N HIS B 201 -9.25 1.35 13.29
CA HIS B 201 -9.47 1.29 11.85
C HIS B 201 -10.20 2.54 11.39
N GLY B 202 -10.00 2.88 10.12
CA GLY B 202 -10.84 3.85 9.44
C GLY B 202 -10.63 5.29 9.82
N GLY B 203 -9.61 5.61 10.62
CA GLY B 203 -9.36 6.99 10.99
C GLY B 203 -9.11 7.20 12.46
N ALA B 204 -9.36 6.17 13.27
CA ALA B 204 -9.04 6.25 14.69
C ALA B 204 -7.54 6.19 14.88
N GLN B 205 -7.04 6.89 15.90
CA GLN B 205 -5.61 7.07 16.09
C GLN B 205 -5.25 6.87 17.55
N TYR B 206 -4.11 6.23 17.79
CA TYR B 206 -3.51 6.24 19.12
C TYR B 206 -2.90 7.59 19.40
N VAL B 207 -3.07 8.08 20.63
CA VAL B 207 -2.50 9.35 21.05
C VAL B 207 -1.86 9.16 22.42
N SER B 208 -0.70 9.76 22.62
CA SER B 208 0.02 9.66 23.88
C SER B 208 0.25 11.03 24.50
N TRP C 1 7.86 11.93 29.54
CA TRP C 1 9.12 11.97 30.28
C TRP C 1 9.93 10.71 30.00
N LEU C 2 11.22 10.89 29.74
CA LEU C 2 12.13 9.81 29.41
C LEU C 2 13.38 9.94 30.25
N PRO C 3 14.12 8.85 30.44
CA PRO C 3 15.23 8.86 31.38
C PRO C 3 16.58 9.23 30.76
N ALA C 4 17.39 9.90 31.55
CA ALA C 4 18.77 10.25 31.24
C ALA C 4 18.89 11.29 30.13
N GLY C 5 17.78 11.85 29.66
CA GLY C 5 17.84 12.86 28.61
C GLY C 5 17.90 12.27 27.21
N CYS C 6 16.98 11.36 26.90
CA CYS C 6 16.82 10.82 25.56
C CYS C 6 15.53 11.36 24.96
N GLU C 7 15.59 11.79 23.70
CA GLU C 7 14.45 12.42 23.06
C GLU C 7 13.53 11.43 22.36
N THR C 8 13.91 10.15 22.24
CA THR C 8 13.10 9.19 21.52
C THR C 8 13.01 7.89 22.31
N ALA C 9 11.94 7.15 22.04
CA ALA C 9 11.72 5.82 22.61
C ALA C 9 10.92 5.03 21.60
N ILE C 10 10.61 3.78 21.96
CA ILE C 10 9.77 2.92 21.14
C ILE C 10 8.65 2.40 22.02
N LEU C 11 7.42 2.48 21.52
CA LEU C 11 6.24 2.09 22.28
C LEU C 11 5.71 0.77 21.77
N PHE C 12 5.44 -0.15 22.69
CA PHE C 12 4.75 -1.41 22.42
C PHE C 12 3.40 -1.34 23.11
N PRO C 13 2.35 -0.85 22.43
CA PRO C 13 1.07 -0.62 23.12
C PRO C 13 0.39 -1.89 23.59
N MET C 14 0.90 -3.06 23.24
CA MET C 14 0.17 -4.30 23.30
C MET C 14 1.09 -5.42 22.89
N ARG C 15 0.81 -6.62 23.37
CA ARG C 15 1.57 -7.81 22.99
C ARG C 15 0.69 -8.71 22.15
N SER C 16 1.12 -8.98 20.93
CA SER C 16 0.35 -9.73 19.96
C SER C 16 1.30 -10.65 19.21
N LYS C 17 0.83 -11.20 18.08
CA LYS C 17 1.61 -12.13 17.28
C LYS C 17 2.33 -11.44 16.12
N LYS C 18 2.44 -10.12 16.14
CA LYS C 18 3.08 -9.40 15.05
C LYS C 18 4.03 -8.29 15.49
N ILE C 19 4.05 -7.94 16.77
CA ILE C 19 4.75 -6.76 17.23
C ILE C 19 6.19 -7.12 17.57
N PHE C 20 7.13 -6.35 17.04
CA PHE C 20 8.56 -6.52 17.34
C PHE C 20 9.31 -5.40 16.63
N GLY C 21 10.61 -5.32 16.93
CA GLY C 21 11.49 -4.38 16.26
C GLY C 21 12.82 -5.02 15.92
N SER C 22 13.35 -4.73 14.73
CA SER C 22 14.55 -5.39 14.23
C SER C 22 15.70 -4.40 14.16
N VAL C 23 16.89 -4.87 14.50
CA VAL C 23 18.12 -4.07 14.52
C VAL C 23 19.02 -4.55 13.40
N HIS C 24 19.63 -3.61 12.69
CA HIS C 24 20.52 -3.90 11.57
C HIS C 24 21.89 -3.32 11.86
N PRO C 25 22.80 -4.08 12.47
CA PRO C 25 24.13 -3.56 12.75
C PRO C 25 24.92 -3.32 11.47
N VAL C 26 25.90 -2.42 11.57
CA VAL C 26 26.72 -2.08 10.42
C VAL C 26 27.93 -3.00 10.27
N ARG C 27 28.38 -3.63 11.34
CA ARG C 27 29.55 -4.49 11.33
C ARG C 27 29.19 -5.88 11.85
N PRO C 28 30.03 -6.89 11.58
CA PRO C 28 29.69 -8.25 11.97
C PRO C 28 29.49 -8.38 13.48
N MET C 29 28.62 -9.31 13.86
CA MET C 29 28.28 -9.56 15.24
C MET C 29 29.16 -10.64 15.88
N ARG C 30 30.20 -11.10 15.18
CA ARG C 30 31.13 -12.06 15.77
C ARG C 30 31.85 -11.40 16.94
N LEU C 31 31.71 -11.98 18.13
CA LEU C 31 32.20 -11.37 19.36
C LEU C 31 32.93 -12.38 20.22
N GLU C 32 33.99 -11.93 20.88
CA GLU C 32 34.66 -12.69 21.93
C GLU C 32 34.26 -12.22 23.32
N SER C 33 33.90 -10.96 23.47
CA SER C 33 33.31 -10.43 24.68
C SER C 33 32.42 -9.25 24.28
N PHE C 34 31.46 -8.92 25.13
CA PHE C 34 30.54 -7.85 24.80
C PHE C 34 29.89 -7.30 26.05
N SER C 35 29.27 -6.14 25.89
CA SER C 35 28.41 -5.52 26.89
C SER C 35 27.21 -4.94 26.18
N ALA C 36 26.07 -4.88 26.86
CA ALA C 36 24.84 -4.44 26.21
C ALA C 36 23.87 -3.90 27.25
N CYS C 37 23.53 -2.61 27.16
CA CYS C 37 22.63 -1.98 28.12
C CYS C 37 21.40 -1.42 27.43
N ILE C 38 20.35 -1.20 28.24
CA ILE C 38 19.05 -0.77 27.73
C ILE C 38 18.25 -0.18 28.89
N TRP C 39 17.27 0.65 28.55
CA TRP C 39 16.28 1.19 29.49
C TRP C 39 14.94 0.50 29.23
N VAL C 40 14.25 0.10 30.30
CA VAL C 40 12.96 -0.55 30.18
C VAL C 40 11.96 0.10 31.14
N LYS C 41 10.69 0.07 30.74
CA LYS C 41 9.56 0.45 31.59
C LYS C 41 8.44 -0.52 31.26
N ALA C 42 8.33 -1.59 32.05
CA ALA C 42 7.43 -2.68 31.72
C ALA C 42 6.02 -2.41 32.25
N THR C 43 5.03 -2.78 31.44
CA THR C 43 3.62 -2.65 31.82
C THR C 43 3.10 -3.90 32.51
N ASP C 44 3.42 -5.08 31.96
CA ASP C 44 3.00 -6.34 32.56
C ASP C 44 4.07 -7.39 32.25
N VAL C 45 4.65 -7.96 33.31
CA VAL C 45 5.69 -8.97 33.18
C VAL C 45 5.05 -10.34 33.37
N LEU C 46 5.41 -11.28 32.51
CA LEU C 46 4.79 -12.59 32.46
C LEU C 46 5.84 -13.65 32.80
N ASN C 47 5.51 -14.91 32.55
CA ASN C 47 6.42 -16.01 32.83
C ASN C 47 7.76 -15.83 32.13
N LYS C 48 7.77 -15.18 30.97
CA LYS C 48 9.01 -14.92 30.24
C LYS C 48 8.74 -13.81 29.23
N THR C 49 9.37 -12.65 29.42
CA THR C 49 9.15 -11.48 28.59
C THR C 49 10.47 -11.07 27.95
N ILE C 50 10.57 -11.25 26.64
CA ILE C 50 11.82 -11.03 25.93
C ILE C 50 12.07 -9.53 25.79
N LEU C 51 13.29 -9.10 26.14
CA LEU C 51 13.71 -7.72 25.89
C LEU C 51 14.44 -7.62 24.56
N PHE C 52 15.55 -8.35 24.42
CA PHE C 52 16.24 -8.46 23.15
C PHE C 52 16.83 -9.85 23.02
N SER C 53 16.99 -10.31 21.78
CA SER C 53 17.41 -11.68 21.53
C SER C 53 18.23 -11.72 20.25
N TYR C 54 19.37 -12.39 20.30
CA TYR C 54 20.21 -12.63 19.13
C TYR C 54 20.31 -14.13 18.91
N GLY C 55 20.04 -14.58 17.69
CA GLY C 55 20.10 -15.99 17.40
C GLY C 55 20.37 -16.24 15.93
N THR C 56 21.01 -17.37 15.65
CA THR C 56 21.34 -17.79 14.30
C THR C 56 20.40 -18.92 13.88
N LYS C 57 20.65 -19.44 12.68
CA LYS C 57 19.81 -20.52 12.14
C LYS C 57 19.95 -21.79 12.96
N ARG C 58 21.19 -22.21 13.25
CA ARG C 58 21.38 -23.44 14.02
C ARG C 58 20.99 -23.26 15.48
N ASN C 59 21.44 -22.16 16.09
CA ASN C 59 21.23 -21.91 17.52
C ASN C 59 20.42 -20.63 17.70
N PRO C 60 19.13 -20.73 18.04
CA PRO C 60 18.32 -19.51 18.23
C PRO C 60 18.48 -18.85 19.59
N TYR C 61 19.38 -19.33 20.45
CA TYR C 61 19.52 -18.86 21.81
C TYR C 61 20.95 -18.39 22.07
N GLU C 62 21.53 -17.68 21.12
CA GLU C 62 22.91 -17.23 21.28
C GLU C 62 23.03 -16.24 22.44
N ILE C 63 22.19 -15.22 22.46
CA ILE C 63 22.18 -14.23 23.54
C ILE C 63 20.73 -13.83 23.77
N GLN C 64 20.33 -13.80 25.04
CA GLN C 64 18.99 -13.35 25.39
C GLN C 64 18.99 -12.70 26.76
N LEU C 65 18.26 -11.59 26.87
CA LEU C 65 17.93 -10.96 28.14
C LEU C 65 16.41 -10.88 28.23
N TYR C 66 15.85 -11.37 29.32
CA TYR C 66 14.40 -11.34 29.48
C TYR C 66 14.05 -11.28 30.96
N LEU C 67 12.79 -10.93 31.23
CA LEU C 67 12.28 -10.77 32.58
C LEU C 67 11.32 -11.91 32.91
N SER C 68 11.46 -12.47 34.11
CA SER C 68 10.59 -13.55 34.59
C SER C 68 10.02 -13.13 35.94
N TYR C 69 8.80 -12.62 35.93
CA TYR C 69 8.16 -12.09 37.15
C TYR C 69 9.09 -11.01 37.71
N GLN C 70 9.55 -11.11 38.95
CA GLN C 70 10.40 -10.09 39.54
C GLN C 70 11.89 -10.44 39.42
N SER C 71 12.36 -11.15 38.38
CA SER C 71 13.72 -11.63 38.24
C SER C 71 14.25 -11.21 36.90
N ILE C 72 15.56 -11.24 36.64
CA ILE C 72 16.16 -10.94 35.34
C ILE C 72 17.05 -12.10 34.96
N VAL C 73 16.83 -12.74 33.83
CA VAL C 73 17.58 -13.88 33.35
C VAL C 73 18.40 -13.46 32.14
N PHE C 74 19.70 -13.75 32.19
CA PHE C 74 20.64 -13.41 31.13
C PHE C 74 21.23 -14.70 30.59
N VAL C 75 21.09 -14.92 29.29
CA VAL C 75 21.43 -16.19 28.65
C VAL C 75 22.48 -15.94 27.58
N VAL C 76 23.57 -16.71 27.62
CA VAL C 76 24.62 -16.66 26.62
C VAL C 76 24.94 -18.09 26.21
N GLY C 77 24.98 -18.33 24.91
CA GLY C 77 25.36 -19.65 24.38
C GLY C 77 24.22 -20.63 24.21
N GLY C 78 23.38 -20.77 25.23
CA GLY C 78 22.28 -21.71 25.16
C GLY C 78 21.43 -21.61 26.40
N GLU C 79 20.33 -22.37 26.40
CA GLU C 79 19.40 -22.31 27.52
C GLU C 79 20.01 -22.84 28.80
N GLU C 80 20.89 -23.84 28.70
CA GLU C 80 21.49 -24.42 29.90
C GLU C 80 22.31 -23.39 30.67
N ASN C 81 22.86 -22.38 29.99
CA ASN C 81 23.67 -21.35 30.61
C ASN C 81 22.81 -20.13 30.85
N LYS C 82 22.68 -19.71 32.11
CA LYS C 82 21.88 -18.55 32.42
C LYS C 82 22.29 -17.98 33.78
N LEU C 83 22.19 -16.67 33.91
CA LEU C 83 22.45 -15.94 35.15
C LEU C 83 21.16 -15.25 35.57
N VAL C 84 20.76 -15.45 36.83
CA VAL C 84 19.49 -14.98 37.30
C VAL C 84 19.66 -14.05 38.46
N ALA C 85 19.42 -12.74 38.26
CA ALA C 85 19.44 -11.78 39.35
C ALA C 85 18.02 -11.95 39.80
N GLU C 86 17.73 -11.65 41.08
CA GLU C 86 16.43 -11.91 41.64
C GLU C 86 15.88 -10.74 42.45
N ALA C 87 14.57 -10.52 42.41
CA ALA C 87 13.88 -9.46 43.14
C ALA C 87 14.23 -8.05 42.74
N MET C 88 14.70 -7.81 41.50
CA MET C 88 15.20 -6.49 41.13
C MET C 88 14.56 -5.97 39.84
N VAL C 89 13.24 -6.07 39.73
CA VAL C 89 12.50 -5.42 38.64
C VAL C 89 11.11 -5.05 39.14
N SER C 90 10.60 -3.93 38.65
CA SER C 90 9.28 -3.44 38.98
C SER C 90 8.50 -3.20 37.69
N LEU C 91 7.31 -2.63 37.84
CA LEU C 91 6.44 -2.31 36.70
C LEU C 91 6.13 -0.82 36.70
N GLY C 92 6.17 -0.22 35.52
CA GLY C 92 5.84 1.19 35.40
C GLY C 92 6.87 2.15 35.91
N ARG C 93 8.13 1.71 36.02
CA ARG C 93 9.22 2.57 36.47
C ARG C 93 10.43 2.32 35.58
N TRP C 94 11.06 3.38 35.11
CA TRP C 94 12.24 3.24 34.28
C TRP C 94 13.37 2.61 35.07
N THR C 95 14.05 1.64 34.48
CA THR C 95 15.15 0.95 35.13
C THR C 95 16.20 0.61 34.09
N HIS C 96 17.47 0.70 34.51
CA HIS C 96 18.61 0.43 33.64
C HIS C 96 19.17 -0.95 33.97
N LEU C 97 19.46 -1.74 32.93
CA LEU C 97 19.95 -3.07 33.04
C LEU C 97 21.13 -3.28 32.13
N CYS C 98 22.34 -3.55 32.66
CA CYS C 98 23.51 -3.86 31.83
C CYS C 98 24.02 -5.25 32.15
N GLY C 99 24.79 -5.90 31.26
CA GLY C 99 25.47 -7.17 31.58
C GLY C 99 26.72 -7.52 30.78
N THR C 100 27.90 -7.96 31.37
CA THR C 100 29.02 -8.19 30.48
C THR C 100 29.31 -9.68 30.36
N TRP C 101 30.07 -10.03 29.32
CA TRP C 101 30.46 -11.42 29.10
C TRP C 101 31.88 -11.47 28.55
N ASN C 102 32.66 -12.41 29.06
CA ASN C 102 34.02 -12.67 28.59
C ASN C 102 34.15 -14.15 28.26
N SER C 103 34.57 -14.45 27.04
CA SER C 103 34.72 -15.85 26.63
C SER C 103 36.02 -16.47 27.11
N GLU C 104 36.98 -15.67 27.57
CA GLU C 104 38.27 -16.22 27.98
C GLU C 104 38.12 -17.13 29.18
N GLU C 105 37.30 -16.74 30.16
CA GLU C 105 37.06 -17.54 31.34
C GLU C 105 35.59 -17.63 31.71
N GLY C 106 34.69 -17.13 30.86
CA GLY C 106 33.28 -17.19 31.13
C GLY C 106 32.82 -16.34 32.29
N LEU C 107 33.34 -15.13 32.42
CA LEU C 107 32.85 -14.18 33.42
C LEU C 107 31.60 -13.48 32.90
N THR C 108 30.50 -13.60 33.62
CA THR C 108 29.26 -12.91 33.31
C THR C 108 28.80 -12.14 34.53
N SER C 109 28.09 -11.05 34.28
CA SER C 109 27.61 -10.21 35.37
C SER C 109 26.26 -9.60 34.98
N LEU C 110 25.61 -9.00 35.97
CA LEU C 110 24.39 -8.24 35.75
C LEU C 110 24.36 -7.07 36.70
N TRP C 111 24.10 -5.88 36.16
CA TRP C 111 23.98 -4.66 36.94
C TRP C 111 22.58 -4.10 36.75
N VAL C 112 21.94 -3.69 37.83
CA VAL C 112 20.62 -3.09 37.80
C VAL C 112 20.70 -1.74 38.49
N ASN C 113 20.39 -0.68 37.74
CA ASN C 113 20.46 0.68 38.26
C ASN C 113 21.86 0.97 38.81
N GLY C 114 22.88 0.49 38.10
CA GLY C 114 24.26 0.81 38.44
C GLY C 114 24.86 -0.02 39.54
N GLU C 115 24.14 -1.01 40.08
CA GLU C 115 24.62 -1.84 41.17
C GLU C 115 24.68 -3.29 40.70
N LEU C 116 25.81 -3.95 40.93
CA LEU C 116 25.96 -5.34 40.53
C LEU C 116 24.93 -6.21 41.24
N ALA C 117 24.26 -7.07 40.48
CA ALA C 117 23.20 -7.93 41.00
C ALA C 117 23.50 -9.41 40.91
N ALA C 118 24.40 -9.83 40.02
CA ALA C 118 24.72 -11.25 39.89
C ALA C 118 26.10 -11.38 39.26
N THR C 119 26.70 -12.54 39.44
CA THR C 119 27.98 -12.83 38.82
C THR C 119 28.20 -14.34 38.82
N THR C 120 28.90 -14.82 37.80
CA THR C 120 29.15 -16.25 37.65
C THR C 120 30.48 -16.44 36.94
N VAL C 121 30.98 -17.68 36.94
CA VAL C 121 32.25 -18.03 36.33
C VAL C 121 32.07 -19.34 35.58
N GLU C 122 32.96 -19.57 34.61
CA GLU C 122 32.93 -20.77 33.77
C GLU C 122 31.58 -20.92 33.07
N MET C 123 31.11 -19.83 32.47
CA MET C 123 29.88 -19.83 31.68
C MET C 123 30.26 -19.70 30.21
N ALA C 124 29.96 -20.74 29.42
CA ALA C 124 30.25 -20.75 28.00
C ALA C 124 31.71 -20.42 27.73
N THR C 125 32.60 -21.04 28.51
CA THR C 125 34.03 -20.82 28.35
C THR C 125 34.49 -21.31 26.98
N GLY C 126 35.27 -20.49 26.30
CA GLY C 126 35.79 -20.84 24.99
C GLY C 126 34.80 -20.68 23.85
N HIS C 127 33.58 -20.24 24.14
CA HIS C 127 32.56 -20.08 23.12
C HIS C 127 32.78 -18.78 22.34
N ILE C 128 32.39 -18.81 21.07
CA ILE C 128 32.43 -17.64 20.20
C ILE C 128 31.05 -17.44 19.62
N VAL C 129 30.54 -16.22 19.70
CA VAL C 129 29.22 -15.91 19.14
C VAL C 129 29.36 -15.85 17.62
N PRO C 130 28.63 -16.68 16.86
CA PRO C 130 28.77 -16.64 15.40
C PRO C 130 28.26 -15.35 14.80
N GLU C 131 28.33 -15.22 13.48
CA GLU C 131 27.91 -14.03 12.77
C GLU C 131 26.92 -14.40 11.68
N GLY C 132 26.13 -13.41 11.26
CA GLY C 132 25.10 -13.65 10.27
C GLY C 132 23.74 -14.00 10.84
N GLY C 133 23.50 -13.73 12.13
CA GLY C 133 22.22 -13.98 12.75
C GLY C 133 21.27 -12.80 12.62
N ILE C 134 20.19 -12.88 13.40
CA ILE C 134 19.15 -11.87 13.40
C ILE C 134 19.03 -11.32 14.81
N LEU C 135 19.01 -9.99 14.92
CA LEU C 135 18.90 -9.30 16.21
C LEU C 135 17.54 -8.62 16.27
N GLN C 136 16.85 -8.76 17.40
CA GLN C 136 15.51 -8.23 17.58
C GLN C 136 15.35 -7.71 19.00
N ILE C 137 14.34 -6.86 19.17
CA ILE C 137 13.96 -6.37 20.49
C ILE C 137 12.48 -6.67 20.71
N GLY C 138 12.16 -7.24 21.86
CA GLY C 138 10.80 -7.51 22.25
C GLY C 138 10.21 -8.80 21.74
N GLN C 139 10.99 -9.66 21.09
CA GLN C 139 10.46 -10.91 20.55
C GLN C 139 11.63 -11.83 20.23
N GLU C 140 11.31 -13.10 19.98
CA GLU C 140 12.30 -14.07 19.54
C GLU C 140 12.31 -14.16 18.02
N LYS C 141 13.05 -15.15 17.50
CA LYS C 141 13.51 -15.09 16.11
C LYS C 141 12.43 -15.51 15.13
N ASN C 142 11.96 -16.75 15.21
CA ASN C 142 11.16 -17.33 14.14
C ASN C 142 9.68 -17.02 14.32
N GLY C 143 9.00 -16.84 13.19
CA GLY C 143 7.57 -16.62 13.22
C GLY C 143 7.08 -15.50 12.31
N CYS C 144 7.94 -14.95 11.47
CA CYS C 144 7.53 -13.90 10.55
C CYS C 144 6.99 -14.50 9.26
N CYS C 145 6.27 -13.67 8.50
CA CYS C 145 5.64 -14.04 7.23
C CYS C 145 4.89 -15.36 7.30
N VAL C 146 4.33 -15.70 8.46
CA VAL C 146 3.51 -16.88 8.65
C VAL C 146 2.06 -16.58 9.02
N GLY C 147 1.62 -15.33 8.88
CA GLY C 147 0.31 -14.95 9.35
C GLY C 147 0.29 -14.86 10.87
N GLY C 148 1.13 -13.99 11.42
CA GLY C 148 1.36 -13.96 12.85
C GLY C 148 2.64 -14.68 13.22
N GLY C 149 2.50 -15.91 13.69
CA GLY C 149 3.66 -16.75 13.96
C GLY C 149 4.30 -16.57 15.32
N PHE C 150 4.67 -15.34 15.66
CA PHE C 150 5.34 -15.09 16.93
C PHE C 150 4.44 -15.52 18.10
N ASP C 151 5.07 -16.12 19.11
CA ASP C 151 4.34 -16.53 20.31
C ASP C 151 3.86 -15.29 21.05
N GLU C 152 2.54 -15.15 21.16
CA GLU C 152 1.97 -13.98 21.83
C GLU C 152 2.35 -13.90 23.30
N THR C 153 2.78 -15.01 23.89
CA THR C 153 3.06 -15.03 25.33
C THR C 153 4.39 -14.37 25.65
N LEU C 154 5.40 -14.52 24.79
CA LEU C 154 6.75 -14.05 25.07
C LEU C 154 6.96 -12.57 24.71
N ALA C 155 6.02 -11.94 24.02
CA ALA C 155 6.21 -10.59 23.55
C ALA C 155 6.30 -9.61 24.72
N PHE C 156 6.57 -8.35 24.39
CA PHE C 156 6.83 -7.30 25.37
C PHE C 156 5.82 -6.18 25.19
N SER C 157 5.46 -5.55 26.31
CA SER C 157 4.56 -4.40 26.30
C SER C 157 5.09 -3.34 27.25
N GLY C 158 5.39 -2.18 26.72
CA GLY C 158 5.98 -1.10 27.49
C GLY C 158 6.79 -0.19 26.57
N ARG C 159 7.82 0.42 27.15
CA ARG C 159 8.69 1.36 26.43
C ARG C 159 10.15 0.94 26.57
N LEU C 160 10.92 1.15 25.50
CA LEU C 160 12.34 0.84 25.48
C LEU C 160 13.11 2.02 24.92
N THR C 161 14.33 2.21 25.42
CA THR C 161 15.21 3.24 24.89
C THR C 161 16.64 2.96 25.33
N GLY C 162 17.58 3.59 24.65
CA GLY C 162 18.98 3.50 25.00
C GLY C 162 19.62 2.13 24.84
N PHE C 163 19.34 1.45 23.73
CA PHE C 163 19.87 0.12 23.47
C PHE C 163 21.24 0.23 22.82
N ASN C 164 22.29 -0.10 23.57
CA ASN C 164 23.66 -0.02 23.10
C ASN C 164 24.35 -1.35 23.32
N ILE C 165 25.29 -1.66 22.42
CA ILE C 165 26.13 -2.85 22.52
C ILE C 165 27.56 -2.45 22.23
N TRP C 166 28.48 -2.86 23.11
CA TRP C 166 29.90 -2.65 22.92
C TRP C 166 30.57 -3.98 22.58
N ASP C 167 31.79 -3.89 22.05
CA ASP C 167 32.55 -5.08 21.67
C ASP C 167 33.51 -5.52 22.77
N SER C 168 33.42 -4.92 23.95
CA SER C 168 34.33 -5.23 25.05
C SER C 168 33.58 -5.10 26.36
N VAL C 169 34.16 -5.67 27.42
CA VAL C 169 33.58 -5.60 28.75
C VAL C 169 33.87 -4.22 29.33
N LEU C 170 32.83 -3.41 29.49
CA LEU C 170 33.00 -2.08 30.07
C LEU C 170 33.47 -2.19 31.51
N SER C 171 34.31 -1.24 31.92
CA SER C 171 34.78 -1.21 33.29
C SER C 171 33.66 -0.72 34.21
N ASN C 172 33.90 -0.83 35.53
CA ASN C 172 32.90 -0.42 36.50
C ASN C 172 32.57 1.06 36.36
N GLU C 173 33.59 1.89 36.14
CA GLU C 173 33.35 3.33 36.01
C GLU C 173 32.47 3.62 34.80
N GLU C 174 32.75 2.96 33.66
CA GLU C 174 31.94 3.15 32.48
C GLU C 174 30.51 2.67 32.72
N ILE C 175 30.35 1.55 33.43
CA ILE C 175 29.02 1.02 33.67
C ILE C 175 28.19 1.96 34.53
N ARG C 176 28.79 2.51 35.59
CA ARG C 176 28.05 3.50 36.38
C ARG C 176 27.81 4.79 35.60
N GLU C 177 28.72 5.15 34.68
CA GLU C 177 28.48 6.33 33.86
C GLU C 177 27.29 6.14 32.94
N THR C 178 27.15 4.95 32.35
CA THR C 178 26.11 4.73 31.34
C THR C 178 24.70 4.86 31.90
N GLY C 179 24.52 4.65 33.20
CA GLY C 179 23.20 4.79 33.80
C GLY C 179 22.98 6.12 34.46
N GLY C 180 23.83 7.10 34.14
CA GLY C 180 23.77 8.40 34.78
C GLY C 180 22.68 9.28 34.20
N ALA C 181 22.63 10.51 34.71
CA ALA C 181 21.65 11.49 34.28
C ALA C 181 22.09 12.25 33.03
N GLU C 182 23.30 12.00 32.53
CA GLU C 182 23.81 12.62 31.32
C GLU C 182 24.48 11.57 30.45
N SER C 183 23.87 10.39 30.36
CA SER C 183 24.47 9.24 29.70
C SER C 183 23.88 8.95 28.33
N CYS C 184 22.85 9.69 27.90
CA CYS C 184 22.18 9.34 26.67
C CYS C 184 23.02 9.61 25.43
N HIS C 185 24.14 10.32 25.58
CA HIS C 185 25.07 10.55 24.48
C HIS C 185 26.20 9.51 24.45
N ILE C 186 26.23 8.58 25.40
CA ILE C 186 27.22 7.52 25.41
C ILE C 186 26.61 6.33 24.67
N ARG C 187 27.05 6.11 23.43
CA ARG C 187 26.52 5.06 22.58
C ARG C 187 27.62 4.07 22.22
N GLY C 188 27.23 2.81 22.09
CA GLY C 188 28.17 1.76 21.77
C GLY C 188 28.51 1.72 20.31
N ASN C 189 29.46 0.85 19.96
CA ASN C 189 29.98 0.81 18.60
C ASN C 189 29.29 -0.24 17.74
N ILE C 190 29.08 -1.46 18.26
CA ILE C 190 28.36 -2.47 17.48
C ILE C 190 26.94 -2.02 17.21
N VAL C 191 26.27 -1.49 18.24
CA VAL C 191 24.93 -0.93 18.12
C VAL C 191 24.90 0.36 18.93
N GLY C 192 24.33 1.40 18.36
CA GLY C 192 24.21 2.68 19.04
C GLY C 192 22.83 3.26 18.87
N TRP C 193 22.31 3.85 19.94
CA TRP C 193 20.98 4.43 19.92
C TRP C 193 21.01 5.76 19.17
N GLY C 194 20.20 5.86 18.12
CA GLY C 194 20.17 7.04 17.29
C GLY C 194 21.09 7.02 16.11
N VAL C 195 21.96 6.00 16.00
CA VAL C 195 22.85 5.84 14.87
C VAL C 195 22.55 4.57 14.08
N THR C 196 22.23 3.49 14.77
CA THR C 196 21.93 2.22 14.12
C THR C 196 20.48 2.19 13.68
N GLU C 197 20.21 1.40 12.64
CA GLU C 197 18.86 1.29 12.09
C GLU C 197 18.04 0.36 12.96
N ILE C 198 16.91 0.85 13.46
CA ILE C 198 15.97 0.07 14.24
C ILE C 198 14.56 0.39 13.75
N GLN C 199 13.97 -0.48 12.94
CA GLN C 199 12.67 -0.22 12.36
C GLN C 199 11.60 -1.06 13.05
N PRO C 200 10.67 -0.45 13.79
CA PRO C 200 9.61 -1.24 14.43
C PRO C 200 8.62 -1.81 13.42
N HIS C 201 8.00 -2.91 13.82
CA HIS C 201 7.04 -3.63 12.99
C HIS C 201 5.82 -4.00 13.80
N GLY C 202 4.70 -4.16 13.10
CA GLY C 202 3.53 -4.80 13.68
C GLY C 202 2.72 -3.98 14.64
N GLY C 203 3.06 -2.70 14.84
CA GLY C 203 2.30 -1.87 15.74
C GLY C 203 3.16 -1.07 16.70
N ALA C 204 4.46 -1.34 16.72
CA ALA C 204 5.37 -0.54 17.52
C ALA C 204 5.58 0.82 16.87
N GLN C 205 5.79 1.84 17.70
CA GLN C 205 5.78 3.21 17.25
C GLN C 205 6.94 3.98 17.87
N TYR C 206 7.57 4.84 17.07
CA TYR C 206 8.49 5.83 17.62
C TYR C 206 7.71 6.94 18.29
N VAL C 207 8.19 7.39 19.44
CA VAL C 207 7.56 8.47 20.19
C VAL C 207 8.65 9.45 20.63
N SER C 208 8.35 10.74 20.55
CA SER C 208 9.29 11.78 20.93
C SER C 208 8.75 12.59 22.10
N TRP D 1 11.95 21.23 22.09
CA TRP D 1 12.37 22.61 21.90
C TRP D 1 12.93 22.82 20.50
N LEU D 2 12.61 23.96 19.90
CA LEU D 2 13.01 24.31 18.56
C LEU D 2 13.96 25.51 18.59
N PRO D 3 14.79 25.69 17.55
CA PRO D 3 15.95 26.57 17.69
C PRO D 3 15.64 28.02 18.05
N ALA D 4 14.93 28.75 17.19
CA ALA D 4 14.66 30.17 17.46
C ALA D 4 13.17 30.48 17.59
N GLY D 5 12.38 30.23 16.55
CA GLY D 5 10.95 30.45 16.61
C GLY D 5 10.20 29.47 15.74
N CYS D 6 10.90 28.48 15.20
CA CYS D 6 10.29 27.53 14.29
C CYS D 6 9.46 26.51 15.07
N GLU D 7 8.44 25.99 14.40
CA GLU D 7 7.48 25.10 15.03
C GLU D 7 7.37 23.75 14.34
N THR D 8 8.18 23.49 13.32
CA THR D 8 8.28 22.18 12.70
C THR D 8 9.74 21.88 12.41
N ALA D 9 10.06 20.59 12.35
CA ALA D 9 11.40 20.12 12.03
C ALA D 9 11.28 18.79 11.33
N ILE D 10 12.42 18.23 10.95
CA ILE D 10 12.49 16.91 10.35
C ILE D 10 13.45 16.07 11.16
N LEU D 11 13.05 14.86 11.51
CA LEU D 11 13.83 13.98 12.36
C LEU D 11 14.45 12.86 11.52
N PHE D 12 15.76 12.68 11.67
CA PHE D 12 16.49 11.56 11.11
C PHE D 12 16.92 10.68 12.28
N PRO D 13 16.13 9.68 12.66
CA PRO D 13 16.44 8.91 13.87
C PRO D 13 17.63 7.97 13.71
N MET D 14 18.23 7.90 12.54
CA MET D 14 19.16 6.84 12.21
C MET D 14 19.70 7.12 10.82
N ARG D 15 20.91 6.61 10.55
CA ARG D 15 21.49 6.68 9.23
C ARG D 15 21.51 5.29 8.62
N SER D 16 20.87 5.15 7.46
CA SER D 16 20.74 3.88 6.78
C SER D 16 20.92 4.12 5.29
N LYS D 17 20.54 3.14 4.48
CA LYS D 17 20.67 3.23 3.03
C LYS D 17 19.39 3.69 2.35
N LYS D 18 18.45 4.26 3.10
CA LYS D 18 17.18 4.69 2.53
C LYS D 18 16.73 6.07 2.99
N ILE D 19 17.34 6.67 3.99
CA ILE D 19 16.80 7.85 4.64
C ILE D 19 17.32 9.09 3.93
N PHE D 20 16.41 9.99 3.58
CA PHE D 20 16.75 11.28 2.98
C PHE D 20 15.46 12.07 2.81
N GLY D 21 15.61 13.33 2.41
CA GLY D 21 14.49 14.18 2.10
C GLY D 21 14.73 15.00 0.85
N SER D 22 13.72 15.10 -0.02
CA SER D 22 13.87 15.74 -1.32
C SER D 22 13.13 17.07 -1.34
N VAL D 23 13.72 18.06 -2.00
CA VAL D 23 13.17 19.40 -2.11
C VAL D 23 12.76 19.63 -3.56
N HIS D 24 11.59 20.24 -3.75
CA HIS D 24 11.05 20.53 -5.08
C HIS D 24 10.85 22.03 -5.22
N PRO D 25 11.85 22.76 -5.73
CA PRO D 25 11.70 24.20 -5.90
C PRO D 25 10.65 24.53 -6.95
N VAL D 26 10.06 25.73 -6.80
CA VAL D 26 9.03 26.16 -7.73
C VAL D 26 9.65 26.74 -9.00
N ARG D 27 10.76 27.47 -8.86
CA ARG D 27 11.41 28.14 -9.97
C ARG D 27 12.76 27.50 -10.28
N PRO D 28 13.33 27.80 -11.46
CA PRO D 28 14.59 27.16 -11.84
C PRO D 28 15.71 27.47 -10.87
N MET D 29 16.65 26.53 -10.76
CA MET D 29 17.78 26.64 -9.86
C MET D 29 19.00 27.26 -10.53
N ARG D 30 18.88 27.74 -11.76
CA ARG D 30 19.99 28.42 -12.42
C ARG D 30 20.34 29.68 -11.65
N LEU D 31 21.59 29.79 -11.22
CA LEU D 31 22.01 30.89 -10.35
C LEU D 31 23.39 31.36 -10.76
N GLU D 32 23.63 32.67 -10.55
CA GLU D 32 24.98 33.23 -10.63
C GLU D 32 25.52 33.63 -9.27
N SER D 33 24.65 33.83 -8.28
CA SER D 33 25.04 34.00 -6.90
C SER D 33 23.89 33.55 -6.04
N PHE D 34 24.20 33.08 -4.82
CA PHE D 34 23.16 32.55 -3.96
C PHE D 34 23.61 32.62 -2.51
N SER D 35 22.65 32.47 -1.61
CA SER D 35 22.88 32.34 -0.19
C SER D 35 21.97 31.24 0.35
N ALA D 36 22.44 30.53 1.37
CA ALA D 36 21.69 29.41 1.93
C ALA D 36 22.02 29.25 3.39
N CYS D 37 21.00 29.26 4.25
CA CYS D 37 21.16 29.03 5.68
C CYS D 37 20.40 27.77 6.09
N ILE D 38 20.68 27.30 7.29
CA ILE D 38 19.98 26.13 7.85
C ILE D 38 20.25 26.03 9.34
N TRP D 39 19.32 25.41 10.07
CA TRP D 39 19.49 25.05 11.47
C TRP D 39 19.77 23.56 11.57
N VAL D 40 20.75 23.18 12.37
CA VAL D 40 21.17 21.78 12.47
C VAL D 40 21.46 21.44 13.93
N LYS D 41 21.12 20.21 14.32
CA LYS D 41 21.48 19.67 15.64
C LYS D 41 21.92 18.22 15.40
N ALA D 42 23.22 18.00 15.38
CA ALA D 42 23.78 16.71 14.97
C ALA D 42 23.93 15.78 16.15
N THR D 43 23.63 14.49 15.91
CA THR D 43 23.77 13.46 16.93
C THR D 43 25.14 12.81 16.90
N ASP D 44 25.63 12.47 15.71
CA ASP D 44 26.95 11.88 15.54
C ASP D 44 27.52 12.33 14.21
N VAL D 45 28.68 12.96 14.25
CA VAL D 45 29.34 13.47 13.05
C VAL D 45 30.47 12.51 12.68
N LEU D 46 30.57 12.19 11.41
CA LEU D 46 31.49 11.19 10.91
C LEU D 46 32.50 11.87 9.98
N ASN D 47 33.25 11.04 9.24
CA ASN D 47 34.25 11.56 8.31
C ASN D 47 33.66 12.54 7.31
N LYS D 48 32.39 12.36 6.95
CA LYS D 48 31.71 13.26 6.02
C LYS D 48 30.21 13.06 6.17
N THR D 49 29.51 14.09 6.65
CA THR D 49 28.07 14.02 6.92
C THR D 49 27.37 15.07 6.09
N ILE D 50 26.60 14.62 5.08
CA ILE D 50 25.96 15.55 4.15
C ILE D 50 24.78 16.23 4.83
N LEU D 51 24.73 17.55 4.72
CA LEU D 51 23.57 18.31 5.17
C LEU D 51 22.59 18.53 4.03
N PHE D 52 23.04 19.20 2.97
CA PHE D 52 22.25 19.32 1.75
C PHE D 52 23.19 19.30 0.55
N SER D 53 22.67 18.85 -0.59
CA SER D 53 23.50 18.64 -1.76
C SER D 53 22.67 18.89 -3.01
N TYR D 54 23.22 19.68 -3.94
CA TYR D 54 22.60 19.91 -5.23
C TYR D 54 23.55 19.41 -6.32
N GLY D 55 23.04 18.58 -7.21
CA GLY D 55 23.87 18.04 -8.27
C GLY D 55 23.05 17.68 -9.49
N THR D 56 23.68 17.77 -10.65
CA THR D 56 23.07 17.44 -11.92
C THR D 56 23.59 16.09 -12.40
N LYS D 57 23.15 15.70 -13.60
CA LYS D 57 23.55 14.42 -14.15
C LYS D 57 25.03 14.39 -14.49
N ARG D 58 25.56 15.46 -15.07
CA ARG D 58 26.97 15.50 -15.45
C ARG D 58 27.89 15.80 -14.28
N ASN D 59 27.38 16.37 -13.20
CA ASN D 59 28.21 16.86 -12.09
C ASN D 59 27.41 16.75 -10.80
N PRO D 60 27.60 15.68 -10.03
CA PRO D 60 26.88 15.53 -8.76
C PRO D 60 27.35 16.46 -7.65
N TYR D 61 28.29 17.35 -7.91
CA TYR D 61 28.95 18.14 -6.88
C TYR D 61 28.82 19.63 -7.15
N GLU D 62 27.65 20.06 -7.61
CA GLU D 62 27.46 21.47 -7.93
C GLU D 62 27.52 22.33 -6.69
N ILE D 63 26.75 21.98 -5.67
CA ILE D 63 26.76 22.68 -4.38
C ILE D 63 26.67 21.64 -3.29
N GLN D 64 27.44 21.82 -2.22
CA GLN D 64 27.45 20.85 -1.14
C GLN D 64 27.87 21.52 0.16
N LEU D 65 27.13 21.24 1.22
CA LEU D 65 27.50 21.62 2.58
C LEU D 65 27.48 20.36 3.42
N TYR D 66 28.57 20.09 4.12
CA TYR D 66 28.65 18.88 4.94
C TYR D 66 29.61 19.11 6.10
N LEU D 67 29.55 18.20 7.06
CA LEU D 67 30.31 18.28 8.29
C LEU D 67 31.34 17.15 8.33
N SER D 68 32.58 17.48 8.70
CA SER D 68 33.64 16.49 8.86
C SER D 68 34.23 16.63 10.25
N TYR D 69 33.87 15.73 11.15
CA TYR D 69 34.28 15.82 12.55
C TYR D 69 33.94 17.19 13.12
N GLN D 70 34.95 17.99 13.45
CA GLN D 70 34.74 19.30 14.07
C GLN D 70 34.95 20.45 13.09
N SER D 71 34.64 20.26 11.80
CA SER D 71 34.90 21.24 10.77
C SER D 71 33.70 21.34 9.91
N ILE D 72 33.57 22.40 9.12
CA ILE D 72 32.50 22.60 8.15
C ILE D 72 33.12 22.85 6.80
N VAL D 73 32.67 22.11 5.78
CA VAL D 73 33.20 22.21 4.43
C VAL D 73 32.07 22.64 3.50
N PHE D 74 32.33 23.70 2.73
CA PHE D 74 31.38 24.26 1.77
C PHE D 74 31.98 24.14 0.39
N VAL D 75 31.25 23.49 -0.52
CA VAL D 75 31.76 23.12 -1.83
C VAL D 75 30.85 23.70 -2.92
N VAL D 76 31.45 24.37 -3.89
CA VAL D 76 30.74 24.90 -5.05
C VAL D 76 31.53 24.52 -6.29
N GLY D 77 30.87 23.90 -7.25
CA GLY D 77 31.49 23.53 -8.51
C GLY D 77 32.11 22.14 -8.57
N GLY D 78 32.92 21.79 -7.58
CA GLY D 78 33.58 20.50 -7.57
C GLY D 78 34.39 20.33 -6.30
N GLU D 79 35.03 19.16 -6.20
CA GLU D 79 35.78 18.85 -4.98
C GLU D 79 36.91 19.84 -4.76
N GLU D 80 37.65 20.18 -5.82
CA GLU D 80 38.83 21.03 -5.66
C GLU D 80 38.47 22.38 -5.08
N ASN D 81 37.25 22.86 -5.31
CA ASN D 81 36.79 24.14 -4.80
C ASN D 81 36.02 23.89 -3.50
N LYS D 82 36.66 24.17 -2.37
CA LYS D 82 36.02 23.99 -1.08
C LYS D 82 36.55 25.01 -0.08
N LEU D 83 35.66 25.43 0.82
CA LEU D 83 36.00 26.33 1.92
C LEU D 83 35.77 25.59 3.23
N VAL D 84 36.79 25.62 4.10
CA VAL D 84 36.76 24.84 5.31
C VAL D 84 36.90 25.71 6.53
N ALA D 85 35.81 25.89 7.29
CA ALA D 85 35.86 26.63 8.56
C ALA D 85 36.26 25.52 9.48
N GLU D 86 36.91 25.81 10.63
CA GLU D 86 37.43 24.75 11.48
C GLU D 86 37.12 24.98 12.96
N ALA D 87 36.73 23.93 13.69
CA ALA D 87 36.39 24.00 15.11
C ALA D 87 35.09 24.77 15.41
N MET D 88 34.12 24.77 14.47
CA MET D 88 32.86 25.50 14.67
C MET D 88 31.63 24.60 14.58
N VAL D 89 31.67 23.43 15.20
CA VAL D 89 30.49 22.57 15.30
C VAL D 89 30.58 21.74 16.57
N SER D 90 29.42 21.36 17.10
CA SER D 90 29.31 20.52 18.28
C SER D 90 28.24 19.47 18.01
N LEU D 91 27.93 18.68 19.04
CA LEU D 91 26.92 17.64 18.96
C LEU D 91 25.82 17.91 19.97
N GLY D 92 24.57 17.75 19.55
CA GLY D 92 23.45 17.92 20.45
C GLY D 92 23.14 19.35 20.81
N ARG D 93 23.58 20.32 20.01
CA ARG D 93 23.29 21.72 20.26
C ARG D 93 22.86 22.36 18.95
N TRP D 94 21.79 23.13 18.98
CA TRP D 94 21.32 23.81 17.77
C TRP D 94 22.34 24.86 17.34
N THR D 95 22.69 24.85 16.06
CA THR D 95 23.64 25.81 15.51
C THR D 95 23.17 26.24 14.13
N HIS D 96 23.44 27.49 13.79
CA HIS D 96 23.01 28.09 12.53
C HIS D 96 24.20 28.23 11.60
N LEU D 97 24.03 27.75 10.37
CA LEU D 97 25.05 27.82 9.33
C LEU D 97 24.49 28.57 8.14
N CYS D 98 25.31 29.42 7.53
CA CYS D 98 24.90 30.10 6.30
C CYS D 98 26.12 30.49 5.49
N GLY D 99 26.09 30.24 4.19
CA GLY D 99 27.19 30.57 3.32
C GLY D 99 26.70 31.22 2.04
N THR D 100 27.51 32.15 1.53
CA THR D 100 27.19 32.94 0.35
C THR D 100 28.23 32.72 -0.73
N TRP D 101 27.81 32.92 -1.98
CA TRP D 101 28.70 32.72 -3.12
C TRP D 101 28.37 33.74 -4.21
N ASN D 102 29.41 34.24 -4.86
CA ASN D 102 29.27 35.18 -5.98
C ASN D 102 30.14 34.68 -7.13
N SER D 103 29.54 34.55 -8.31
CA SER D 103 30.28 34.06 -9.48
C SER D 103 31.07 35.16 -10.18
N GLU D 104 30.80 36.43 -9.89
CA GLU D 104 31.50 37.51 -10.58
C GLU D 104 32.99 37.49 -10.26
N GLU D 105 33.34 37.26 -9.00
CA GLU D 105 34.74 37.26 -8.59
C GLU D 105 35.09 36.04 -7.75
N GLY D 106 34.15 35.11 -7.56
CA GLY D 106 34.39 33.93 -6.76
C GLY D 106 34.56 34.21 -5.27
N LEU D 107 33.74 35.10 -4.71
CA LEU D 107 33.74 35.35 -3.28
C LEU D 107 32.84 34.34 -2.59
N THR D 108 33.39 33.60 -1.64
CA THR D 108 32.63 32.64 -0.83
C THR D 108 32.87 32.96 0.64
N SER D 109 31.89 32.65 1.47
CA SER D 109 31.99 32.90 2.89
C SER D 109 31.20 31.85 3.66
N LEU D 110 31.57 31.67 4.91
CA LEU D 110 30.86 30.80 5.84
C LEU D 110 30.65 31.54 7.14
N TRP D 111 29.42 31.53 7.63
CA TRP D 111 29.06 32.13 8.91
C TRP D 111 28.52 31.05 9.82
N VAL D 112 28.96 31.06 11.08
CA VAL D 112 28.49 30.10 12.08
C VAL D 112 27.98 30.90 13.27
N ASN D 113 26.70 30.72 13.58
CA ASN D 113 26.06 31.45 14.68
C ASN D 113 26.24 32.96 14.50
N GLY D 114 26.10 33.43 13.26
CA GLY D 114 26.11 34.85 12.99
C GLY D 114 27.47 35.49 12.92
N GLU D 115 28.55 34.71 12.98
CA GLU D 115 29.92 35.23 12.94
C GLU D 115 30.67 34.60 11.77
N LEU D 116 31.37 35.43 11.01
CA LEU D 116 32.12 34.93 9.87
C LEU D 116 33.17 33.93 10.33
N ALA D 117 33.24 32.78 9.65
CA ALA D 117 34.17 31.72 10.00
C ALA D 117 35.21 31.44 8.92
N ALA D 118 34.94 31.80 7.67
CA ALA D 118 35.90 31.58 6.60
C ALA D 118 35.58 32.51 5.44
N THR D 119 36.55 32.69 4.56
CA THR D 119 36.36 33.51 3.38
C THR D 119 37.46 33.18 2.37
N THR D 120 37.12 33.28 1.09
CA THR D 120 38.06 32.95 0.03
C THR D 120 37.70 33.78 -1.21
N VAL D 121 38.60 33.77 -2.19
CA VAL D 121 38.42 34.49 -3.44
C VAL D 121 38.84 33.58 -4.58
N GLU D 122 38.42 33.94 -5.79
CA GLU D 122 38.76 33.20 -7.00
C GLU D 122 38.32 31.74 -6.90
N MET D 123 37.12 31.51 -6.37
CA MET D 123 36.54 30.19 -6.26
C MET D 123 35.46 30.06 -7.32
N ALA D 124 35.68 29.16 -8.29
CA ALA D 124 34.72 28.93 -9.36
C ALA D 124 34.32 30.22 -10.05
N THR D 125 35.33 31.05 -10.34
CA THR D 125 35.07 32.31 -11.03
C THR D 125 34.51 32.07 -12.42
N GLY D 126 33.45 32.80 -12.76
CA GLY D 126 32.82 32.67 -14.06
C GLY D 126 31.90 31.48 -14.18
N HIS D 127 31.73 30.69 -13.12
CA HIS D 127 30.91 29.50 -13.19
C HIS D 127 29.44 29.86 -12.98
N ILE D 128 28.57 29.16 -13.69
CA ILE D 128 27.13 29.30 -13.57
C ILE D 128 26.55 27.95 -13.17
N VAL D 129 25.74 27.93 -12.12
CA VAL D 129 25.14 26.67 -11.66
C VAL D 129 24.06 26.28 -12.65
N PRO D 130 24.12 25.09 -13.25
CA PRO D 130 23.09 24.69 -14.21
C PRO D 130 21.73 24.48 -13.58
N GLU D 131 20.74 24.10 -14.38
CA GLU D 131 19.38 23.90 -13.91
C GLU D 131 18.90 22.52 -14.34
N GLY D 132 17.86 22.05 -13.66
CA GLY D 132 17.35 20.72 -13.90
C GLY D 132 17.98 19.62 -13.08
N GLY D 133 18.63 19.96 -11.97
CA GLY D 133 19.24 18.98 -11.10
C GLY D 133 18.28 18.49 -10.03
N ILE D 134 18.86 17.84 -9.03
CA ILE D 134 18.12 17.26 -7.92
C ILE D 134 18.67 17.84 -6.63
N LEU D 135 17.77 18.31 -5.76
CA LEU D 135 18.13 18.91 -4.48
C LEU D 135 17.66 17.98 -3.36
N GLN D 136 18.54 17.74 -2.39
CA GLN D 136 18.25 16.82 -1.30
C GLN D 136 18.85 17.35 -0.01
N ILE D 137 18.34 16.85 1.11
CA ILE D 137 18.86 17.17 2.43
C ILE D 137 19.20 15.87 3.13
N GLY D 138 20.37 15.82 3.77
CA GLY D 138 20.78 14.69 4.56
C GLY D 138 21.35 13.53 3.78
N GLN D 139 21.52 13.65 2.47
CA GLN D 139 22.02 12.55 1.67
C GLN D 139 22.53 13.10 0.34
N GLU D 140 23.25 12.26 -0.39
CA GLU D 140 23.80 12.58 -1.69
C GLU D 140 23.13 11.72 -2.76
N LYS D 141 22.98 12.28 -3.95
CA LYS D 141 22.24 11.60 -5.01
C LYS D 141 23.03 10.39 -5.49
N ASN D 142 22.52 9.20 -5.18
CA ASN D 142 23.10 7.95 -5.65
C ASN D 142 22.07 7.02 -6.27
N GLY D 143 20.86 6.95 -5.72
CA GLY D 143 19.83 6.06 -6.22
C GLY D 143 18.74 5.80 -5.21
N CYS D 144 17.49 5.77 -5.67
CA CYS D 144 16.32 5.66 -4.80
C CYS D 144 15.61 4.32 -4.90
N CYS D 145 15.27 3.88 -6.11
CA CYS D 145 14.46 2.67 -6.31
C CYS D 145 15.31 1.50 -6.78
N VAL D 146 16.53 1.36 -6.26
CA VAL D 146 17.38 0.22 -6.57
C VAL D 146 17.61 -0.58 -5.30
N GLY D 147 16.60 -0.59 -4.42
CA GLY D 147 16.73 -1.26 -3.14
C GLY D 147 17.73 -0.57 -2.24
N GLY D 148 17.48 0.71 -1.94
CA GLY D 148 18.42 1.51 -1.20
C GLY D 148 19.41 2.21 -2.12
N GLY D 149 20.63 1.72 -2.17
CA GLY D 149 21.63 2.31 -3.04
C GLY D 149 22.16 3.63 -2.56
N PHE D 150 22.12 3.89 -1.26
CA PHE D 150 22.67 5.10 -0.67
C PHE D 150 23.80 4.70 0.26
N ASP D 151 24.92 5.41 0.18
CA ASP D 151 26.05 5.16 1.06
C ASP D 151 25.67 5.53 2.49
N GLU D 152 25.56 4.53 3.36
CA GLU D 152 25.16 4.79 4.75
C GLU D 152 26.16 5.65 5.48
N THR D 153 27.41 5.72 5.02
CA THR D 153 28.43 6.45 5.76
C THR D 153 28.21 7.96 5.68
N LEU D 154 27.69 8.45 4.56
CA LEU D 154 27.52 9.88 4.34
C LEU D 154 26.20 10.42 4.88
N ALA D 155 25.28 9.56 5.29
CA ALA D 155 23.96 10.02 5.70
C ALA D 155 24.04 10.85 6.99
N PHE D 156 22.90 11.39 7.39
CA PHE D 156 22.80 12.32 8.49
C PHE D 156 21.85 11.77 9.55
N SER D 157 22.15 12.07 10.82
CA SER D 157 21.29 11.68 11.93
C SER D 157 21.18 12.84 12.89
N GLY D 158 19.97 13.32 13.11
CA GLY D 158 19.72 14.48 13.93
C GLY D 158 18.44 15.17 13.49
N ARG D 159 18.39 16.48 13.70
CA ARG D 159 17.24 17.31 13.36
C ARG D 159 17.66 18.49 12.51
N LEU D 160 16.81 18.86 11.55
CA LEU D 160 17.05 19.98 10.66
C LEU D 160 15.81 20.86 10.60
N THR D 161 16.03 22.16 10.42
CA THR D 161 14.92 23.09 10.24
C THR D 161 15.44 24.38 9.64
N GLY D 162 14.52 25.19 9.14
CA GLY D 162 14.86 26.51 8.64
C GLY D 162 15.76 26.53 7.42
N PHE D 163 15.48 25.68 6.44
CA PHE D 163 16.29 25.58 5.22
C PHE D 163 15.77 26.58 4.19
N ASN D 164 16.55 27.64 3.96
CA ASN D 164 16.19 28.70 3.03
C ASN D 164 17.31 28.91 2.03
N ILE D 165 16.95 29.28 0.81
CA ILE D 165 17.89 29.63 -0.25
C ILE D 165 17.42 30.92 -0.90
N TRP D 166 18.33 31.89 -1.01
CA TRP D 166 18.06 33.13 -1.71
C TRP D 166 18.81 33.14 -3.05
N ASP D 167 18.40 34.03 -3.93
CA ASP D 167 19.02 34.17 -5.25
C ASP D 167 20.10 35.23 -5.28
N SER D 168 20.49 35.77 -4.13
CA SER D 168 21.48 36.83 -4.07
C SER D 168 22.26 36.70 -2.77
N VAL D 169 23.41 37.36 -2.72
CA VAL D 169 24.27 37.35 -1.55
C VAL D 169 23.65 38.28 -0.50
N LEU D 170 23.15 37.72 0.59
CA LEU D 170 22.58 38.53 1.65
C LEU D 170 23.66 39.40 2.28
N SER D 171 23.27 40.60 2.68
CA SER D 171 24.19 41.51 3.36
C SER D 171 24.45 41.02 4.78
N ASN D 172 25.42 41.66 5.43
CA ASN D 172 25.78 41.27 6.79
C ASN D 172 24.59 41.44 7.74
N GLU D 173 23.85 42.55 7.58
CA GLU D 173 22.72 42.78 8.46
C GLU D 173 21.66 41.70 8.29
N GLU D 174 21.38 41.33 7.04
CA GLU D 174 20.41 40.25 6.80
C GLU D 174 20.90 38.94 7.37
N ILE D 175 22.21 38.65 7.25
CA ILE D 175 22.74 37.39 7.74
C ILE D 175 22.63 37.31 9.25
N ARG D 176 22.96 38.40 9.97
CA ARG D 176 22.77 38.37 11.42
C ARG D 176 21.29 38.33 11.79
N GLU D 177 20.42 38.92 10.97
CA GLU D 177 18.99 38.83 11.25
C GLU D 177 18.49 37.40 11.14
N THR D 178 18.96 36.66 10.13
CA THR D 178 18.40 35.33 9.87
C THR D 178 18.66 34.36 11.01
N GLY D 179 19.70 34.60 11.80
CA GLY D 179 20.03 33.76 12.94
C GLY D 179 19.47 34.24 14.26
N GLY D 180 18.56 35.22 14.25
CA GLY D 180 18.05 35.79 15.48
C GLY D 180 16.98 34.95 16.12
N ALA D 181 16.43 35.48 17.21
CA ALA D 181 15.39 34.80 17.97
C ALA D 181 14.00 35.02 17.40
N GLU D 182 13.88 35.81 16.34
CA GLU D 182 12.60 36.06 15.66
C GLU D 182 12.80 35.96 14.16
N SER D 183 13.48 34.90 13.70
CA SER D 183 13.92 34.80 12.33
C SER D 183 13.19 33.74 11.51
N CYS D 184 12.37 32.89 12.14
CA CYS D 184 11.77 31.80 11.39
C CYS D 184 10.73 32.27 10.39
N HIS D 185 10.33 33.54 10.44
CA HIS D 185 9.43 34.11 9.44
C HIS D 185 10.17 34.73 8.27
N ILE D 186 11.50 34.75 8.30
CA ILE D 186 12.32 35.24 7.19
C ILE D 186 12.66 34.04 6.32
N ARG D 187 11.98 33.91 5.19
CA ARG D 187 12.17 32.77 4.30
C ARG D 187 12.66 33.25 2.94
N GLY D 188 13.48 32.40 2.30
CA GLY D 188 14.04 32.74 1.01
C GLY D 188 13.06 32.51 -0.11
N ASN D 189 13.46 32.91 -1.31
CA ASN D 189 12.57 32.87 -2.46
C ASN D 189 12.73 31.60 -3.29
N ILE D 190 13.97 31.18 -3.56
CA ILE D 190 14.17 29.93 -4.30
C ILE D 190 13.65 28.75 -3.49
N VAL D 191 13.96 28.72 -2.20
CA VAL D 191 13.45 27.72 -1.27
C VAL D 191 13.06 28.43 0.01
N GLY D 192 11.89 28.11 0.54
CA GLY D 192 11.42 28.68 1.79
C GLY D 192 10.87 27.62 2.71
N TRP D 193 11.19 27.75 3.99
CA TRP D 193 10.74 26.78 4.98
C TRP D 193 9.26 27.00 5.27
N GLY D 194 8.45 25.97 5.04
CA GLY D 194 7.02 26.06 5.23
C GLY D 194 6.24 26.43 3.99
N VAL D 195 6.91 26.79 2.90
CA VAL D 195 6.26 27.13 1.65
C VAL D 195 6.64 26.14 0.54
N THR D 196 7.90 25.73 0.51
CA THR D 196 8.36 24.79 -0.51
C THR D 196 8.07 23.36 -0.09
N GLU D 197 7.91 22.49 -1.07
CA GLU D 197 7.61 21.08 -0.82
C GLU D 197 8.88 20.35 -0.42
N ILE D 198 8.85 19.73 0.76
CA ILE D 198 9.95 18.90 1.26
C ILE D 198 9.33 17.63 1.80
N GLN D 199 9.49 16.52 1.08
CA GLN D 199 8.87 15.26 1.46
C GLN D 199 9.91 14.27 1.96
N PRO D 200 9.96 13.95 3.25
CA PRO D 200 10.95 12.99 3.74
C PRO D 200 10.66 11.57 3.25
N HIS D 201 11.73 10.78 3.17
CA HIS D 201 11.65 9.41 2.67
C HIS D 201 12.45 8.49 3.58
N GLY D 202 12.05 7.23 3.60
CA GLY D 202 12.88 6.17 4.14
C GLY D 202 12.97 6.10 5.64
N GLY D 203 12.21 6.91 6.38
CA GLY D 203 12.26 6.86 7.82
C GLY D 203 12.26 8.22 8.47
N ALA D 204 12.55 9.26 7.70
CA ALA D 204 12.46 10.62 8.22
C ALA D 204 11.00 11.02 8.38
N GLN D 205 10.73 11.85 9.38
CA GLN D 205 9.36 12.22 9.71
C GLN D 205 9.31 13.64 10.23
N TYR D 206 8.22 14.33 9.90
CA TYR D 206 7.98 15.65 10.46
C TYR D 206 7.66 15.54 11.94
N VAL D 207 8.11 16.52 12.72
CA VAL D 207 7.81 16.60 14.14
C VAL D 207 7.46 18.04 14.47
N SER D 208 6.43 18.23 15.28
CA SER D 208 5.99 19.56 15.66
C SER D 208 5.57 19.61 17.12
N TRP E 1 1.65 -24.75 -21.54
CA TRP E 1 1.42 -26.17 -21.38
C TRP E 1 1.87 -26.65 -20.01
N LEU E 2 1.06 -27.47 -19.37
CA LEU E 2 1.29 -27.98 -18.03
C LEU E 2 1.09 -29.49 -18.03
N PRO E 3 1.69 -30.19 -17.07
CA PRO E 3 1.70 -31.66 -17.10
C PRO E 3 0.53 -32.30 -16.38
N ALA E 4 0.14 -33.46 -16.89
CA ALA E 4 -0.88 -34.31 -16.26
C ALA E 4 -2.24 -33.60 -16.16
N GLY E 5 -2.50 -32.67 -17.08
CA GLY E 5 -3.77 -31.98 -17.05
C GLY E 5 -3.98 -31.11 -15.82
N CYS E 6 -2.94 -30.40 -15.38
CA CYS E 6 -3.07 -29.40 -14.34
C CYS E 6 -3.26 -28.04 -14.98
N GLU E 7 -4.06 -27.20 -14.31
CA GLU E 7 -4.49 -25.92 -14.87
C GLU E 7 -3.99 -24.74 -14.05
N THR E 8 -2.96 -24.93 -13.23
CA THR E 8 -2.38 -23.86 -12.43
C THR E 8 -0.95 -24.23 -12.09
N ALA E 9 -0.11 -23.21 -11.98
CA ALA E 9 1.29 -23.39 -11.62
C ALA E 9 1.76 -22.13 -10.90
N ILE E 10 2.99 -22.15 -10.43
CA ILE E 10 3.62 -21.01 -9.80
C ILE E 10 4.93 -20.73 -10.53
N LEU E 11 5.17 -19.48 -10.87
CA LEU E 11 6.34 -19.08 -11.63
C LEU E 11 7.34 -18.38 -10.74
N PHE E 12 8.61 -18.78 -10.84
CA PHE E 12 9.73 -18.12 -10.17
C PHE E 12 10.60 -17.50 -11.26
N PRO E 13 10.32 -16.26 -11.69
CA PRO E 13 11.06 -15.71 -12.84
C PRO E 13 12.55 -15.55 -12.58
N MET E 14 12.96 -15.53 -11.32
CA MET E 14 14.33 -15.21 -10.94
C MET E 14 14.61 -15.87 -9.61
N ARG E 15 15.88 -15.93 -9.24
CA ARG E 15 16.27 -16.35 -7.90
C ARG E 15 16.94 -15.16 -7.23
N SER E 16 16.26 -14.60 -6.22
CA SER E 16 16.73 -13.43 -5.51
C SER E 16 16.70 -13.69 -4.01
N LYS E 17 16.87 -12.64 -3.20
CA LYS E 17 16.90 -12.78 -1.75
C LYS E 17 15.54 -12.58 -1.11
N LYS E 18 14.46 -12.56 -1.89
CA LYS E 18 13.13 -12.33 -1.32
C LYS E 18 12.04 -13.22 -1.91
N ILE E 19 12.37 -14.16 -2.79
CA ILE E 19 11.38 -14.93 -3.53
C ILE E 19 11.18 -16.27 -2.83
N PHE E 20 9.92 -16.63 -2.58
CA PHE E 20 9.57 -17.91 -1.99
C PHE E 20 8.04 -18.01 -1.95
N GLY E 21 7.56 -19.18 -1.58
CA GLY E 21 6.13 -19.39 -1.37
C GLY E 21 5.87 -20.20 -0.12
N SER E 22 4.88 -19.81 0.67
CA SER E 22 4.61 -20.42 1.96
C SER E 22 3.32 -21.23 1.92
N VAL E 23 3.33 -22.37 2.60
CA VAL E 23 2.20 -23.29 2.64
C VAL E 23 1.63 -23.27 4.06
N HIS E 24 0.30 -23.24 4.16
CA HIS E 24 -0.41 -23.20 5.44
C HIS E 24 -1.31 -24.43 5.54
N PRO E 25 -0.82 -25.53 6.11
CA PRO E 25 -1.66 -26.72 6.24
C PRO E 25 -2.81 -26.49 7.21
N VAL E 26 -3.87 -27.29 7.03
CA VAL E 26 -5.05 -27.17 7.87
C VAL E 26 -4.95 -28.01 9.14
N ARG E 27 -4.16 -29.07 9.13
CA ARG E 27 -4.02 -29.98 10.27
C ARG E 27 -2.57 -30.09 10.68
N PRO E 28 -2.30 -30.58 11.90
CA PRO E 28 -0.92 -30.63 12.39
C PRO E 28 -0.02 -31.46 11.49
N MET E 29 1.26 -31.06 11.44
CA MET E 29 2.25 -31.72 10.61
C MET E 29 2.98 -32.85 11.34
N ARG E 30 2.58 -33.17 12.57
CA ARG E 30 3.19 -34.30 13.27
C ARG E 30 2.93 -35.58 12.48
N LEU E 31 4.00 -36.32 12.19
CA LEU E 31 3.91 -37.47 11.32
C LEU E 31 4.88 -38.56 11.79
N GLU E 32 4.46 -39.81 11.61
CA GLU E 32 5.36 -40.95 11.75
C GLU E 32 5.73 -41.58 10.42
N SER E 33 4.95 -41.32 9.37
CA SER E 33 5.31 -41.70 8.01
C SER E 33 4.57 -40.76 7.07
N PHE E 34 5.15 -40.53 5.90
CA PHE E 34 4.55 -39.57 4.97
C PHE E 34 5.02 -39.87 3.56
N SER E 35 4.31 -39.30 2.60
CA SER E 35 4.68 -39.32 1.20
C SER E 35 4.46 -37.94 0.62
N ALA E 36 5.26 -37.56 -0.36
CA ALA E 36 5.18 -36.22 -0.94
C ALA E 36 5.63 -36.26 -2.39
N CYS E 37 4.76 -35.83 -3.29
CA CYS E 37 5.05 -35.72 -4.72
C CYS E 37 5.09 -34.25 -5.12
N ILE E 38 5.63 -33.99 -6.32
CA ILE E 38 5.63 -32.65 -6.90
C ILE E 38 6.01 -32.71 -8.36
N TRP E 39 5.53 -31.74 -9.14
CA TRP E 39 5.96 -31.54 -10.53
C TRP E 39 6.91 -30.36 -10.58
N VAL E 40 8.03 -30.53 -11.27
CA VAL E 40 9.05 -29.49 -11.34
C VAL E 40 9.55 -29.34 -12.77
N LYS E 41 10.00 -28.13 -13.10
CA LYS E 41 10.60 -27.83 -14.40
C LYS E 41 11.65 -26.76 -14.17
N ALA E 42 12.90 -27.18 -14.03
CA ALA E 42 13.97 -26.29 -13.59
C ALA E 42 14.61 -25.55 -14.76
N THR E 43 15.07 -24.33 -14.47
CA THR E 43 15.75 -23.49 -15.45
C THR E 43 17.27 -23.55 -15.28
N ASP E 44 17.76 -23.44 -14.05
CA ASP E 44 19.18 -23.54 -13.76
C ASP E 44 19.34 -24.13 -12.37
N VAL E 45 20.25 -25.09 -12.24
CA VAL E 45 20.46 -25.81 -10.99
C VAL E 45 21.88 -25.55 -10.51
N LEU E 46 22.01 -25.03 -9.31
CA LEU E 46 23.30 -24.82 -8.66
C LEU E 46 23.64 -26.05 -7.81
N ASN E 47 24.63 -25.90 -6.93
CA ASN E 47 25.03 -27.00 -6.06
C ASN E 47 23.92 -27.44 -5.11
N LYS E 48 22.94 -26.58 -4.86
CA LYS E 48 21.84 -26.93 -3.96
C LYS E 48 20.67 -26.01 -4.26
N THR E 49 19.59 -26.57 -4.81
CA THR E 49 18.40 -25.81 -5.20
C THR E 49 17.21 -26.37 -4.44
N ILE E 50 16.70 -25.61 -3.48
CA ILE E 50 15.64 -26.10 -2.61
C ILE E 50 14.33 -26.16 -3.38
N LEU E 51 13.65 -27.30 -3.28
CA LEU E 51 12.29 -27.42 -3.83
C LEU E 51 11.25 -27.13 -2.75
N PHE E 52 11.27 -27.91 -1.66
CA PHE E 52 10.44 -27.61 -0.51
C PHE E 52 11.20 -28.02 0.75
N SER E 53 10.87 -27.35 1.85
CA SER E 53 11.61 -27.52 3.10
C SER E 53 10.67 -27.32 4.27
N TYR E 54 10.77 -28.22 5.26
CA TYR E 54 10.01 -28.11 6.50
C TYR E 54 10.98 -28.14 7.66
N GLY E 55 10.84 -27.20 8.60
CA GLY E 55 11.72 -27.17 9.74
C GLY E 55 11.16 -26.33 10.86
N THR E 56 11.52 -26.69 12.09
CA THR E 56 11.18 -25.93 13.28
C THR E 56 12.35 -25.03 13.68
N LYS E 57 12.16 -24.28 14.77
CA LYS E 57 13.23 -23.39 15.21
C LYS E 57 14.41 -24.18 15.77
N ARG E 58 14.14 -25.30 16.42
CA ARG E 58 15.23 -26.10 16.98
C ARG E 58 15.99 -26.84 15.88
N ASN E 59 15.27 -27.38 14.90
CA ASN E 59 15.87 -28.17 13.82
C ASN E 59 15.29 -27.69 12.49
N PRO E 60 16.03 -26.89 11.73
CA PRO E 60 15.53 -26.41 10.44
C PRO E 60 15.66 -27.40 9.30
N TYR E 61 15.98 -28.66 9.57
CA TYR E 61 16.28 -29.66 8.56
C TYR E 61 15.43 -30.90 8.77
N GLU E 62 14.17 -30.70 9.18
CA GLU E 62 13.31 -31.84 9.47
C GLU E 62 13.03 -32.65 8.20
N ILE E 63 12.57 -31.99 7.15
CA ILE E 63 12.31 -32.61 5.86
C ILE E 63 12.78 -31.64 4.79
N GLN E 64 13.47 -32.15 3.77
CA GLN E 64 14.03 -31.28 2.76
C GLN E 64 14.31 -32.06 1.49
N LEU E 65 13.83 -31.53 0.37
CA LEU E 65 14.09 -32.08 -0.96
C LEU E 65 14.72 -30.99 -1.81
N TYR E 66 15.82 -31.30 -2.48
CA TYR E 66 16.51 -30.31 -3.30
C TYR E 66 17.30 -31.02 -4.40
N LEU E 67 17.75 -30.23 -5.37
CA LEU E 67 18.50 -30.70 -6.52
C LEU E 67 19.93 -30.19 -6.47
N SER E 68 20.87 -31.02 -6.92
CA SER E 68 22.27 -30.63 -7.01
C SER E 68 22.82 -31.19 -8.32
N TYR E 69 22.91 -30.34 -9.35
CA TYR E 69 23.34 -30.73 -10.69
C TYR E 69 22.36 -31.78 -11.21
N GLN E 70 22.78 -32.99 -11.62
CA GLN E 70 21.81 -34.01 -12.05
C GLN E 70 21.40 -35.01 -10.99
N SER E 71 21.67 -34.71 -9.73
CA SER E 71 21.36 -35.58 -8.63
C SER E 71 20.17 -35.05 -7.87
N ILE E 72 19.47 -35.88 -7.11
CA ILE E 72 18.35 -35.52 -6.24
C ILE E 72 18.68 -36.00 -4.83
N VAL E 73 18.57 -35.09 -3.85
CA VAL E 73 18.87 -35.39 -2.46
C VAL E 73 17.62 -35.22 -1.63
N PHE E 74 17.29 -36.25 -0.84
CA PHE E 74 16.11 -36.26 0.02
C PHE E 74 16.60 -36.41 1.46
N VAL E 75 16.20 -35.48 2.32
CA VAL E 75 16.72 -35.36 3.67
C VAL E 75 15.58 -35.46 4.66
N VAL E 76 15.72 -36.33 5.66
CA VAL E 76 14.77 -36.45 6.76
C VAL E 76 15.57 -36.47 8.05
N GLY E 77 15.24 -35.57 8.97
CA GLY E 77 15.91 -35.50 10.27
C GLY E 77 17.10 -34.57 10.35
N GLY E 78 18.02 -34.67 9.40
CA GLY E 78 19.21 -33.83 9.43
C GLY E 78 20.10 -34.16 8.25
N GLU E 79 21.25 -33.48 8.21
CA GLU E 79 22.19 -33.67 7.10
C GLU E 79 22.69 -35.10 7.05
N GLU E 80 23.03 -35.68 8.20
CA GLU E 80 23.61 -37.02 8.23
C GLU E 80 22.71 -38.03 7.54
N ASN E 81 21.40 -37.81 7.57
CA ASN E 81 20.43 -38.70 6.93
C ASN E 81 20.02 -38.10 5.60
N LYS E 82 20.47 -38.71 4.50
CA LYS E 82 20.11 -38.23 3.18
C LYS E 82 20.17 -39.38 2.18
N LEU E 83 19.24 -39.36 1.23
CA LEU E 83 19.18 -40.33 0.15
C LEU E 83 19.42 -39.59 -1.16
N VAL E 84 20.32 -40.12 -1.98
CA VAL E 84 20.81 -39.41 -3.17
C VAL E 84 20.52 -40.24 -4.40
N ALA E 85 19.90 -39.61 -5.40
CA ALA E 85 19.79 -40.17 -6.75
C ALA E 85 20.92 -39.62 -7.61
N GLU E 86 21.21 -40.33 -8.69
CA GLU E 86 22.47 -40.11 -9.41
C GLU E 86 22.33 -39.13 -10.58
N ALA E 87 21.53 -39.47 -11.59
CA ALA E 87 21.47 -38.71 -12.83
C ALA E 87 20.04 -38.59 -13.32
N MET E 88 19.11 -38.26 -12.43
CA MET E 88 17.69 -38.35 -12.71
C MET E 88 16.99 -36.99 -12.71
N VAL E 89 17.64 -35.96 -13.28
CA VAL E 89 17.00 -34.67 -13.45
C VAL E 89 17.61 -33.97 -14.67
N SER E 90 16.78 -33.21 -15.37
CA SER E 90 17.22 -32.41 -16.50
C SER E 90 16.78 -30.96 -16.31
N LEU E 91 16.97 -30.13 -17.34
CA LEU E 91 16.57 -28.73 -17.30
C LEU E 91 15.58 -28.45 -18.42
N GLY E 92 14.52 -27.70 -18.09
CA GLY E 92 13.54 -27.32 -19.08
C GLY E 92 12.56 -28.39 -19.48
N ARG E 93 12.43 -29.46 -18.70
CA ARG E 93 11.49 -30.52 -18.97
C ARG E 93 10.73 -30.86 -17.70
N TRP E 94 9.42 -31.04 -17.82
CA TRP E 94 8.61 -31.39 -16.66
C TRP E 94 8.97 -32.79 -16.18
N THR E 95 9.22 -32.93 -14.88
CA THR E 95 9.55 -34.21 -14.29
C THR E 95 8.84 -34.34 -12.95
N HIS E 96 8.46 -35.57 -12.61
CA HIS E 96 7.71 -35.88 -11.41
C HIS E 96 8.61 -36.56 -10.41
N LEU E 97 8.65 -36.03 -9.19
CA LEU E 97 9.41 -36.59 -8.08
C LEU E 97 8.47 -36.91 -6.94
N CYS E 98 8.70 -38.04 -6.27
CA CYS E 98 7.91 -38.37 -5.09
C CYS E 98 8.76 -39.19 -4.13
N GLY E 99 8.74 -38.79 -2.85
CA GLY E 99 9.51 -39.46 -1.83
C GLY E 99 8.67 -40.10 -0.74
N THR E 100 9.18 -41.17 -0.15
CA THR E 100 8.45 -41.97 0.83
C THR E 100 9.31 -42.13 2.08
N TRP E 101 8.65 -42.23 3.23
CA TRP E 101 9.36 -42.42 4.48
C TRP E 101 8.49 -43.18 5.48
N ASN E 102 9.15 -43.95 6.34
CA ASN E 102 8.50 -44.72 7.38
C ASN E 102 9.39 -44.72 8.61
N SER E 103 8.88 -44.22 9.73
CA SER E 103 9.69 -44.15 10.95
C SER E 103 9.78 -45.48 11.68
N GLU E 104 8.91 -46.44 11.35
CA GLU E 104 8.91 -47.71 12.07
C GLU E 104 10.23 -48.45 11.87
N GLU E 105 10.76 -48.45 10.64
CA GLU E 105 12.01 -49.13 10.34
C GLU E 105 12.95 -48.25 9.54
N GLY E 106 12.60 -46.99 9.30
CA GLY E 106 13.44 -46.09 8.55
C GLY E 106 13.62 -46.44 7.09
N LEU E 107 12.54 -46.82 6.40
CA LEU E 107 12.57 -47.05 4.97
C LEU E 107 12.28 -45.74 4.24
N THR E 108 13.24 -45.30 3.44
CA THR E 108 13.08 -44.13 2.59
C THR E 108 13.24 -44.56 1.14
N SER E 109 12.58 -43.82 0.24
CA SER E 109 12.63 -44.15 -1.17
C SER E 109 12.47 -42.89 -2.00
N LEU E 110 12.95 -42.96 -3.24
CA LEU E 110 12.77 -41.90 -4.21
C LEU E 110 12.34 -42.49 -5.54
N TRP E 111 11.31 -41.90 -6.14
CA TRP E 111 10.83 -42.27 -7.46
C TRP E 111 10.92 -41.07 -8.38
N VAL E 112 11.40 -41.28 -9.59
CA VAL E 112 11.51 -40.24 -10.60
C VAL E 112 10.76 -40.71 -11.83
N ASN E 113 9.74 -39.95 -12.24
CA ASN E 113 8.92 -40.30 -13.40
C ASN E 113 8.34 -41.71 -13.25
N GLY E 114 7.92 -42.05 -12.03
CA GLY E 114 7.23 -43.30 -11.78
C GLY E 114 8.12 -44.51 -11.64
N GLU E 115 9.43 -44.33 -11.60
CA GLU E 115 10.38 -45.44 -11.49
C GLU E 115 11.26 -45.24 -10.26
N LEU E 116 11.45 -46.32 -9.51
CA LEU E 116 12.29 -46.26 -8.32
C LEU E 116 13.71 -45.85 -8.69
N ALA E 117 14.26 -44.89 -7.96
CA ALA E 117 15.60 -44.38 -8.21
C ALA E 117 16.56 -44.59 -7.06
N ALA E 118 16.07 -44.72 -5.82
CA ALA E 118 16.93 -44.94 -4.68
C ALA E 118 16.12 -45.58 -3.57
N THR E 119 16.82 -46.22 -2.64
CA THR E 119 16.18 -46.82 -1.47
C THR E 119 17.23 -47.04 -0.39
N THR E 120 16.80 -46.92 0.86
CA THR E 120 17.69 -47.07 2.00
C THR E 120 16.91 -47.63 3.17
N VAL E 121 17.64 -48.02 4.21
CA VAL E 121 17.04 -48.56 5.44
C VAL E 121 17.75 -47.94 6.64
N GLU E 122 17.09 -48.02 7.79
CA GLU E 122 17.64 -47.53 9.06
C GLU E 122 17.99 -46.04 8.96
N MET E 123 17.08 -45.27 8.36
CA MET E 123 17.22 -43.82 8.24
C MET E 123 16.27 -43.18 9.24
N ALA E 124 16.83 -42.49 10.23
CA ALA E 124 16.04 -41.78 11.24
C ALA E 124 15.03 -42.72 11.90
N THR E 125 15.48 -43.93 12.23
CA THR E 125 14.62 -44.91 12.87
C THR E 125 14.15 -44.40 14.23
N GLY E 126 12.84 -44.54 14.48
CA GLY E 126 12.26 -44.09 15.73
C GLY E 126 12.01 -42.60 15.82
N HIS E 127 12.32 -41.85 14.77
CA HIS E 127 12.17 -40.41 14.79
C HIS E 127 10.73 -40.03 14.47
N ILE E 128 10.26 -38.96 15.11
CA ILE E 128 8.93 -38.41 14.87
C ILE E 128 9.10 -36.95 14.47
N VAL E 129 8.48 -36.56 13.37
CA VAL E 129 8.57 -35.18 12.88
C VAL E 129 7.74 -34.30 13.81
N PRO E 130 8.32 -33.27 14.43
CA PRO E 130 7.54 -32.42 15.35
C PRO E 130 6.48 -31.61 14.61
N GLU E 131 5.73 -30.81 15.37
CA GLU E 131 4.65 -30.00 14.81
C GLU E 131 4.85 -28.55 15.23
N GLY E 132 4.27 -27.65 14.44
CA GLY E 132 4.42 -26.23 14.68
C GLY E 132 5.53 -25.55 13.93
N GLY E 133 6.02 -26.16 12.85
CA GLY E 133 7.08 -25.59 12.05
C GLY E 133 6.54 -24.73 10.92
N ILE E 134 7.44 -24.43 9.99
CA ILE E 134 7.15 -23.58 8.84
C ILE E 134 7.50 -24.36 7.57
N LEU E 135 6.62 -24.27 6.58
CA LEU E 135 6.76 -25.02 5.33
C LEU E 135 6.81 -24.03 4.18
N GLN E 136 7.90 -24.04 3.41
CA GLN E 136 8.05 -23.23 2.22
C GLN E 136 8.22 -24.12 0.99
N ILE E 137 8.15 -23.49 -0.18
CA ILE E 137 8.53 -24.10 -1.44
C ILE E 137 9.49 -23.15 -2.14
N GLY E 138 10.58 -23.69 -2.68
CA GLY E 138 11.53 -22.90 -3.43
C GLY E 138 12.53 -22.13 -2.60
N GLN E 139 12.51 -22.28 -1.28
CA GLN E 139 13.44 -21.56 -0.42
C GLN E 139 13.54 -22.31 0.90
N GLU E 140 14.57 -21.96 1.67
CA GLU E 140 14.84 -22.61 2.94
C GLU E 140 14.46 -21.68 4.09
N LYS E 141 14.10 -22.29 5.22
CA LYS E 141 13.67 -21.52 6.38
C LYS E 141 14.77 -20.59 6.85
N ASN E 142 14.45 -19.31 6.95
CA ASN E 142 15.41 -18.28 7.37
C ASN E 142 14.63 -16.98 7.52
N GLY E 143 15.34 -15.91 7.87
CA GLY E 143 14.72 -14.60 7.98
C GLY E 143 14.11 -14.17 6.66
N CYS E 144 12.80 -13.98 6.64
CA CYS E 144 12.06 -13.74 5.41
C CYS E 144 11.69 -12.27 5.24
N CYS E 145 11.00 -11.68 6.23
CA CYS E 145 10.56 -10.31 6.12
C CYS E 145 11.72 -9.34 6.35
N VAL E 146 12.41 -9.48 7.46
CA VAL E 146 13.42 -8.51 7.88
C VAL E 146 14.74 -9.24 8.12
N GLY E 147 15.82 -8.57 7.75
CA GLY E 147 17.15 -9.14 7.86
C GLY E 147 17.92 -8.98 6.57
N GLY E 148 18.77 -9.95 6.25
CA GLY E 148 19.48 -9.95 4.98
C GLY E 148 18.77 -10.79 3.95
N GLY E 149 17.50 -11.11 4.21
CA GLY E 149 16.77 -11.97 3.31
C GLY E 149 17.29 -13.39 3.40
N PHE E 150 17.03 -14.14 2.32
CA PHE E 150 17.48 -15.52 2.21
C PHE E 150 18.81 -15.55 1.44
N ASP E 151 19.39 -16.74 1.36
CA ASP E 151 20.58 -16.97 0.55
C ASP E 151 20.14 -17.20 -0.88
N GLU E 152 20.49 -16.27 -1.77
CA GLU E 152 20.07 -16.37 -3.17
C GLU E 152 20.60 -17.63 -3.84
N THR E 153 21.69 -18.21 -3.32
CA THR E 153 22.27 -19.38 -3.96
C THR E 153 21.32 -20.57 -3.91
N LEU E 154 20.61 -20.74 -2.80
CA LEU E 154 19.74 -21.90 -2.60
C LEU E 154 18.37 -21.74 -3.25
N ALA E 155 17.99 -20.55 -3.69
CA ALA E 155 16.66 -20.32 -4.19
C ALA E 155 16.43 -21.10 -5.49
N PHE E 156 15.20 -21.02 -5.98
CA PHE E 156 14.74 -21.82 -7.11
C PHE E 156 14.24 -20.90 -8.23
N SER E 157 14.44 -21.33 -9.47
CA SER E 157 13.95 -20.60 -10.63
C SER E 157 13.37 -21.59 -11.62
N GLY E 158 12.09 -21.45 -11.92
CA GLY E 158 11.38 -22.36 -12.78
C GLY E 158 9.90 -22.36 -12.45
N ARG E 159 9.26 -23.51 -12.69
CA ARG E 159 7.83 -23.68 -12.46
C ARG E 159 7.58 -24.89 -11.57
N LEU E 160 6.59 -24.79 -10.70
CA LEU E 160 6.20 -25.87 -9.81
C LEU E 160 4.69 -26.06 -9.85
N THR E 161 4.24 -27.30 -9.68
CA THR E 161 2.81 -27.58 -9.61
C THR E 161 2.62 -28.96 -8.99
N GLY E 162 1.39 -29.22 -8.57
CA GLY E 162 1.03 -30.54 -8.07
C GLY E 162 1.72 -30.95 -6.79
N PHE E 163 1.81 -30.05 -5.81
CA PHE E 163 2.49 -30.33 -4.54
C PHE E 163 1.49 -30.95 -3.57
N ASN E 164 1.66 -32.25 -3.30
CA ASN E 164 0.77 -32.99 -2.41
C ASN E 164 1.58 -33.70 -1.35
N ILE E 165 1.00 -33.83 -0.16
CA ILE E 165 1.59 -34.56 0.95
C ILE E 165 0.52 -35.46 1.54
N TRP E 166 0.83 -36.75 1.70
CA TRP E 166 -0.04 -37.70 2.36
C TRP E 166 0.51 -38.02 3.75
N ASP E 167 -0.35 -38.56 4.61
CA ASP E 167 0.04 -38.92 5.96
C ASP E 167 0.48 -40.37 6.07
N SER E 168 0.59 -41.09 4.96
CA SER E 168 0.96 -42.49 4.96
C SER E 168 1.89 -42.75 3.79
N VAL E 169 2.36 -43.99 3.68
CA VAL E 169 3.23 -44.40 2.59
C VAL E 169 2.36 -44.92 1.45
N LEU E 170 2.33 -44.20 0.34
CA LEU E 170 1.56 -44.64 -0.82
C LEU E 170 2.15 -45.94 -1.37
N SER E 171 1.27 -46.84 -1.81
CA SER E 171 1.72 -48.07 -2.41
C SER E 171 2.28 -47.81 -3.81
N ASN E 172 2.87 -48.84 -4.40
CA ASN E 172 3.46 -48.69 -5.72
C ASN E 172 2.40 -48.31 -6.75
N GLU E 173 1.21 -48.91 -6.67
CA GLU E 173 0.16 -48.61 -7.63
C GLU E 173 -0.25 -47.15 -7.52
N GLU E 174 -0.42 -46.65 -6.30
CA GLU E 174 -0.77 -45.25 -6.11
C GLU E 174 0.33 -44.33 -6.61
N ILE E 175 1.59 -44.70 -6.38
CA ILE E 175 2.70 -43.86 -6.81
C ILE E 175 2.75 -43.76 -8.33
N ARG E 176 2.58 -44.88 -9.03
CA ARG E 176 2.52 -44.79 -10.49
C ARG E 176 1.27 -44.06 -10.97
N GLU E 177 0.17 -44.14 -10.23
CA GLU E 177 -1.02 -43.40 -10.60
C GLU E 177 -0.79 -41.89 -10.50
N THR E 178 -0.10 -41.44 -9.45
CA THR E 178 0.03 -40.01 -9.20
C THR E 178 0.79 -39.29 -10.32
N GLY E 179 1.64 -39.99 -11.06
CA GLY E 179 2.37 -39.37 -12.15
C GLY E 179 1.72 -39.64 -13.49
N GLY E 180 0.45 -40.03 -13.48
CA GLY E 180 -0.25 -40.42 -14.68
C GLY E 180 -0.65 -39.23 -15.54
N ALA E 181 -1.31 -39.56 -16.66
CA ALA E 181 -1.75 -38.53 -17.59
C ALA E 181 -2.99 -37.79 -17.10
N GLU E 182 -3.68 -38.31 -16.09
CA GLU E 182 -4.86 -37.69 -15.51
C GLU E 182 -4.82 -37.79 -13.99
N SER E 183 -3.66 -37.51 -13.43
CA SER E 183 -3.42 -37.63 -12.00
C SER E 183 -3.60 -36.33 -11.25
N CYS E 184 -3.94 -35.23 -11.93
CA CYS E 184 -3.91 -33.93 -11.28
C CYS E 184 -5.09 -33.74 -10.33
N HIS E 185 -6.08 -34.63 -10.35
CA HIS E 185 -7.18 -34.59 -9.40
C HIS E 185 -6.93 -35.46 -8.17
N ILE E 186 -5.80 -36.15 -8.11
CA ILE E 186 -5.43 -36.96 -6.95
C ILE E 186 -4.62 -36.05 -6.03
N ARG E 187 -5.25 -35.58 -4.96
CA ARG E 187 -4.61 -34.66 -4.03
C ARG E 187 -4.51 -35.29 -2.66
N GLY E 188 -3.43 -34.94 -1.94
CA GLY E 188 -3.20 -35.49 -0.62
C GLY E 188 -4.02 -34.81 0.44
N ASN E 189 -3.92 -35.33 1.66
CA ASN E 189 -4.77 -34.84 2.74
C ASN E 189 -4.08 -33.80 3.61
N ILE E 190 -2.81 -34.01 3.96
CA ILE E 190 -2.09 -33.00 4.75
C ILE E 190 -1.93 -31.72 3.93
N VAL E 191 -1.54 -31.87 2.67
CA VAL E 191 -1.45 -30.76 1.72
C VAL E 191 -2.05 -31.22 0.40
N GLY E 192 -2.91 -30.41 -0.18
CA GLY E 192 -3.49 -30.72 -1.48
C GLY E 192 -3.40 -29.54 -2.41
N TRP E 193 -3.11 -29.83 -3.68
CA TRP E 193 -2.97 -28.77 -4.67
C TRP E 193 -4.35 -28.30 -5.10
N GLY E 194 -4.69 -27.06 -4.75
CA GLY E 194 -5.97 -26.47 -5.09
C GLY E 194 -6.87 -26.24 -3.89
N VAL E 195 -6.68 -26.97 -2.81
CA VAL E 195 -7.45 -26.77 -1.59
C VAL E 195 -6.63 -26.11 -0.48
N THR E 196 -5.33 -26.40 -0.40
CA THR E 196 -4.50 -25.81 0.63
C THR E 196 -4.05 -24.41 0.21
N GLU E 197 -3.78 -23.57 1.21
CA GLU E 197 -3.40 -22.19 0.96
C GLU E 197 -1.90 -22.12 0.67
N ILE E 198 -1.54 -21.53 -0.47
CA ILE E 198 -0.15 -21.30 -0.84
C ILE E 198 -0.04 -19.85 -1.28
N GLN E 199 0.84 -19.10 -0.64
CA GLN E 199 0.97 -17.66 -0.85
C GLN E 199 2.32 -17.33 -1.46
N PRO E 200 2.42 -17.10 -2.77
CA PRO E 200 3.69 -16.67 -3.34
C PRO E 200 4.11 -15.30 -2.81
N HIS E 201 5.41 -15.10 -2.68
CA HIS E 201 5.96 -13.88 -2.12
C HIS E 201 7.14 -13.40 -2.95
N GLY E 202 7.38 -12.09 -2.91
CA GLY E 202 8.62 -11.53 -3.41
C GLY E 202 8.83 -11.65 -4.90
N GLY E 203 7.80 -11.97 -5.67
CA GLY E 203 7.95 -12.02 -7.11
C GLY E 203 7.41 -13.28 -7.75
N ALA E 204 7.05 -14.27 -6.94
CA ALA E 204 6.42 -15.47 -7.46
C ALA E 204 4.99 -15.15 -7.87
N GLN E 205 4.51 -15.84 -8.91
CA GLN E 205 3.24 -15.51 -9.54
C GLN E 205 2.48 -16.78 -9.88
N TYR E 206 1.16 -16.73 -9.70
CA TYR E 206 0.31 -17.77 -10.23
C TYR E 206 0.19 -17.64 -11.74
N VAL E 207 0.12 -18.78 -12.41
CA VAL E 207 0.03 -18.82 -13.87
C VAL E 207 -1.31 -19.46 -14.24
N SER E 208 -2.32 -19.22 -13.41
CA SER E 208 -3.67 -19.64 -13.72
C SER E 208 -4.32 -18.64 -14.66
N TRP F 1 -10.84 -22.78 -21.15
CA TRP F 1 -12.17 -22.94 -21.74
C TRP F 1 -13.23 -22.44 -20.77
N LEU F 2 -14.24 -21.77 -21.30
CA LEU F 2 -15.33 -21.19 -20.54
C LEU F 2 -16.64 -21.90 -20.88
N PRO F 3 -17.63 -21.86 -19.98
CA PRO F 3 -18.74 -22.81 -20.09
C PRO F 3 -19.54 -22.77 -21.38
N ALA F 4 -20.21 -21.65 -21.69
CA ALA F 4 -21.04 -21.58 -22.89
C ALA F 4 -20.56 -20.53 -23.88
N GLY F 5 -20.53 -19.26 -23.50
CA GLY F 5 -20.07 -18.20 -24.35
C GLY F 5 -19.39 -17.09 -23.58
N CYS F 6 -19.19 -17.31 -22.28
CA CYS F 6 -18.63 -16.28 -21.42
C CYS F 6 -17.12 -16.19 -21.62
N GLU F 7 -16.61 -14.98 -21.41
CA GLU F 7 -15.19 -14.68 -21.63
C GLU F 7 -14.53 -14.12 -20.38
N THR F 8 -15.14 -14.32 -19.21
CA THR F 8 -14.57 -13.87 -17.95
C THR F 8 -15.08 -14.79 -16.85
N ALA F 9 -14.23 -15.04 -15.86
CA ALA F 9 -14.59 -15.89 -14.72
C ALA F 9 -13.83 -15.37 -13.51
N ILE F 10 -14.08 -16.01 -12.37
CA ILE F 10 -13.39 -15.70 -11.12
C ILE F 10 -12.79 -16.99 -10.59
N LEU F 11 -11.52 -16.94 -10.22
CA LEU F 11 -10.78 -18.12 -9.78
C LEU F 11 -10.61 -18.08 -8.27
N PHE F 12 -10.96 -19.18 -7.61
CA PHE F 12 -10.68 -19.41 -6.20
C PHE F 12 -9.62 -20.50 -6.12
N PRO F 13 -8.33 -20.17 -6.11
CA PRO F 13 -7.30 -21.21 -6.20
C PRO F 13 -7.17 -22.05 -4.95
N MET F 14 -7.90 -21.73 -3.90
CA MET F 14 -7.64 -22.26 -2.57
C MET F 14 -8.74 -21.77 -1.65
N ARG F 15 -9.07 -22.58 -0.66
CA ARG F 15 -10.05 -22.20 0.35
C ARG F 15 -9.33 -21.89 1.65
N SER F 16 -9.50 -20.66 2.13
CA SER F 16 -8.78 -20.16 3.28
C SER F 16 -9.75 -19.32 4.12
N LYS F 17 -9.21 -18.54 5.05
CA LYS F 17 -10.01 -17.72 5.94
C LYS F 17 -10.16 -16.29 5.47
N LYS F 18 -9.80 -15.99 4.22
CA LYS F 18 -9.86 -14.63 3.70
C LYS F 18 -10.46 -14.52 2.31
N ILE F 19 -10.71 -15.62 1.62
CA ILE F 19 -11.08 -15.59 0.21
C ILE F 19 -12.59 -15.49 0.07
N PHE F 20 -13.05 -14.54 -0.74
CA PHE F 20 -14.46 -14.38 -1.04
C PHE F 20 -14.59 -13.27 -2.08
N GLY F 21 -15.80 -13.10 -2.58
CA GLY F 21 -16.11 -12.00 -3.49
C GLY F 21 -17.44 -11.36 -3.15
N SER F 22 -17.49 -10.03 -3.17
CA SER F 22 -18.66 -9.29 -2.74
C SER F 22 -19.37 -8.66 -3.94
N VAL F 23 -20.70 -8.64 -3.90
CA VAL F 23 -21.53 -8.12 -4.97
C VAL F 23 -22.23 -6.87 -4.47
N HIS F 24 -22.26 -5.83 -5.31
CA HIS F 24 -22.88 -4.55 -4.97
C HIS F 24 -24.01 -4.26 -5.95
N PRO F 25 -25.24 -4.66 -5.64
CA PRO F 25 -26.36 -4.37 -6.54
C PRO F 25 -26.65 -2.89 -6.63
N VAL F 26 -27.29 -2.50 -7.72
CA VAL F 26 -27.61 -1.09 -7.95
C VAL F 26 -28.97 -0.72 -7.36
N ARG F 27 -29.88 -1.67 -7.23
CA ARG F 27 -31.22 -1.43 -6.74
C ARG F 27 -31.50 -2.28 -5.50
N PRO F 28 -32.52 -1.93 -4.73
CA PRO F 28 -32.77 -2.67 -3.48
C PRO F 28 -33.03 -4.14 -3.73
N MET F 29 -32.65 -4.96 -2.75
CA MET F 29 -32.78 -6.40 -2.82
C MET F 29 -34.11 -6.89 -2.25
N ARG F 30 -35.01 -6.00 -1.86
CA ARG F 30 -36.33 -6.41 -1.40
C ARG F 30 -37.06 -7.13 -2.52
N LEU F 31 -37.54 -8.34 -2.23
CA LEU F 31 -38.11 -9.20 -3.25
C LEU F 31 -39.27 -9.99 -2.68
N GLU F 32 -40.28 -10.23 -3.53
CA GLU F 32 -41.34 -11.18 -3.23
C GLU F 32 -41.22 -12.46 -4.06
N SER F 33 -40.47 -12.43 -5.15
CA SER F 33 -40.12 -13.62 -5.90
C SER F 33 -38.85 -13.32 -6.68
N PHE F 34 -38.06 -14.36 -6.95
CA PHE F 34 -36.78 -14.14 -7.60
C PHE F 34 -36.35 -15.42 -8.30
N SER F 35 -35.38 -15.27 -9.19
CA SER F 35 -34.70 -16.38 -9.84
C SER F 35 -33.21 -16.06 -9.88
N ALA F 36 -32.39 -17.10 -9.82
CA ALA F 36 -30.94 -16.92 -9.77
C ALA F 36 -30.25 -18.13 -10.39
N CYS F 37 -29.41 -17.88 -11.39
CA CYS F 37 -28.62 -18.92 -12.04
C CYS F 37 -27.13 -18.67 -11.82
N ILE F 38 -26.32 -19.70 -12.09
CA ILE F 38 -24.87 -19.56 -11.99
C ILE F 38 -24.18 -20.75 -12.65
N TRP F 39 -22.94 -20.56 -13.09
CA TRP F 39 -22.08 -21.63 -13.59
C TRP F 39 -21.02 -21.94 -12.54
N VAL F 40 -20.81 -23.23 -12.26
CA VAL F 40 -19.82 -23.66 -11.28
C VAL F 40 -18.94 -24.74 -11.88
N LYS F 41 -17.69 -24.81 -11.39
CA LYS F 41 -16.74 -25.88 -11.71
C LYS F 41 -15.96 -26.16 -10.42
N ALA F 42 -16.43 -27.13 -9.65
CA ALA F 42 -15.90 -27.37 -8.32
C ALA F 42 -14.67 -28.26 -8.36
N THR F 43 -13.69 -27.93 -7.52
CA THR F 43 -12.47 -28.72 -7.38
C THR F 43 -12.62 -29.78 -6.29
N ASP F 44 -13.08 -29.38 -5.11
CA ASP F 44 -13.30 -30.29 -3.99
C ASP F 44 -14.53 -29.83 -3.24
N VAL F 45 -15.52 -30.72 -3.12
CA VAL F 45 -16.77 -30.41 -2.45
C VAL F 45 -16.74 -31.05 -1.08
N LEU F 46 -16.92 -30.24 -0.05
CA LEU F 46 -16.87 -30.66 1.33
C LEU F 46 -18.31 -30.78 1.83
N ASN F 47 -18.49 -30.97 3.14
CA ASN F 47 -19.84 -31.19 3.67
C ASN F 47 -20.76 -29.99 3.42
N LYS F 48 -20.20 -28.79 3.24
CA LYS F 48 -21.02 -27.62 2.95
C LYS F 48 -20.13 -26.58 2.27
N THR F 49 -20.34 -26.37 0.98
CA THR F 49 -19.55 -25.44 0.17
C THR F 49 -20.46 -24.34 -0.33
N ILE F 50 -20.29 -23.13 0.21
CA ILE F 50 -21.16 -22.01 -0.13
C ILE F 50 -20.86 -21.53 -1.53
N LEU F 51 -21.91 -21.38 -2.35
CA LEU F 51 -21.76 -20.75 -3.66
C LEU F 51 -22.07 -19.26 -3.57
N PHE F 52 -23.27 -18.90 -3.16
CA PHE F 52 -23.60 -17.51 -2.88
C PHE F 52 -24.57 -17.46 -1.71
N SER F 53 -24.55 -16.36 -0.98
CA SER F 53 -25.31 -16.23 0.25
C SER F 53 -25.73 -14.78 0.44
N TYR F 54 -27.00 -14.57 0.71
CA TYR F 54 -27.54 -13.25 1.04
C TYR F 54 -28.05 -13.28 2.48
N GLY F 55 -27.59 -12.35 3.29
CA GLY F 55 -27.99 -12.32 4.68
C GLY F 55 -27.99 -10.91 5.22
N THR F 56 -28.85 -10.68 6.21
CA THR F 56 -28.98 -9.39 6.88
C THR F 56 -28.49 -9.52 8.33
N LYS F 57 -28.58 -8.41 9.06
CA LYS F 57 -28.08 -8.40 10.43
C LYS F 57 -28.87 -9.33 11.32
N ARG F 58 -30.20 -9.31 11.23
CA ARG F 58 -31.03 -10.13 12.10
C ARG F 58 -31.12 -11.59 11.64
N ASN F 59 -30.80 -11.87 10.38
CA ASN F 59 -30.99 -13.19 9.79
C ASN F 59 -29.92 -13.40 8.74
N PRO F 60 -28.84 -14.13 9.04
CA PRO F 60 -27.79 -14.37 8.05
C PRO F 60 -28.14 -15.43 7.02
N TYR F 61 -29.36 -15.96 7.01
CA TYR F 61 -29.73 -17.08 6.17
C TYR F 61 -30.95 -16.76 5.32
N GLU F 62 -30.99 -15.54 4.78
CA GLU F 62 -32.14 -15.14 3.97
C GLU F 62 -32.23 -15.97 2.71
N ILE F 63 -31.15 -16.04 1.94
CA ILE F 63 -31.06 -16.85 0.74
C ILE F 63 -29.69 -17.49 0.72
N GLN F 64 -29.63 -18.77 0.37
CA GLN F 64 -28.36 -19.49 0.41
C GLN F 64 -28.43 -20.69 -0.52
N LEU F 65 -27.42 -20.82 -1.37
CA LEU F 65 -27.24 -21.98 -2.23
C LEU F 65 -25.86 -22.56 -1.97
N TYR F 66 -25.78 -23.87 -1.76
CA TYR F 66 -24.50 -24.49 -1.45
C TYR F 66 -24.56 -25.96 -1.85
N LEU F 67 -23.38 -26.59 -1.88
CA LEU F 67 -23.21 -27.99 -2.26
C LEU F 67 -22.77 -28.81 -1.06
N SER F 68 -23.28 -30.03 -0.98
CA SER F 68 -22.88 -30.98 0.07
C SER F 68 -22.69 -32.34 -0.57
N TYR F 69 -21.44 -32.72 -0.81
CA TYR F 69 -21.10 -33.96 -1.51
C TYR F 69 -21.76 -33.92 -2.88
N GLN F 70 -22.58 -34.89 -3.25
CA GLN F 70 -23.24 -34.90 -4.56
C GLN F 70 -24.68 -34.42 -4.49
N SER F 71 -24.95 -33.43 -3.62
CA SER F 71 -26.31 -32.92 -3.44
C SER F 71 -26.27 -31.39 -3.45
N ILE F 72 -27.39 -30.79 -3.84
CA ILE F 72 -27.54 -29.34 -3.91
C ILE F 72 -28.64 -28.93 -2.95
N VAL F 73 -28.34 -27.97 -2.08
CA VAL F 73 -29.28 -27.49 -1.07
C VAL F 73 -29.58 -26.03 -1.34
N PHE F 74 -30.86 -25.69 -1.45
CA PHE F 74 -31.33 -24.35 -1.71
C PHE F 74 -32.15 -23.89 -0.51
N VAL F 75 -31.77 -22.77 0.08
CA VAL F 75 -32.33 -22.31 1.35
C VAL F 75 -32.91 -20.92 1.18
N VAL F 76 -34.16 -20.73 1.59
CA VAL F 76 -34.82 -19.43 1.61
C VAL F 76 -35.47 -19.24 2.97
N GLY F 77 -35.16 -18.13 3.62
CA GLY F 77 -35.74 -17.82 4.91
C GLY F 77 -34.97 -18.27 6.12
N GLY F 78 -34.58 -19.54 6.15
CA GLY F 78 -33.83 -20.07 7.28
C GLY F 78 -33.44 -21.52 7.03
N GLU F 79 -32.74 -22.08 8.01
CA GLU F 79 -32.26 -23.46 7.89
C GLU F 79 -33.40 -24.45 7.75
N GLU F 80 -34.47 -24.28 8.54
CA GLU F 80 -35.56 -25.25 8.49
C GLU F 80 -36.20 -25.32 7.11
N ASN F 81 -36.07 -24.24 6.32
CA ASN F 81 -36.62 -24.19 4.96
C ASN F 81 -35.49 -24.48 3.98
N LYS F 82 -35.45 -25.70 3.45
CA LYS F 82 -34.43 -26.08 2.49
C LYS F 82 -34.99 -27.09 1.49
N LEU F 83 -34.50 -27.00 0.26
CA LEU F 83 -34.84 -27.93 -0.81
C LEU F 83 -33.57 -28.62 -1.26
N VAL F 84 -33.61 -29.95 -1.35
CA VAL F 84 -32.42 -30.75 -1.59
C VAL F 84 -32.60 -31.57 -2.87
N ALA F 85 -31.58 -31.54 -3.73
CA ALA F 85 -31.50 -32.39 -4.90
C ALA F 85 -30.37 -33.39 -4.70
N GLU F 86 -30.51 -34.56 -5.33
CA GLU F 86 -29.64 -35.70 -5.06
C GLU F 86 -28.84 -36.06 -6.31
N ALA F 87 -27.53 -36.24 -6.14
CA ALA F 87 -26.65 -36.78 -7.17
C ALA F 87 -26.74 -35.93 -8.46
N MET F 88 -26.29 -34.69 -8.33
CA MET F 88 -26.45 -33.73 -9.43
C MET F 88 -25.14 -33.06 -9.83
N VAL F 89 -24.24 -32.84 -8.88
CA VAL F 89 -23.04 -32.05 -9.11
C VAL F 89 -21.81 -32.96 -9.05
N SER F 90 -20.90 -32.74 -10.00
CA SER F 90 -19.63 -33.47 -10.07
C SER F 90 -18.48 -32.48 -9.94
N LEU F 91 -17.28 -33.01 -9.78
CA LEU F 91 -16.09 -32.19 -9.65
C LEU F 91 -15.38 -32.06 -10.99
N GLY F 92 -14.89 -30.85 -11.27
CA GLY F 92 -14.10 -30.62 -12.46
C GLY F 92 -14.87 -30.58 -13.75
N ARG F 93 -16.17 -30.28 -13.70
CA ARG F 93 -16.99 -30.16 -14.90
C ARG F 93 -17.92 -28.98 -14.74
N TRP F 94 -18.05 -28.18 -15.80
CA TRP F 94 -18.94 -27.03 -15.76
C TRP F 94 -20.39 -27.50 -15.70
N THR F 95 -21.15 -26.96 -14.75
CA THR F 95 -22.55 -27.30 -14.59
C THR F 95 -23.34 -26.04 -14.27
N HIS F 96 -24.58 -25.99 -14.75
CA HIS F 96 -25.45 -24.84 -14.60
C HIS F 96 -26.52 -25.15 -13.57
N LEU F 97 -26.66 -24.27 -12.58
CA LEU F 97 -27.68 -24.37 -11.55
C LEU F 97 -28.53 -23.12 -11.58
N CYS F 98 -29.83 -23.26 -11.37
CA CYS F 98 -30.70 -22.10 -11.29
C CYS F 98 -31.89 -22.41 -10.41
N GLY F 99 -32.19 -21.53 -9.47
CA GLY F 99 -33.26 -21.73 -8.51
C GLY F 99 -34.35 -20.68 -8.65
N THR F 100 -35.56 -21.07 -8.27
CA THR F 100 -36.75 -20.23 -8.43
C THR F 100 -37.50 -20.19 -7.11
N TRP F 101 -38.17 -19.06 -6.86
CA TRP F 101 -38.95 -18.93 -5.63
C TRP F 101 -40.11 -17.97 -5.86
N ASN F 102 -41.21 -18.23 -5.14
CA ASN F 102 -42.39 -17.38 -5.18
C ASN F 102 -42.96 -17.30 -3.77
N SER F 103 -43.12 -16.08 -3.26
CA SER F 103 -43.57 -15.89 -1.88
C SER F 103 -45.08 -16.01 -1.73
N GLU F 104 -45.83 -16.08 -2.84
CA GLU F 104 -47.28 -16.11 -2.74
C GLU F 104 -47.75 -17.33 -1.96
N GLU F 105 -47.27 -18.52 -2.32
CA GLU F 105 -47.53 -19.71 -1.51
C GLU F 105 -46.30 -20.62 -1.44
N GLY F 106 -45.11 -20.08 -1.66
CA GLY F 106 -43.88 -20.83 -1.49
C GLY F 106 -43.60 -21.90 -2.52
N LEU F 107 -43.78 -21.60 -3.80
CA LEU F 107 -43.28 -22.46 -4.85
C LEU F 107 -41.79 -22.22 -5.05
N THR F 108 -40.98 -23.24 -4.78
CA THR F 108 -39.55 -23.19 -5.00
C THR F 108 -39.16 -24.38 -5.86
N SER F 109 -38.08 -24.22 -6.62
CA SER F 109 -37.65 -25.26 -7.54
C SER F 109 -36.16 -25.16 -7.77
N LEU F 110 -35.58 -26.27 -8.23
CA LEU F 110 -34.17 -26.34 -8.60
C LEU F 110 -34.04 -27.00 -9.96
N TRP F 111 -33.23 -26.41 -10.83
CA TRP F 111 -32.92 -26.98 -12.14
C TRP F 111 -31.42 -27.18 -12.24
N VAL F 112 -31.01 -28.32 -12.78
CA VAL F 112 -29.61 -28.65 -12.98
C VAL F 112 -29.42 -28.99 -14.45
N ASN F 113 -28.56 -28.23 -15.12
CA ASN F 113 -28.30 -28.42 -16.55
C ASN F 113 -29.60 -28.39 -17.35
N GLY F 114 -30.48 -27.46 -16.98
CA GLY F 114 -31.70 -27.23 -17.73
C GLY F 114 -32.81 -28.22 -17.48
N GLU F 115 -32.68 -29.09 -16.49
CA GLU F 115 -33.68 -30.10 -16.19
C GLU F 115 -34.09 -29.99 -14.74
N LEU F 116 -35.40 -30.09 -14.48
CA LEU F 116 -35.90 -30.00 -13.12
C LEU F 116 -35.30 -31.10 -12.25
N ALA F 117 -34.81 -30.73 -11.08
CA ALA F 117 -34.20 -31.66 -10.16
C ALA F 117 -34.95 -31.78 -8.83
N ALA F 118 -35.68 -30.74 -8.41
CA ALA F 118 -36.42 -30.78 -7.17
C ALA F 118 -37.55 -29.77 -7.24
N THR F 119 -38.54 -29.95 -6.39
CA THR F 119 -39.65 -29.01 -6.31
C THR F 119 -40.44 -29.28 -5.03
N THR F 120 -40.93 -28.21 -4.42
CA THR F 120 -41.77 -28.31 -3.23
C THR F 120 -42.65 -27.07 -3.16
N VAL F 121 -43.63 -27.12 -2.25
CA VAL F 121 -44.60 -26.05 -2.10
C VAL F 121 -44.78 -25.76 -0.62
N GLU F 122 -45.28 -24.56 -0.33
CA GLU F 122 -45.49 -24.08 1.04
C GLU F 122 -44.17 -23.97 1.80
N MET F 123 -43.23 -23.23 1.21
CA MET F 123 -41.97 -22.88 1.87
C MET F 123 -41.93 -21.37 2.03
N ALA F 124 -41.77 -20.91 3.26
CA ALA F 124 -41.66 -19.49 3.56
C ALA F 124 -42.81 -18.70 2.94
N THR F 125 -44.02 -19.25 3.06
CA THR F 125 -45.20 -18.58 2.52
C THR F 125 -45.43 -17.24 3.21
N GLY F 126 -45.71 -16.22 2.42
CA GLY F 126 -45.93 -14.88 2.93
C GLY F 126 -44.68 -14.15 3.34
N HIS F 127 -43.51 -14.78 3.22
CA HIS F 127 -42.26 -14.17 3.62
C HIS F 127 -41.80 -13.18 2.56
N ILE F 128 -41.22 -12.07 3.00
CA ILE F 128 -40.63 -11.06 2.13
C ILE F 128 -39.16 -10.92 2.50
N VAL F 129 -38.29 -10.99 1.50
CA VAL F 129 -36.85 -10.86 1.75
C VAL F 129 -36.55 -9.40 2.06
N PRO F 130 -35.94 -9.10 3.21
CA PRO F 130 -35.68 -7.69 3.55
C PRO F 130 -34.61 -7.08 2.66
N GLU F 131 -34.29 -5.81 2.90
CA GLU F 131 -33.32 -5.07 2.12
C GLU F 131 -32.28 -4.46 3.03
N GLY F 132 -31.11 -4.19 2.46
CA GLY F 132 -30.00 -3.66 3.23
C GLY F 132 -29.01 -4.69 3.74
N GLY F 133 -29.02 -5.90 3.19
CA GLY F 133 -28.09 -6.93 3.60
C GLY F 133 -26.81 -6.92 2.77
N ILE F 134 -26.06 -8.00 2.89
CA ILE F 134 -24.79 -8.17 2.20
C ILE F 134 -24.87 -9.43 1.34
N LEU F 135 -24.47 -9.30 0.08
CA LEU F 135 -24.47 -10.41 -0.87
C LEU F 135 -23.02 -10.79 -1.17
N GLN F 136 -22.75 -12.10 -1.16
CA GLN F 136 -21.40 -12.60 -1.35
C GLN F 136 -21.44 -13.87 -2.19
N ILE F 137 -20.31 -14.21 -2.78
CA ILE F 137 -20.14 -15.45 -3.53
C ILE F 137 -18.95 -16.20 -2.95
N GLY F 138 -19.11 -17.50 -2.74
CA GLY F 138 -18.04 -18.35 -2.28
C GLY F 138 -17.78 -18.33 -0.79
N GLN F 139 -18.57 -17.59 -0.03
CA GLN F 139 -18.36 -17.48 1.42
C GLN F 139 -19.66 -17.03 2.06
N GLU F 140 -19.72 -17.15 3.38
CA GLU F 140 -20.88 -16.81 4.17
C GLU F 140 -20.62 -15.55 4.99
N LYS F 141 -21.70 -14.89 5.38
CA LYS F 141 -21.59 -13.65 6.14
C LYS F 141 -20.85 -13.89 7.45
N ASN F 142 -19.85 -13.05 7.71
CA ASN F 142 -19.02 -13.14 8.90
C ASN F 142 -18.03 -11.98 8.87
N GLY F 143 -17.37 -11.75 10.00
CA GLY F 143 -16.36 -10.71 10.05
C GLY F 143 -15.23 -11.00 9.09
N CYS F 144 -14.73 -9.94 8.44
CA CYS F 144 -13.73 -10.07 7.40
C CYS F 144 -12.53 -9.16 7.56
N CYS F 145 -12.69 -8.00 8.19
CA CYS F 145 -11.61 -7.03 8.36
C CYS F 145 -10.84 -7.22 9.66
N VAL F 146 -11.00 -8.38 10.30
CA VAL F 146 -10.27 -8.70 11.52
C VAL F 146 -9.10 -9.65 11.24
N GLY F 147 -8.61 -9.65 10.00
CA GLY F 147 -7.57 -10.58 9.60
C GLY F 147 -8.05 -11.95 9.21
N GLY F 148 -9.37 -12.13 9.09
CA GLY F 148 -9.93 -13.43 8.79
C GLY F 148 -11.33 -13.57 9.37
N GLY F 149 -11.54 -14.62 10.15
CA GLY F 149 -12.83 -14.90 10.76
C GLY F 149 -13.67 -15.85 9.96
N PHE F 150 -13.60 -15.78 8.64
CA PHE F 150 -14.36 -16.67 7.80
C PHE F 150 -14.00 -18.12 8.10
N ASP F 151 -15.03 -18.96 8.26
CA ASP F 151 -14.81 -20.38 8.48
C ASP F 151 -14.16 -21.00 7.25
N GLU F 152 -12.93 -21.48 7.43
CA GLU F 152 -12.18 -22.08 6.32
C GLU F 152 -12.87 -23.31 5.75
N THR F 153 -13.79 -23.92 6.50
CA THR F 153 -14.44 -25.15 6.05
C THR F 153 -15.50 -24.88 4.99
N LEU F 154 -16.22 -23.77 5.10
CA LEU F 154 -17.36 -23.50 4.23
C LEU F 154 -16.97 -22.83 2.91
N ALA F 155 -15.71 -22.39 2.78
CA ALA F 155 -15.32 -21.65 1.59
C ALA F 155 -15.38 -22.52 0.35
N PHE F 156 -15.10 -21.90 -0.79
CA PHE F 156 -15.25 -22.52 -2.10
C PHE F 156 -13.91 -22.49 -2.85
N SER F 157 -13.67 -23.53 -3.65
CA SER F 157 -12.46 -23.60 -4.46
C SER F 157 -12.85 -24.11 -5.85
N GLY F 158 -12.60 -23.30 -6.86
CA GLY F 158 -12.98 -23.61 -8.22
C GLY F 158 -13.15 -22.32 -9.01
N ARG F 159 -14.05 -22.39 -10.00
CA ARG F 159 -14.33 -21.25 -10.89
C ARG F 159 -15.82 -20.98 -10.93
N LEU F 160 -16.18 -19.70 -11.03
CA LEU F 160 -17.57 -19.27 -11.11
C LEU F 160 -17.73 -18.27 -12.24
N THR F 161 -18.90 -18.29 -12.88
CA THR F 161 -19.21 -17.31 -13.91
C THR F 161 -20.71 -17.29 -14.14
N GLY F 162 -21.18 -16.22 -14.79
CA GLY F 162 -22.58 -16.12 -15.17
C GLY F 162 -23.55 -16.02 -14.01
N PHE F 163 -23.24 -15.20 -13.01
CA PHE F 163 -24.10 -15.04 -11.85
C PHE F 163 -25.14 -13.96 -12.12
N ASN F 164 -26.39 -14.37 -12.28
CA ASN F 164 -27.49 -13.47 -12.59
C ASN F 164 -28.62 -13.66 -11.60
N ILE F 165 -29.33 -12.58 -11.30
CA ILE F 165 -30.50 -12.60 -10.44
C ILE F 165 -31.60 -11.78 -11.12
N TRP F 166 -32.78 -12.37 -11.25
CA TRP F 166 -33.95 -11.68 -11.76
C TRP F 166 -34.91 -11.38 -10.61
N ASP F 167 -35.81 -10.43 -10.84
CA ASP F 167 -36.80 -10.03 -9.84
C ASP F 167 -38.10 -10.80 -9.97
N SER F 168 -38.17 -11.78 -10.86
CA SER F 168 -39.39 -12.54 -11.09
C SER F 168 -39.02 -14.00 -11.30
N VAL F 169 -40.03 -14.83 -11.48
CA VAL F 169 -39.84 -16.27 -11.72
C VAL F 169 -39.75 -16.48 -13.23
N LEU F 170 -38.57 -16.87 -13.70
CA LEU F 170 -38.40 -17.14 -15.12
C LEU F 170 -39.24 -18.34 -15.54
N SER F 171 -39.81 -18.26 -16.73
CA SER F 171 -40.58 -19.38 -17.26
C SER F 171 -39.65 -20.52 -17.66
N ASN F 172 -40.26 -21.66 -17.99
CA ASN F 172 -39.46 -22.82 -18.38
C ASN F 172 -38.63 -22.53 -19.62
N GLU F 173 -39.22 -21.83 -20.61
CA GLU F 173 -38.48 -21.52 -21.83
C GLU F 173 -37.28 -20.65 -21.52
N GLU F 174 -37.46 -19.62 -20.68
CA GLU F 174 -36.34 -18.77 -20.30
C GLU F 174 -35.28 -19.56 -19.55
N ILE F 175 -35.69 -20.48 -18.68
CA ILE F 175 -34.72 -21.24 -17.91
C ILE F 175 -33.89 -22.14 -18.81
N ARG F 176 -34.52 -22.81 -19.77
CA ARG F 176 -33.73 -23.60 -20.71
C ARG F 176 -32.88 -22.73 -21.61
N GLU F 177 -33.33 -21.52 -21.93
CA GLU F 177 -32.52 -20.60 -22.72
C GLU F 177 -31.25 -20.19 -21.97
N THR F 178 -31.38 -19.92 -20.67
CA THR F 178 -30.25 -19.38 -19.91
C THR F 178 -29.08 -20.34 -19.83
N GLY F 179 -29.31 -21.64 -20.01
CA GLY F 179 -28.25 -22.63 -19.99
C GLY F 179 -27.76 -23.05 -21.36
N GLY F 180 -28.08 -22.31 -22.42
CA GLY F 180 -27.73 -22.69 -23.77
C GLY F 180 -26.31 -22.33 -24.12
N ALA F 181 -25.99 -22.52 -25.39
CA ALA F 181 -24.66 -22.24 -25.92
C ALA F 181 -24.47 -20.79 -26.33
N GLU F 182 -25.52 -19.98 -26.26
CA GLU F 182 -25.45 -18.54 -26.55
C GLU F 182 -26.20 -17.77 -25.47
N SER F 183 -25.90 -18.09 -24.22
CA SER F 183 -26.66 -17.57 -23.08
C SER F 183 -25.94 -16.49 -22.30
N CYS F 184 -24.64 -16.27 -22.52
CA CYS F 184 -23.92 -15.33 -21.68
C CYS F 184 -24.33 -13.89 -21.91
N HIS F 185 -25.11 -13.60 -22.96
CA HIS F 185 -25.64 -12.26 -23.17
C HIS F 185 -27.01 -12.07 -22.51
N ILE F 186 -27.56 -13.10 -21.89
CA ILE F 186 -28.82 -12.99 -21.15
C ILE F 186 -28.44 -12.72 -19.70
N ARG F 187 -28.61 -11.48 -19.26
CA ARG F 187 -28.25 -11.08 -17.91
C ARG F 187 -29.47 -10.56 -17.17
N GLY F 188 -29.50 -10.80 -15.86
CA GLY F 188 -30.61 -10.39 -15.05
C GLY F 188 -30.56 -8.92 -14.70
N ASN F 189 -31.62 -8.44 -14.04
CA ASN F 189 -31.74 -7.03 -13.77
C ASN F 189 -31.24 -6.65 -12.37
N ILE F 190 -31.60 -7.42 -11.35
CA ILE F 190 -31.09 -7.14 -10.00
C ILE F 190 -29.57 -7.29 -9.97
N VAL F 191 -29.06 -8.36 -10.58
CA VAL F 191 -27.63 -8.59 -10.71
C VAL F 191 -27.38 -9.11 -12.12
N GLY F 192 -26.36 -8.59 -12.77
CA GLY F 192 -26.01 -9.02 -14.11
C GLY F 192 -24.52 -9.21 -14.24
N TRP F 193 -24.13 -10.28 -14.94
CA TRP F 193 -22.73 -10.60 -15.12
C TRP F 193 -22.12 -9.65 -16.15
N GLY F 194 -21.07 -8.93 -15.73
CA GLY F 194 -20.43 -7.96 -16.59
C GLY F 194 -20.96 -6.56 -16.47
N VAL F 195 -22.06 -6.35 -15.75
CA VAL F 195 -22.64 -5.04 -15.52
C VAL F 195 -22.57 -4.65 -14.05
N THR F 196 -22.79 -5.60 -13.15
CA THR F 196 -22.77 -5.33 -11.72
C THR F 196 -21.35 -5.42 -11.18
N GLU F 197 -21.09 -4.68 -10.11
CA GLU F 197 -19.78 -4.65 -9.49
C GLU F 197 -19.58 -5.89 -8.65
N ILE F 198 -18.51 -6.64 -8.92
CA ILE F 198 -18.10 -7.79 -8.13
C ILE F 198 -16.62 -7.64 -7.82
N GLN F 199 -16.29 -7.63 -6.54
CA GLN F 199 -14.92 -7.34 -6.08
C GLN F 199 -14.30 -8.56 -5.42
N PRO F 200 -13.48 -9.34 -6.11
CA PRO F 200 -12.80 -10.46 -5.45
C PRO F 200 -11.87 -9.96 -4.37
N HIS F 201 -11.77 -10.75 -3.29
CA HIS F 201 -10.97 -10.39 -2.13
C HIS F 201 -10.14 -11.59 -1.68
N GLY F 202 -9.03 -11.31 -1.02
CA GLY F 202 -8.30 -12.32 -0.29
C GLY F 202 -7.60 -13.37 -1.13
N GLY F 203 -7.55 -13.20 -2.45
CA GLY F 203 -6.85 -14.17 -3.28
C GLY F 203 -7.61 -14.57 -4.52
N ALA F 204 -8.89 -14.21 -4.60
CA ALA F 204 -9.66 -14.47 -5.80
C ALA F 204 -9.21 -13.56 -6.94
N GLN F 205 -9.30 -14.06 -8.16
CA GLN F 205 -8.73 -13.40 -9.32
C GLN F 205 -9.69 -13.44 -10.49
N TYR F 206 -9.65 -12.40 -11.32
CA TYR F 206 -10.33 -12.42 -12.61
C TYR F 206 -9.44 -13.13 -13.62
N VAL F 207 -10.00 -14.08 -14.36
CA VAL F 207 -9.24 -14.87 -15.32
C VAL F 207 -9.74 -14.62 -16.73
N SER F 208 -10.16 -13.40 -17.01
CA SER F 208 -10.53 -12.98 -18.36
C SER F 208 -9.57 -13.55 -19.40
N TRP G 1 -9.27 -12.52 -28.94
CA TRP G 1 -9.21 -11.97 -30.29
C TRP G 1 -9.43 -10.46 -30.25
N LEU G 2 -8.63 -9.74 -31.02
CA LEU G 2 -8.66 -8.29 -31.08
C LEU G 2 -8.69 -7.85 -32.54
N PRO G 3 -9.17 -6.64 -32.81
CA PRO G 3 -9.40 -6.22 -34.20
C PRO G 3 -8.22 -5.51 -34.84
N ALA G 4 -8.09 -5.73 -36.15
CA ALA G 4 -7.11 -5.04 -36.98
C ALA G 4 -5.67 -5.33 -36.56
N GLY G 5 -5.44 -6.49 -35.96
CA GLY G 5 -4.10 -6.85 -35.56
C GLY G 5 -3.56 -6.10 -34.36
N CYS G 6 -4.44 -5.53 -33.54
CA CYS G 6 -4.00 -4.90 -32.30
C CYS G 6 -3.73 -5.96 -31.25
N GLU G 7 -2.71 -5.70 -30.43
CA GLU G 7 -2.20 -6.69 -29.48
C GLU G 7 -2.39 -6.27 -28.03
N THR G 8 -3.19 -5.24 -27.76
CA THR G 8 -3.46 -4.81 -26.40
C THR G 8 -4.83 -4.15 -26.36
N ALA G 9 -5.46 -4.19 -25.20
CA ALA G 9 -6.77 -3.61 -24.99
C ALA G 9 -6.91 -3.26 -23.51
N ILE G 10 -8.02 -2.63 -23.17
CA ILE G 10 -8.36 -2.31 -21.80
C ILE G 10 -9.74 -2.87 -21.50
N LEU G 11 -9.87 -3.54 -20.36
CA LEU G 11 -11.10 -4.23 -19.98
C LEU G 11 -11.80 -3.45 -18.88
N PHE G 12 -13.11 -3.24 -19.05
CA PHE G 12 -13.99 -2.67 -18.04
C PHE G 12 -14.95 -3.76 -17.60
N PRO G 13 -14.61 -4.58 -16.59
CA PRO G 13 -15.48 -5.72 -16.26
C PRO G 13 -16.83 -5.31 -15.73
N MET G 14 -16.99 -4.07 -15.30
CA MET G 14 -18.19 -3.61 -14.62
C MET G 14 -18.30 -2.11 -14.82
N ARG G 15 -19.46 -1.56 -14.50
CA ARG G 15 -19.63 -0.12 -14.42
C ARG G 15 -19.97 0.23 -12.98
N SER G 16 -18.94 0.52 -12.21
CA SER G 16 -19.03 0.96 -10.83
C SER G 16 -18.91 2.49 -10.77
N LYS G 17 -18.75 3.02 -9.57
CA LYS G 17 -18.59 4.46 -9.35
C LYS G 17 -17.13 4.88 -9.28
N LYS G 18 -16.20 4.01 -9.66
CA LYS G 18 -14.78 4.34 -9.57
C LYS G 18 -13.96 3.91 -10.77
N ILE G 19 -14.57 3.38 -11.82
CA ILE G 19 -13.84 2.79 -12.93
C ILE G 19 -13.70 3.83 -14.03
N PHE G 20 -12.47 4.02 -14.52
CA PHE G 20 -12.19 4.92 -15.63
C PHE G 20 -10.72 4.79 -15.97
N GLY G 21 -10.33 5.41 -17.08
CA GLY G 21 -8.95 5.49 -17.48
C GLY G 21 -8.58 6.88 -17.94
N SER G 22 -7.39 7.36 -17.57
CA SER G 22 -6.99 8.73 -17.83
C SER G 22 -5.86 8.76 -18.85
N VAL G 23 -5.89 9.76 -19.73
CA VAL G 23 -4.91 9.93 -20.79
C VAL G 23 -4.10 11.19 -20.50
N HIS G 24 -2.79 11.10 -20.72
CA HIS G 24 -1.85 12.20 -20.46
C HIS G 24 -1.13 12.54 -21.75
N PRO G 25 -1.66 13.46 -22.55
CA PRO G 25 -0.99 13.82 -23.81
C PRO G 25 0.36 14.51 -23.54
N VAL G 26 1.28 14.31 -24.48
CA VAL G 26 2.60 14.93 -24.36
C VAL G 26 2.52 16.42 -24.65
N ARG G 27 1.75 16.80 -25.66
CA ARG G 27 1.69 18.18 -26.13
C ARG G 27 0.33 18.81 -25.86
N PRO G 28 0.23 20.13 -25.95
CA PRO G 28 -1.03 20.81 -25.60
C PRO G 28 -2.20 20.34 -26.45
N MET G 29 -3.39 20.41 -25.86
CA MET G 29 -4.62 19.98 -26.52
C MET G 29 -5.37 21.13 -27.19
N ARG G 30 -4.74 22.30 -27.32
CA ARG G 30 -5.37 23.41 -28.04
C ARG G 30 -5.45 23.05 -29.52
N LEU G 31 -6.67 23.01 -30.06
CA LEU G 31 -6.92 22.49 -31.39
C LEU G 31 -7.82 23.43 -32.18
N GLU G 32 -7.49 23.59 -33.47
CA GLU G 32 -8.38 24.23 -34.43
C GLU G 32 -9.25 23.21 -35.14
N SER G 33 -8.69 22.04 -35.44
CA SER G 33 -9.45 20.93 -35.99
C SER G 33 -8.80 19.65 -35.50
N PHE G 34 -9.58 18.57 -35.50
CA PHE G 34 -9.07 17.32 -34.97
C PHE G 34 -9.84 16.16 -35.59
N SER G 35 -9.27 14.96 -35.43
CA SER G 35 -9.90 13.71 -35.78
C SER G 35 -9.51 12.68 -34.73
N ALA G 36 -10.47 11.88 -34.29
CA ALA G 36 -10.24 10.95 -33.19
C ALA G 36 -11.00 9.66 -33.45
N CYS G 37 -10.27 8.54 -33.56
CA CYS G 37 -10.86 7.24 -33.81
C CYS G 37 -10.56 6.28 -32.67
N ILE G 38 -11.38 5.22 -32.57
CA ILE G 38 -11.29 4.26 -31.49
C ILE G 38 -11.98 2.98 -31.92
N TRP G 39 -11.57 1.86 -31.31
CA TRP G 39 -12.24 0.58 -31.44
C TRP G 39 -13.02 0.28 -30.17
N VAL G 40 -14.26 -0.18 -30.32
CA VAL G 40 -15.14 -0.42 -29.17
C VAL G 40 -15.88 -1.74 -29.35
N LYS G 41 -16.17 -2.39 -28.23
CA LYS G 41 -16.98 -3.61 -28.18
C LYS G 41 -17.81 -3.55 -26.90
N ALA G 42 -19.05 -3.09 -27.02
CA ALA G 42 -19.88 -2.79 -25.86
C ALA G 42 -20.62 -4.02 -25.36
N THR G 43 -20.85 -4.06 -24.05
CA THR G 43 -21.58 -5.15 -23.40
C THR G 43 -23.02 -4.76 -23.10
N ASP G 44 -23.25 -3.56 -22.58
CA ASP G 44 -24.59 -3.06 -22.32
C ASP G 44 -24.57 -1.55 -22.49
N VAL G 45 -25.57 -1.02 -23.19
CA VAL G 45 -25.65 0.40 -23.51
C VAL G 45 -26.89 0.98 -22.86
N LEU G 46 -26.69 2.00 -22.03
CA LEU G 46 -27.76 2.67 -21.30
C LEU G 46 -28.20 3.93 -22.05
N ASN G 47 -28.96 4.77 -21.35
CA ASN G 47 -29.40 6.05 -21.91
C ASN G 47 -28.23 6.87 -22.45
N LYS G 48 -27.06 6.78 -21.83
CA LYS G 48 -25.89 7.53 -22.27
C LYS G 48 -24.65 6.86 -21.72
N THR G 49 -23.79 6.34 -22.60
CA THR G 49 -22.60 5.59 -22.21
C THR G 49 -21.36 6.30 -22.77
N ILE G 50 -20.56 6.88 -21.88
CA ILE G 50 -19.43 7.70 -22.30
C ILE G 50 -18.31 6.80 -22.82
N LEU G 51 -17.78 7.13 -24.00
CA LEU G 51 -16.59 6.47 -24.51
C LEU G 51 -15.33 7.25 -24.15
N PHE G 52 -15.24 8.50 -24.59
CA PHE G 52 -14.17 9.39 -24.15
C PHE G 52 -14.72 10.80 -24.05
N SER G 53 -14.10 11.60 -23.19
CA SER G 53 -14.61 12.93 -22.88
C SER G 53 -13.44 13.84 -22.54
N TYR G 54 -13.44 15.03 -23.14
CA TYR G 54 -12.46 16.06 -22.83
C TYR G 54 -13.20 17.30 -22.31
N GLY G 55 -12.76 17.79 -21.16
CA GLY G 55 -13.42 18.94 -20.57
C GLY G 55 -12.47 19.74 -19.70
N THR G 56 -12.73 21.03 -19.61
CA THR G 56 -11.95 21.95 -18.79
C THR G 56 -12.74 22.31 -17.53
N LYS G 57 -12.17 23.19 -16.72
CA LYS G 57 -12.82 23.59 -15.48
C LYS G 57 -14.11 24.35 -15.75
N ARG G 58 -14.08 25.30 -16.69
CA ARG G 58 -15.28 26.09 -16.97
C ARG G 58 -16.30 25.27 -17.75
N ASN G 59 -15.85 24.54 -18.77
CA ASN G 59 -16.73 23.81 -19.68
C ASN G 59 -16.41 22.32 -19.65
N PRO G 60 -17.19 21.49 -18.97
CA PRO G 60 -16.92 20.05 -18.95
C PRO G 60 -17.28 19.31 -20.23
N TYR G 61 -17.81 20.00 -21.24
CA TYR G 61 -18.36 19.39 -22.44
C TYR G 61 -17.66 19.89 -23.69
N GLU G 62 -16.33 20.00 -23.65
CA GLU G 62 -15.61 20.49 -24.81
C GLU G 62 -15.70 19.51 -25.97
N ILE G 63 -15.39 18.24 -25.72
CA ILE G 63 -15.51 17.19 -26.73
C ILE G 63 -16.04 15.95 -26.02
N GLN G 64 -16.99 15.26 -26.66
CA GLN G 64 -17.60 14.11 -26.04
C GLN G 64 -18.16 13.18 -27.11
N LEU G 65 -17.84 11.90 -26.99
CA LEU G 65 -18.40 10.85 -27.82
C LEU G 65 -19.02 9.81 -26.91
N TYR G 66 -20.26 9.43 -27.17
CA TYR G 66 -20.95 8.47 -26.33
C TYR G 66 -22.04 7.77 -27.15
N LEU G 67 -22.54 6.67 -26.60
CA LEU G 67 -23.56 5.85 -27.24
C LEU G 67 -24.86 5.94 -26.44
N SER G 68 -25.98 5.97 -27.15
CA SER G 68 -27.31 5.96 -26.53
C SER G 68 -28.17 4.97 -27.31
N TYR G 69 -28.39 3.79 -26.74
CA TYR G 69 -29.11 2.70 -27.39
C TYR G 69 -28.38 2.37 -28.68
N GLN G 70 -29.03 2.42 -29.85
CA GLN G 70 -28.39 2.08 -31.12
C GLN G 70 -27.91 3.31 -31.88
N SER G 71 -27.53 4.41 -31.21
CA SER G 71 -27.17 5.67 -31.85
C SER G 71 -25.85 6.11 -31.34
N ILE G 72 -25.09 6.93 -32.09
CA ILE G 72 -23.82 7.48 -31.66
C ILE G 72 -23.96 8.97 -31.65
N VAL G 73 -23.69 9.65 -30.55
CA VAL G 73 -23.80 11.10 -30.40
C VAL G 73 -22.41 11.68 -30.25
N PHE G 74 -22.10 12.69 -31.06
CA PHE G 74 -20.80 13.36 -31.07
C PHE G 74 -21.02 14.82 -30.71
N VAL G 75 -20.32 15.29 -29.68
CA VAL G 75 -20.56 16.60 -29.09
C VAL G 75 -19.27 17.40 -29.12
N VAL G 76 -19.36 18.65 -29.58
CA VAL G 76 -18.22 19.56 -29.61
C VAL G 76 -18.69 20.93 -29.14
N GLY G 77 -18.20 21.37 -27.98
CA GLY G 77 -18.46 22.69 -27.47
C GLY G 77 -19.59 22.79 -26.47
N GLY G 78 -20.50 21.83 -26.46
CA GLY G 78 -21.62 21.87 -25.53
C GLY G 78 -22.73 20.94 -25.97
N GLU G 79 -23.76 20.87 -25.13
CA GLU G 79 -24.88 19.97 -25.41
C GLU G 79 -25.60 20.37 -26.68
N GLU G 80 -25.85 21.66 -26.86
CA GLU G 80 -26.64 22.11 -28.00
C GLU G 80 -26.00 21.70 -29.32
N ASN G 81 -24.67 21.55 -29.34
CA ASN G 81 -23.93 21.15 -30.53
C ASN G 81 -23.72 19.65 -30.45
N LYS G 82 -24.50 18.89 -31.21
CA LYS G 82 -24.36 17.44 -31.23
C LYS G 82 -24.76 16.90 -32.60
N LEU G 83 -24.06 15.85 -33.02
CA LEU G 83 -24.35 15.14 -34.25
C LEU G 83 -24.70 13.70 -33.90
N VAL G 84 -25.78 13.18 -34.47
CA VAL G 84 -26.37 11.92 -34.06
C VAL G 84 -26.42 10.97 -35.25
N ALA G 85 -25.93 9.75 -35.05
CA ALA G 85 -26.12 8.65 -35.98
C ALA G 85 -27.28 7.78 -35.49
N GLU G 86 -28.01 7.20 -36.45
CA GLU G 86 -29.34 6.68 -36.14
C GLU G 86 -29.31 5.27 -35.53
N ALA G 87 -28.86 4.29 -36.30
CA ALA G 87 -29.01 2.88 -35.91
C ALA G 87 -27.76 2.08 -36.25
N MET G 88 -26.59 2.61 -35.88
CA MET G 88 -25.33 2.08 -36.38
C MET G 88 -24.37 1.72 -35.25
N VAL G 89 -24.87 0.98 -34.26
CA VAL G 89 -24.00 0.41 -33.23
C VAL G 89 -24.70 -0.79 -32.62
N SER G 90 -23.92 -1.80 -32.23
CA SER G 90 -24.46 -3.03 -31.67
C SER G 90 -23.75 -3.39 -30.37
N LEU G 91 -24.01 -4.59 -29.85
CA LEU G 91 -23.41 -5.07 -28.62
C LEU G 91 -22.64 -6.36 -28.89
N GLY G 92 -21.47 -6.48 -28.28
CA GLY G 92 -20.68 -7.69 -28.39
C GLY G 92 -19.99 -7.89 -29.71
N ARG G 93 -19.80 -6.83 -30.49
CA ARG G 93 -19.11 -6.91 -31.77
C ARG G 93 -18.18 -5.72 -31.90
N TRP G 94 -16.94 -5.98 -32.32
CA TRP G 94 -15.98 -4.90 -32.51
C TRP G 94 -16.45 -3.99 -33.62
N THR G 95 -16.37 -2.68 -33.40
CA THR G 95 -16.79 -1.70 -34.40
C THR G 95 -15.89 -0.48 -34.31
N HIS G 96 -15.57 0.08 -35.46
CA HIS G 96 -14.72 1.26 -35.56
C HIS G 96 -15.59 2.51 -35.74
N LEU G 97 -15.27 3.56 -34.98
CA LEU G 97 -15.96 4.80 -34.99
C LEU G 97 -15.00 5.96 -35.07
N CYS G 98 -14.93 6.67 -36.20
CA CYS G 98 -14.10 7.86 -36.32
C CYS G 98 -14.98 9.09 -36.44
N GLY G 99 -14.51 10.29 -36.09
CA GLY G 99 -15.25 11.54 -36.37
C GLY G 99 -14.44 12.80 -36.54
N THR G 100 -14.62 13.66 -37.60
CA THR G 100 -13.72 14.80 -37.70
C THR G 100 -14.47 16.10 -37.39
N TRP G 101 -13.70 17.16 -37.19
CA TRP G 101 -14.27 18.47 -36.91
C TRP G 101 -13.34 19.56 -37.45
N ASN G 102 -13.94 20.58 -38.04
CA ASN G 102 -13.21 21.74 -38.54
C ASN G 102 -13.81 23.00 -37.93
N SER G 103 -12.95 23.86 -37.38
CA SER G 103 -13.40 25.07 -36.73
C SER G 103 -13.59 26.24 -37.68
N GLU G 104 -13.17 26.11 -38.94
CA GLU G 104 -13.25 27.23 -39.87
C GLU G 104 -14.70 27.66 -40.07
N GLU G 105 -15.60 26.71 -40.32
CA GLU G 105 -17.02 27.01 -40.38
C GLU G 105 -17.88 25.92 -39.75
N GLY G 106 -17.29 24.88 -39.16
CA GLY G 106 -18.05 23.90 -38.43
C GLY G 106 -18.45 22.67 -39.22
N LEU G 107 -17.52 22.12 -40.00
CA LEU G 107 -17.75 20.83 -40.66
C LEU G 107 -17.42 19.71 -39.69
N THR G 108 -18.44 18.95 -39.30
CA THR G 108 -18.27 17.78 -38.46
C THR G 108 -18.89 16.58 -39.17
N SER G 109 -18.38 15.40 -38.85
CA SER G 109 -18.86 14.19 -39.51
C SER G 109 -18.64 12.99 -38.60
N LEU G 110 -19.32 11.90 -38.90
CA LEU G 110 -19.14 10.63 -38.21
C LEU G 110 -19.05 9.50 -39.22
N TRP G 111 -18.09 8.61 -39.01
CA TRP G 111 -17.91 7.42 -39.83
C TRP G 111 -18.01 6.21 -38.93
N VAL G 112 -18.72 5.18 -39.40
CA VAL G 112 -18.89 3.93 -38.66
C VAL G 112 -18.47 2.79 -39.57
N ASN G 113 -17.45 2.05 -39.16
CA ASN G 113 -16.92 0.94 -39.96
C ASN G 113 -16.52 1.44 -41.35
N GLY G 114 -15.90 2.61 -41.40
CA GLY G 114 -15.37 3.14 -42.63
C GLY G 114 -16.38 3.74 -43.58
N GLU G 115 -17.61 3.95 -43.14
CA GLU G 115 -18.67 4.50 -43.98
C GLU G 115 -19.29 5.70 -43.29
N LEU G 116 -19.54 6.75 -44.08
CA LEU G 116 -20.14 7.97 -43.53
C LEU G 116 -21.51 7.65 -42.95
N ALA G 117 -21.76 8.13 -41.74
CA ALA G 117 -23.02 7.93 -41.05
C ALA G 117 -23.78 9.21 -40.76
N ALA G 118 -23.09 10.33 -40.61
CA ALA G 118 -23.75 11.60 -40.33
C ALA G 118 -22.84 12.72 -40.80
N THR G 119 -23.44 13.90 -40.99
CA THR G 119 -22.68 15.08 -41.37
C THR G 119 -23.56 16.31 -41.19
N THR G 120 -22.93 17.40 -40.76
CA THR G 120 -23.64 18.67 -40.61
C THR G 120 -22.61 19.79 -40.74
N VAL G 121 -23.12 21.02 -40.87
CA VAL G 121 -22.28 22.19 -41.05
C VAL G 121 -22.75 23.28 -40.10
N GLU G 122 -21.85 24.25 -39.86
CA GLU G 122 -22.13 25.39 -38.98
C GLU G 122 -22.38 24.92 -37.55
N MET G 123 -21.42 24.17 -37.02
CA MET G 123 -21.43 23.74 -35.63
C MET G 123 -20.20 24.31 -34.95
N ALA G 124 -20.42 25.09 -33.88
CA ALA G 124 -19.32 25.68 -33.11
C ALA G 124 -18.35 26.42 -34.03
N THR G 125 -18.90 27.19 -34.97
CA THR G 125 -18.07 27.95 -35.90
C THR G 125 -17.25 28.98 -35.14
N GLY G 126 -15.96 29.07 -35.49
CA GLY G 126 -15.06 30.00 -34.84
C GLY G 126 -14.61 29.58 -33.47
N HIS G 127 -15.09 28.44 -32.97
CA HIS G 127 -14.71 27.97 -31.64
C HIS G 127 -13.31 27.37 -31.67
N ILE G 128 -12.58 27.57 -30.57
CA ILE G 128 -11.26 26.99 -30.38
C ILE G 128 -11.29 26.19 -29.08
N VAL G 129 -10.84 24.95 -29.15
CA VAL G 129 -10.82 24.09 -27.96
C VAL G 129 -9.72 24.57 -27.03
N PRO G 130 -10.02 24.92 -25.78
CA PRO G 130 -8.97 25.40 -24.88
C PRO G 130 -7.97 24.31 -24.51
N GLU G 131 -7.00 24.66 -23.69
CA GLU G 131 -5.94 23.74 -23.28
C GLU G 131 -5.86 23.72 -21.76
N GLY G 132 -5.29 22.64 -21.24
CA GLY G 132 -5.18 22.46 -19.81
C GLY G 132 -6.33 21.71 -19.17
N GLY G 133 -7.10 20.96 -19.95
CA GLY G 133 -8.20 20.18 -19.43
C GLY G 133 -7.77 18.77 -19.05
N ILE G 134 -8.77 17.92 -18.86
CA ILE G 134 -8.58 16.54 -18.46
C ILE G 134 -9.23 15.65 -19.50
N LEU G 135 -8.49 14.64 -19.96
CA LEU G 135 -8.96 13.68 -20.96
C LEU G 135 -9.13 12.32 -20.30
N GLN G 136 -10.26 11.67 -20.57
CA GLN G 136 -10.59 10.40 -19.96
C GLN G 136 -11.28 9.49 -20.97
N ILE G 137 -11.28 8.20 -20.68
CA ILE G 137 -11.99 7.22 -21.48
C ILE G 137 -12.91 6.43 -20.56
N GLY G 138 -14.14 6.21 -21.00
CA GLY G 138 -15.10 5.40 -20.27
C GLY G 138 -15.81 6.11 -19.14
N GLN G 139 -15.56 7.39 -18.94
CA GLN G 139 -16.17 8.12 -17.83
C GLN G 139 -16.09 9.60 -18.12
N GLU G 140 -16.79 10.38 -17.31
CA GLU G 140 -16.82 11.84 -17.42
C GLU G 140 -16.30 12.45 -16.13
N LYS G 141 -15.67 13.61 -16.25
CA LYS G 141 -14.95 14.19 -15.11
C LYS G 141 -15.94 14.62 -14.04
N ASN G 142 -15.84 13.99 -12.86
CA ASN G 142 -16.65 14.37 -11.72
C ASN G 142 -15.81 14.51 -10.45
N GLY G 143 -14.76 13.71 -10.33
CA GLY G 143 -13.92 13.71 -9.15
C GLY G 143 -13.54 12.31 -8.71
N CYS G 144 -12.24 12.08 -8.49
CA CYS G 144 -11.71 10.76 -8.18
C CYS G 144 -11.30 10.59 -6.72
N CYS G 145 -11.50 11.61 -5.88
CA CYS G 145 -11.11 11.56 -4.48
C CYS G 145 -12.25 12.05 -3.59
N VAL G 146 -13.46 11.58 -3.89
CA VAL G 146 -14.66 11.94 -3.14
C VAL G 146 -15.30 10.65 -2.63
N GLY G 147 -14.49 9.61 -2.42
CA GLY G 147 -15.01 8.30 -2.13
C GLY G 147 -15.83 7.80 -3.30
N GLY G 148 -15.29 7.94 -4.51
CA GLY G 148 -16.02 7.67 -5.73
C GLY G 148 -16.41 8.95 -6.44
N GLY G 149 -17.71 9.19 -6.58
CA GLY G 149 -18.23 10.41 -7.17
C GLY G 149 -18.80 10.23 -8.55
N PHE G 150 -18.14 9.45 -9.40
CA PHE G 150 -18.62 9.27 -10.77
C PHE G 150 -20.02 8.67 -10.78
N ASP G 151 -20.87 9.18 -11.66
CA ASP G 151 -22.20 8.62 -11.84
C ASP G 151 -22.10 7.26 -12.50
N GLU G 152 -22.61 6.23 -11.84
CA GLU G 152 -22.52 4.88 -12.38
C GLU G 152 -23.30 4.72 -13.68
N THR G 153 -24.32 5.55 -13.91
CA THR G 153 -25.16 5.37 -15.09
C THR G 153 -24.37 5.61 -16.37
N LEU G 154 -23.47 6.61 -16.37
CA LEU G 154 -22.77 7.01 -17.57
C LEU G 154 -21.53 6.17 -17.86
N ALA G 155 -21.09 5.33 -16.93
CA ALA G 155 -19.86 4.58 -17.11
C ALA G 155 -19.99 3.58 -18.25
N PHE G 156 -18.89 2.92 -18.56
CA PHE G 156 -18.77 2.04 -19.70
C PHE G 156 -18.37 0.64 -19.24
N SER G 157 -18.85 -0.37 -19.95
CA SER G 157 -18.50 -1.76 -19.67
C SER G 157 -18.26 -2.48 -21.00
N GLY G 158 -17.06 -2.98 -21.18
CA GLY G 158 -16.66 -3.62 -22.42
C GLY G 158 -15.16 -3.50 -22.61
N ARG G 159 -14.75 -3.48 -23.88
CA ARG G 159 -13.34 -3.41 -24.24
C ARG G 159 -13.11 -2.25 -25.20
N LEU G 160 -11.96 -1.60 -25.05
CA LEU G 160 -11.56 -0.47 -25.90
C LEU G 160 -10.13 -0.67 -26.37
N THR G 161 -9.84 -0.20 -27.57
CA THR G 161 -8.49 -0.24 -28.10
C THR G 161 -8.36 0.73 -29.26
N GLY G 162 -7.12 1.05 -29.63
CA GLY G 162 -6.86 1.86 -30.80
C GLY G 162 -7.35 3.30 -30.70
N PHE G 163 -7.12 3.95 -29.57
CA PHE G 163 -7.58 5.32 -29.36
C PHE G 163 -6.51 6.29 -29.86
N ASN G 164 -6.79 6.96 -30.97
CA ASN G 164 -5.87 7.90 -31.59
C ASN G 164 -6.56 9.23 -31.81
N ILE G 165 -5.78 10.30 -31.72
CA ILE G 165 -6.24 11.66 -31.99
C ILE G 165 -5.22 12.34 -32.88
N TRP G 166 -5.69 12.93 -33.98
CA TRP G 166 -4.85 13.73 -34.87
C TRP G 166 -5.18 15.21 -34.69
N ASP G 167 -4.27 16.05 -35.17
CA ASP G 167 -4.45 17.50 -35.08
C ASP G 167 -5.07 18.08 -36.34
N SER G 168 -5.53 17.25 -37.26
CA SER G 168 -6.08 17.71 -38.52
C SER G 168 -7.19 16.76 -38.96
N VAL G 169 -8.00 17.21 -39.90
CA VAL G 169 -9.10 16.41 -40.43
C VAL G 169 -8.52 15.42 -41.43
N LEU G 170 -8.53 14.14 -41.08
CA LEU G 170 -8.04 13.10 -41.98
C LEU G 170 -8.92 13.03 -43.24
N SER G 171 -8.28 12.70 -44.35
CA SER G 171 -9.01 12.54 -45.60
C SER G 171 -9.76 11.20 -45.60
N ASN G 172 -10.62 11.04 -46.61
CA ASN G 172 -11.40 9.81 -46.71
C ASN G 172 -10.50 8.60 -46.85
N GLU G 173 -9.46 8.70 -47.67
CA GLU G 173 -8.54 7.58 -47.84
C GLU G 173 -7.86 7.25 -46.52
N GLU G 174 -7.44 8.28 -45.78
CA GLU G 174 -6.80 8.04 -44.49
C GLU G 174 -7.77 7.35 -43.52
N ILE G 175 -9.04 7.74 -43.56
CA ILE G 175 -10.01 7.15 -42.63
C ILE G 175 -10.25 5.68 -42.97
N ARG G 176 -10.47 5.37 -44.25
CA ARG G 176 -10.63 3.96 -44.61
C ARG G 176 -9.36 3.17 -44.34
N GLU G 177 -8.20 3.81 -44.40
CA GLU G 177 -6.97 3.13 -43.99
C GLU G 177 -6.98 2.83 -42.49
N THR G 178 -7.36 3.81 -41.69
CA THR G 178 -7.37 3.63 -40.24
C THR G 178 -8.34 2.55 -39.82
N GLY G 179 -9.45 2.40 -40.52
CA GLY G 179 -10.37 1.33 -40.23
C GLY G 179 -10.00 0.00 -40.83
N GLY G 180 -8.81 -0.11 -41.43
CA GLY G 180 -8.43 -1.28 -42.19
C GLY G 180 -8.10 -2.48 -41.32
N ALA G 181 -7.77 -3.57 -42.01
CA ALA G 181 -7.50 -4.84 -41.33
C ALA G 181 -6.09 -4.93 -40.78
N GLU G 182 -5.21 -4.00 -41.15
CA GLU G 182 -3.85 -3.93 -40.62
C GLU G 182 -3.49 -2.50 -40.28
N SER G 183 -4.39 -1.82 -39.59
CA SER G 183 -4.28 -0.39 -39.32
C SER G 183 -3.75 -0.08 -37.93
N CYS G 184 -3.40 -1.09 -37.12
CA CYS G 184 -3.04 -0.82 -35.74
C CYS G 184 -1.68 -0.14 -35.60
N HIS G 185 -0.90 -0.05 -36.69
CA HIS G 185 0.35 0.68 -36.66
C HIS G 185 0.21 2.14 -37.08
N ILE G 186 -0.99 2.56 -37.45
CA ILE G 186 -1.26 3.96 -37.79
C ILE G 186 -1.74 4.65 -36.52
N ARG G 187 -0.88 5.45 -35.90
CA ARG G 187 -1.19 6.12 -34.65
C ARG G 187 -1.12 7.63 -34.85
N GLY G 188 -1.99 8.35 -34.12
CA GLY G 188 -2.05 9.78 -34.22
C GLY G 188 -0.95 10.46 -33.43
N ASN G 189 -0.87 11.78 -33.59
CA ASN G 189 0.23 12.54 -33.00
C ASN G 189 -0.14 13.13 -31.64
N ILE G 190 -1.32 13.73 -31.51
CA ILE G 190 -1.73 14.26 -30.21
C ILE G 190 -1.85 13.12 -29.20
N VAL G 191 -2.49 12.03 -29.61
CA VAL G 191 -2.60 10.82 -28.80
C VAL G 191 -2.36 9.63 -29.71
N GLY G 192 -1.53 8.71 -29.26
CA GLY G 192 -1.25 7.50 -30.02
C GLY G 192 -1.35 6.28 -29.14
N TRP G 193 -1.90 5.20 -29.71
CA TRP G 193 -2.08 3.96 -28.96
C TRP G 193 -0.76 3.22 -28.90
N GLY G 194 -0.19 3.14 -27.69
CA GLY G 194 1.06 2.45 -27.46
C GLY G 194 2.22 3.36 -27.09
N VAL G 195 2.13 4.65 -27.43
CA VAL G 195 3.16 5.62 -27.08
C VAL G 195 2.68 6.57 -26.00
N THR G 196 1.39 6.89 -25.97
CA THR G 196 0.85 7.81 -24.99
C THR G 196 0.51 7.06 -23.70
N GLU G 197 0.59 7.78 -22.59
CA GLU G 197 0.35 7.18 -21.28
C GLU G 197 -1.15 7.10 -21.02
N ILE G 198 -1.64 5.91 -20.72
CA ILE G 198 -3.03 5.67 -20.34
C ILE G 198 -3.03 4.84 -19.07
N GLN G 199 -3.67 5.35 -18.02
CA GLN G 199 -3.63 4.72 -16.69
C GLN G 199 -5.01 4.24 -16.29
N PRO G 200 -5.31 2.95 -16.41
CA PRO G 200 -6.60 2.46 -15.90
C PRO G 200 -6.70 2.60 -14.39
N HIS G 201 -7.93 2.82 -13.92
CA HIS G 201 -8.18 3.05 -12.50
C HIS G 201 -9.42 2.30 -12.07
N GLY G 202 -9.48 1.98 -10.77
CA GLY G 202 -10.70 1.51 -10.16
C GLY G 202 -11.21 0.17 -10.62
N GLY G 203 -10.41 -0.60 -11.36
CA GLY G 203 -10.84 -1.91 -11.78
C GLY G 203 -10.57 -2.21 -13.23
N ALA G 204 -10.22 -1.19 -14.01
CA ALA G 204 -9.85 -1.42 -15.40
C ALA G 204 -8.50 -2.11 -15.49
N GLN G 205 -8.33 -2.95 -16.50
CA GLN G 205 -7.16 -3.82 -16.61
C GLN G 205 -6.65 -3.84 -18.04
N TYR G 206 -5.33 -3.86 -18.18
CA TYR G 206 -4.74 -4.19 -19.47
C TYR G 206 -4.84 -5.68 -19.72
N VAL G 207 -5.11 -6.06 -20.97
CA VAL G 207 -5.20 -7.45 -21.37
C VAL G 207 -4.45 -7.62 -22.68
N SER G 208 -3.69 -8.70 -22.80
CA SER G 208 -2.91 -8.98 -24.00
C SER G 208 -3.39 -10.26 -24.67
N TRP H 1 3.18 -14.50 -29.50
CA TRP H 1 4.34 -15.20 -30.02
C TRP H 1 5.62 -14.59 -29.48
N LEU H 2 6.65 -15.41 -29.33
CA LEU H 2 7.92 -15.00 -28.74
C LEU H 2 9.06 -15.42 -29.65
N PRO H 3 10.21 -14.73 -29.57
CA PRO H 3 11.18 -14.79 -30.66
C PRO H 3 11.82 -16.15 -30.92
N ALA H 4 12.49 -16.73 -29.94
CA ALA H 4 13.35 -17.90 -30.17
C ALA H 4 13.12 -18.96 -29.10
N GLY H 5 11.87 -19.27 -28.82
CA GLY H 5 11.55 -20.26 -27.82
C GLY H 5 11.56 -19.75 -26.39
N CYS H 6 11.84 -18.47 -26.18
CA CYS H 6 11.69 -17.90 -24.85
C CYS H 6 10.22 -17.86 -24.46
N GLU H 7 9.98 -17.99 -23.15
CA GLU H 7 8.64 -18.12 -22.60
C GLU H 7 8.28 -16.99 -21.66
N THR H 8 9.06 -15.91 -21.64
CA THR H 8 8.76 -14.75 -20.83
C THR H 8 9.32 -13.51 -21.51
N ALA H 9 8.69 -12.37 -21.23
CA ALA H 9 9.10 -11.09 -21.80
C ALA H 9 8.67 -9.99 -20.86
N ILE H 10 9.04 -8.76 -21.18
CA ILE H 10 8.65 -7.58 -20.43
C ILE H 10 7.98 -6.62 -21.38
N LEU H 11 6.83 -6.09 -20.99
CA LEU H 11 6.03 -5.22 -21.83
C LEU H 11 6.15 -3.78 -21.33
N PHE H 12 6.43 -2.87 -22.26
CA PHE H 12 6.40 -1.43 -22.01
C PHE H 12 5.22 -0.87 -22.80
N PRO H 13 4.02 -0.78 -22.20
CA PRO H 13 2.84 -0.39 -22.98
C PRO H 13 2.89 1.04 -23.49
N MET H 14 3.87 1.82 -23.07
CA MET H 14 3.80 3.27 -23.18
C MET H 14 5.12 3.83 -22.69
N ARG H 15 5.48 5.01 -23.18
CA ARG H 15 6.69 5.69 -22.73
C ARG H 15 6.28 6.92 -21.94
N SER H 16 6.70 6.97 -20.68
CA SER H 16 6.30 8.02 -19.75
C SER H 16 7.53 8.40 -18.93
N LYS H 17 7.30 9.12 -17.83
CA LYS H 17 8.36 9.60 -16.96
C LYS H 17 8.61 8.68 -15.76
N LYS H 18 8.06 7.47 -15.77
CA LYS H 18 8.21 6.56 -14.65
C LYS H 18 8.55 5.13 -15.05
N ILE H 19 8.50 4.78 -16.32
CA ILE H 19 8.58 3.40 -16.75
C ILE H 19 10.04 3.03 -17.00
N PHE H 20 10.46 1.90 -16.42
CA PHE H 20 11.81 1.36 -16.63
C PHE H 20 11.89 0.04 -15.88
N GLY H 21 13.00 -0.67 -16.08
CA GLY H 21 13.28 -1.89 -15.36
C GLY H 21 14.72 -1.95 -14.91
N SER H 22 14.96 -2.41 -13.68
CA SER H 22 16.28 -2.40 -13.08
C SER H 22 16.82 -3.81 -12.96
N VAL H 23 18.12 -3.96 -13.21
CA VAL H 23 18.80 -5.25 -13.16
C VAL H 23 19.75 -5.24 -11.96
N HIS H 24 19.78 -6.36 -11.23
CA HIS H 24 20.62 -6.51 -10.04
C HIS H 24 21.57 -7.66 -10.26
N PRO H 25 22.77 -7.42 -10.78
CA PRO H 25 23.73 -8.51 -10.99
C PRO H 25 24.22 -9.08 -9.67
N VAL H 26 24.69 -10.33 -9.74
CA VAL H 26 25.15 -11.02 -8.54
C VAL H 26 26.63 -10.77 -8.28
N ARG H 27 27.42 -10.50 -9.31
CA ARG H 27 28.85 -10.30 -9.19
C ARG H 27 29.24 -8.93 -9.70
N PRO H 28 30.44 -8.45 -9.36
CA PRO H 28 30.83 -7.09 -9.74
C PRO H 28 30.81 -6.90 -11.25
N MET H 29 30.52 -5.67 -11.66
CA MET H 29 30.40 -5.31 -13.06
C MET H 29 31.70 -4.78 -13.66
N ARG H 30 32.81 -4.88 -12.95
CA ARG H 30 34.10 -4.53 -13.53
C ARG H 30 34.45 -5.48 -14.65
N LEU H 31 34.83 -4.93 -15.81
CA LEU H 31 35.00 -5.73 -17.02
C LEU H 31 36.20 -5.24 -17.81
N GLU H 32 37.00 -6.18 -18.29
CA GLU H 32 38.02 -5.91 -19.30
C GLU H 32 37.46 -6.02 -20.71
N SER H 33 36.54 -6.97 -20.92
CA SER H 33 35.84 -7.12 -22.18
C SER H 33 34.48 -7.73 -21.85
N PHE H 34 33.54 -7.58 -22.77
CA PHE H 34 32.19 -8.07 -22.51
C PHE H 34 31.44 -8.27 -23.81
N SER H 35 30.34 -9.02 -23.71
CA SER H 35 29.34 -9.14 -24.76
C SER H 35 27.97 -9.00 -24.12
N ALA H 36 27.00 -8.55 -24.91
CA ALA H 36 25.67 -8.31 -24.36
C ALA H 36 24.65 -8.37 -25.49
N CYS H 37 23.77 -9.37 -25.46
CA CYS H 37 22.75 -9.54 -26.48
C CYS H 37 21.36 -9.42 -25.89
N ILE H 38 20.39 -9.12 -26.76
CA ILE H 38 19.01 -8.88 -26.35
C ILE H 38 18.10 -9.03 -27.56
N TRP H 39 16.82 -9.28 -27.30
CA TRP H 39 15.77 -9.28 -28.32
C TRP H 39 14.90 -8.04 -28.15
N VAL H 40 14.56 -7.38 -29.25
CA VAL H 40 13.73 -6.19 -29.21
C VAL H 40 12.60 -6.31 -30.22
N LYS H 41 11.49 -5.65 -29.91
CA LYS H 41 10.34 -5.51 -30.81
C LYS H 41 9.80 -4.11 -30.58
N ALA H 42 10.26 -3.14 -31.37
CA ALA H 42 9.99 -1.74 -31.13
C ALA H 42 8.65 -1.32 -31.73
N THR H 43 7.91 -0.51 -31.00
CA THR H 43 6.64 0.03 -31.46
C THR H 43 6.82 1.37 -32.17
N ASP H 44 7.58 2.28 -31.55
CA ASP H 44 7.87 3.58 -32.15
C ASP H 44 9.27 3.97 -31.75
N VAL H 45 10.13 4.21 -32.75
CA VAL H 45 11.51 4.61 -32.53
C VAL H 45 11.64 6.10 -32.75
N LEU H 46 12.33 6.77 -31.85
CA LEU H 46 12.41 8.22 -31.83
C LEU H 46 13.86 8.65 -32.09
N ASN H 47 14.14 9.93 -31.83
CA ASN H 47 15.49 10.46 -32.05
C ASN H 47 16.54 9.66 -31.28
N LYS H 48 16.18 9.11 -30.12
CA LYS H 48 17.10 8.29 -29.34
C LYS H 48 16.29 7.48 -28.35
N THR H 49 16.29 6.16 -28.50
CA THR H 49 15.48 5.25 -27.69
C THR H 49 16.40 4.29 -26.96
N ILE H 50 16.48 4.43 -25.63
CA ILE H 50 17.42 3.64 -24.84
C ILE H 50 16.92 2.21 -24.72
N LEU H 51 17.79 1.25 -24.99
CA LEU H 51 17.49 -0.16 -24.73
C LEU H 51 18.00 -0.58 -23.36
N PHE H 52 19.31 -0.48 -23.14
CA PHE H 52 19.88 -0.69 -21.82
C PHE H 52 21.05 0.26 -21.64
N SER H 53 21.33 0.61 -20.38
CA SER H 53 22.32 1.62 -20.08
C SER H 53 22.96 1.30 -18.74
N TYR H 54 24.29 1.30 -18.70
CA TYR H 54 25.05 1.14 -17.47
C TYR H 54 25.83 2.42 -17.20
N GLY H 55 25.68 2.97 -16.01
CA GLY H 55 26.34 4.22 -15.68
C GLY H 55 26.64 4.30 -14.19
N THR H 56 27.70 5.02 -13.87
CA THR H 56 28.13 5.25 -12.50
C THR H 56 27.90 6.71 -12.12
N LYS H 57 28.29 7.05 -10.89
CA LYS H 57 28.05 8.40 -10.40
C LYS H 57 28.85 9.43 -11.18
N ARG H 58 30.12 9.16 -11.45
CA ARG H 58 30.97 10.13 -12.14
C ARG H 58 30.79 10.10 -13.65
N ASN H 59 30.19 9.06 -14.21
CA ASN H 59 30.09 8.89 -15.66
C ASN H 59 28.84 8.09 -15.95
N PRO H 60 27.75 8.74 -16.38
CA PRO H 60 26.52 8.02 -16.68
C PRO H 60 26.50 7.35 -18.05
N TYR H 61 27.61 7.36 -18.79
CA TYR H 61 27.67 6.84 -20.14
C TYR H 61 28.73 5.77 -20.27
N GLU H 62 28.81 4.89 -19.27
CA GLU H 62 29.81 3.82 -19.32
C GLU H 62 29.54 2.87 -20.49
N ILE H 63 28.32 2.36 -20.57
CA ILE H 63 27.90 1.48 -21.67
C ILE H 63 26.48 1.86 -22.04
N GLN H 64 26.19 1.97 -23.34
CA GLN H 64 24.86 2.37 -23.78
C GLN H 64 24.48 1.90 -25.18
N LEU H 65 23.39 1.14 -25.31
CA LEU H 65 22.87 0.69 -26.58
C LEU H 65 21.51 1.34 -26.79
N TYR H 66 21.32 2.00 -27.93
CA TYR H 66 20.05 2.66 -28.21
C TYR H 66 19.83 2.73 -29.71
N LEU H 67 18.61 3.03 -30.09
CA LEU H 67 18.19 3.06 -31.49
C LEU H 67 17.87 4.48 -31.93
N SER H 68 18.31 4.82 -33.14
CA SER H 68 17.92 6.04 -33.81
C SER H 68 16.86 5.72 -34.87
N TYR H 69 16.51 6.70 -35.70
CA TYR H 69 15.44 6.49 -36.67
C TYR H 69 15.65 5.22 -37.49
N GLN H 70 16.88 4.98 -37.94
CA GLN H 70 17.15 3.80 -38.75
C GLN H 70 18.47 3.13 -38.41
N SER H 71 19.09 3.47 -37.27
CA SER H 71 20.43 3.01 -36.96
C SER H 71 20.51 2.57 -35.51
N ILE H 72 21.49 1.72 -35.22
CA ILE H 72 21.80 1.28 -33.86
C ILE H 72 23.12 1.91 -33.46
N VAL H 73 23.14 2.56 -32.30
CA VAL H 73 24.32 3.23 -31.78
C VAL H 73 24.77 2.51 -30.52
N PHE H 74 26.05 2.13 -30.49
CA PHE H 74 26.65 1.41 -29.38
C PHE H 74 27.75 2.29 -28.79
N VAL H 75 27.66 2.57 -27.49
CA VAL H 75 28.51 3.54 -26.82
C VAL H 75 29.23 2.86 -25.66
N VAL H 76 30.54 3.02 -25.61
CA VAL H 76 31.37 2.52 -24.51
C VAL H 76 32.30 3.62 -24.07
N GLY H 77 32.31 3.92 -22.79
CA GLY H 77 33.20 4.93 -22.23
C GLY H 77 32.66 6.33 -22.17
N GLY H 78 32.09 6.81 -23.26
CA GLY H 78 31.57 8.17 -23.29
C GLY H 78 30.85 8.42 -24.61
N GLU H 79 30.30 9.63 -24.72
CA GLU H 79 29.52 9.97 -25.91
C GLU H 79 30.39 9.99 -27.17
N GLU H 80 31.60 10.52 -27.05
CA GLU H 80 32.46 10.64 -28.23
C GLU H 80 32.77 9.27 -28.84
N ASN H 81 32.79 8.23 -28.00
CA ASN H 81 33.06 6.87 -28.47
C ASN H 81 31.73 6.19 -28.80
N LYS H 82 31.47 6.00 -30.09
CA LYS H 82 30.23 5.37 -30.51
C LYS H 82 30.43 4.66 -31.84
N LEU H 83 29.72 3.54 -31.99
CA LEU H 83 29.72 2.76 -33.22
C LEU H 83 28.28 2.73 -33.75
N VAL H 84 28.11 3.00 -35.04
CA VAL H 84 26.80 3.19 -35.63
C VAL H 84 26.61 2.19 -36.77
N ALA H 85 25.52 1.44 -36.72
CA ALA H 85 25.04 0.67 -37.86
C ALA H 85 24.15 1.54 -38.72
N GLU H 86 24.10 1.24 -40.02
CA GLU H 86 23.56 2.21 -40.97
C GLU H 86 22.03 2.16 -41.05
N ALA H 87 21.47 1.09 -41.59
CA ALA H 87 20.06 1.08 -41.97
C ALA H 87 19.40 -0.23 -41.56
N MET H 88 19.65 -0.68 -40.34
CA MET H 88 19.27 -2.03 -39.91
C MET H 88 18.39 -1.97 -38.66
N VAL H 89 17.38 -1.10 -38.69
CA VAL H 89 16.41 -0.98 -37.61
C VAL H 89 15.01 -1.17 -38.18
N SER H 90 14.17 -1.90 -37.46
CA SER H 90 12.81 -2.19 -37.89
C SER H 90 11.83 -1.91 -36.76
N LEU H 91 10.55 -1.83 -37.11
CA LEU H 91 9.47 -1.60 -36.16
C LEU H 91 8.49 -2.75 -36.22
N GLY H 92 8.10 -3.27 -35.06
CA GLY H 92 7.10 -4.31 -34.99
C GLY H 92 7.55 -5.68 -35.42
N ARG H 93 8.86 -5.94 -35.40
CA ARG H 93 9.40 -7.24 -35.77
C ARG H 93 10.52 -7.59 -34.80
N TRP H 94 10.51 -8.83 -34.32
CA TRP H 94 11.56 -9.27 -33.41
C TRP H 94 12.90 -9.27 -34.13
N THR H 95 13.93 -8.75 -33.47
CA THR H 95 15.27 -8.72 -34.04
C THR H 95 16.30 -8.89 -32.93
N HIS H 96 17.38 -9.59 -33.25
CA HIS H 96 18.46 -9.85 -32.32
C HIS H 96 19.61 -8.89 -32.59
N LEU H 97 20.15 -8.29 -31.52
CA LEU H 97 21.21 -7.36 -31.57
C LEU H 97 22.27 -7.73 -30.56
N CYS H 98 23.42 -8.25 -30.96
CA CYS H 98 24.58 -8.54 -30.08
C CYS H 98 25.76 -7.60 -30.33
N GLY H 99 26.53 -7.16 -29.35
CA GLY H 99 27.76 -6.38 -29.59
C GLY H 99 28.96 -6.62 -28.70
N THR H 100 30.24 -6.81 -29.21
CA THR H 100 31.29 -7.13 -28.25
C THR H 100 32.25 -5.95 -28.11
N TRP H 101 33.09 -6.02 -27.09
CA TRP H 101 34.08 -4.99 -26.83
C TRP H 101 35.31 -5.59 -26.17
N ASN H 102 36.49 -5.11 -26.58
CA ASN H 102 37.75 -5.54 -26.00
C ASN H 102 38.57 -4.31 -25.64
N SER H 103 39.04 -4.24 -24.40
CA SER H 103 39.81 -3.09 -23.95
C SER H 103 41.28 -3.18 -24.29
N GLU H 104 41.77 -4.34 -24.72
CA GLU H 104 43.18 -4.49 -25.01
C GLU H 104 43.59 -3.62 -26.19
N GLU H 105 42.77 -3.58 -27.23
CA GLU H 105 43.06 -2.77 -28.40
C GLU H 105 41.84 -1.98 -28.87
N GLY H 106 40.76 -1.95 -28.10
CA GLY H 106 39.56 -1.23 -28.50
C GLY H 106 38.83 -1.82 -29.68
N LEU H 107 38.74 -3.15 -29.75
CA LEU H 107 37.93 -3.80 -30.77
C LEU H 107 36.47 -3.85 -30.31
N THR H 108 35.61 -3.18 -31.05
CA THR H 108 34.17 -3.22 -30.79
C THR H 108 33.46 -3.60 -32.09
N SER H 109 32.30 -4.23 -31.96
CA SER H 109 31.57 -4.71 -33.12
C SER H 109 30.09 -4.72 -32.82
N LEU H 110 29.29 -4.79 -33.87
CA LEU H 110 27.84 -4.93 -33.76
C LEU H 110 27.36 -5.99 -34.74
N TRP H 111 26.51 -6.88 -34.25
CA TRP H 111 25.88 -7.91 -35.06
C TRP H 111 24.37 -7.73 -34.98
N VAL H 112 23.70 -7.82 -36.12
CA VAL H 112 22.24 -7.70 -36.19
C VAL H 112 21.72 -8.94 -36.90
N ASN H 113 20.86 -9.69 -36.21
CA ASN H 113 20.32 -10.94 -36.75
C ASN H 113 21.43 -11.87 -37.20
N GLY H 114 22.48 -11.96 -36.40
CA GLY H 114 23.55 -12.91 -36.65
C GLY H 114 24.53 -12.53 -37.74
N GLU H 115 24.51 -11.28 -38.19
CA GLU H 115 25.38 -10.82 -39.25
C GLU H 115 26.08 -9.55 -38.82
N LEU H 116 27.38 -9.47 -39.10
CA LEU H 116 28.17 -8.29 -38.73
C LEU H 116 27.60 -7.06 -39.43
N ALA H 117 27.41 -5.99 -38.65
CA ALA H 117 26.89 -4.74 -39.17
C ALA H 117 27.84 -3.56 -39.02
N ALA H 118 28.78 -3.60 -38.09
CA ALA H 118 29.72 -2.51 -37.90
C ALA H 118 30.95 -3.05 -37.18
N THR H 119 32.04 -2.30 -37.26
CA THR H 119 33.27 -2.66 -36.57
C THR H 119 34.24 -1.49 -36.66
N THR H 120 35.05 -1.33 -35.62
CA THR H 120 36.07 -0.29 -35.59
C THR H 120 37.17 -0.75 -34.64
N VAL H 121 38.20 0.09 -34.51
CA VAL H 121 39.37 -0.21 -33.68
C VAL H 121 39.72 1.03 -32.87
N GLU H 122 40.52 0.81 -31.82
CA GLU H 122 41.07 1.88 -31.00
C GLU H 122 39.97 2.75 -30.41
N MET H 123 38.97 2.11 -29.80
CA MET H 123 37.92 2.80 -29.07
C MET H 123 38.09 2.52 -27.59
N ALA H 124 38.25 3.57 -26.80
CA ALA H 124 38.39 3.45 -25.36
C ALA H 124 39.48 2.45 -24.98
N THR H 125 40.60 2.52 -25.69
CA THR H 125 41.73 1.63 -25.41
C THR H 125 42.26 1.87 -24.01
N GLY H 126 42.49 0.79 -23.28
CA GLY H 126 42.98 0.87 -21.92
C GLY H 126 41.95 1.22 -20.89
N HIS H 127 40.69 1.42 -21.30
CA HIS H 127 39.63 1.77 -20.36
C HIS H 127 39.18 0.54 -19.59
N ILE H 128 38.68 0.77 -18.38
CA ILE H 128 38.12 -0.27 -17.53
C ILE H 128 36.80 0.23 -16.97
N VAL H 129 35.77 -0.59 -17.06
CA VAL H 129 34.45 -0.23 -16.52
C VAL H 129 34.48 -0.43 -15.01
N PRO H 130 34.13 0.58 -14.21
CA PRO H 130 34.21 0.44 -12.76
C PRO H 130 32.99 -0.28 -12.18
N GLU H 131 33.06 -0.56 -10.87
CA GLU H 131 31.95 -1.19 -10.16
C GLU H 131 30.99 -0.12 -9.67
N GLY H 132 30.00 -0.53 -8.88
CA GLY H 132 29.14 0.40 -8.18
C GLY H 132 28.20 1.19 -9.05
N GLY H 133 27.92 0.73 -10.27
CA GLY H 133 27.00 1.41 -11.15
C GLY H 133 25.58 0.91 -11.00
N ILE H 134 24.70 1.46 -11.83
CA ILE H 134 23.30 1.07 -11.90
C ILE H 134 23.00 0.63 -13.32
N LEU H 135 22.44 -0.56 -13.45
CA LEU H 135 22.09 -1.14 -14.74
C LEU H 135 20.58 -1.09 -14.92
N GLN H 136 20.13 -0.64 -16.08
CA GLN H 136 18.72 -0.47 -16.36
C GLN H 136 18.42 -0.87 -17.80
N ILE H 137 17.16 -1.17 -18.06
CA ILE H 137 16.68 -1.47 -19.40
C ILE H 137 15.52 -0.53 -19.72
N GLY H 138 15.52 0.01 -20.93
CA GLY H 138 14.43 0.85 -21.38
C GLY H 138 14.49 2.29 -20.92
N GLN H 139 15.50 2.67 -20.16
CA GLN H 139 15.59 4.02 -19.63
C GLN H 139 17.04 4.31 -19.31
N GLU H 140 17.45 5.59 -19.15
CA GLU H 140 18.80 6.01 -18.81
C GLU H 140 18.83 6.39 -17.40
N LYS H 141 20.02 6.51 -16.86
CA LYS H 141 20.19 6.77 -15.45
C LYS H 141 19.81 8.16 -15.11
N ASN H 142 18.98 8.33 -14.11
CA ASN H 142 18.46 9.64 -13.72
C ASN H 142 17.78 9.47 -12.37
N GLY H 143 17.26 10.58 -11.84
CA GLY H 143 16.66 10.55 -10.53
C GLY H 143 15.42 9.68 -10.47
N CYS H 144 15.23 9.05 -9.33
CA CYS H 144 14.06 8.21 -9.05
C CYS H 144 13.44 8.66 -7.73
N CYS H 145 12.11 8.72 -7.71
CA CYS H 145 11.35 9.27 -6.58
C CYS H 145 11.83 10.67 -6.19
N VAL H 146 12.50 11.36 -7.12
CA VAL H 146 13.01 12.70 -6.88
C VAL H 146 13.04 13.41 -8.22
N GLY H 147 12.74 14.71 -8.20
CA GLY H 147 12.64 15.47 -9.42
C GLY H 147 11.39 15.11 -10.21
N GLY H 148 11.39 15.50 -11.49
CA GLY H 148 10.26 15.21 -12.34
C GLY H 148 10.23 13.80 -12.90
N GLY H 149 11.28 13.02 -12.66
CA GLY H 149 11.39 11.68 -13.17
C GLY H 149 12.43 11.59 -14.29
N PHE H 150 12.25 10.60 -15.15
CA PHE H 150 13.12 10.42 -16.30
C PHE H 150 12.64 11.26 -17.48
N ASP H 151 13.52 11.41 -18.47
CA ASP H 151 13.15 12.11 -19.69
C ASP H 151 12.19 11.25 -20.50
N GLU H 152 10.96 11.73 -20.67
CA GLU H 152 9.93 10.98 -21.37
C GLU H 152 10.32 10.70 -22.83
N THR H 153 11.25 11.46 -23.38
CA THR H 153 11.60 11.32 -24.79
C THR H 153 12.48 10.09 -25.05
N LEU H 154 13.37 9.77 -24.12
CA LEU H 154 14.35 8.70 -24.31
C LEU H 154 13.81 7.31 -23.97
N ALA H 155 12.63 7.22 -23.34
CA ALA H 155 12.13 5.94 -22.88
C ALA H 155 11.82 5.03 -24.06
N PHE H 156 11.43 3.80 -23.74
CA PHE H 156 11.23 2.73 -24.71
C PHE H 156 9.80 2.22 -24.63
N SER H 157 9.25 1.82 -25.78
CA SER H 157 7.92 1.25 -25.85
C SER H 157 7.95 0.04 -26.78
N GLY H 158 7.62 -1.12 -26.26
CA GLY H 158 7.69 -2.36 -26.99
C GLY H 158 7.89 -3.53 -26.05
N ARG H 159 8.56 -4.57 -26.56
CA ARG H 159 8.81 -5.79 -25.80
C ARG H 159 10.29 -6.13 -25.83
N LEU H 160 10.80 -6.65 -24.72
CA LEU H 160 12.19 -7.05 -24.58
C LEU H 160 12.27 -8.45 -23.99
N THR H 161 13.27 -9.21 -24.42
CA THR H 161 13.51 -10.53 -23.85
C THR H 161 14.94 -10.96 -24.18
N GLY H 162 15.42 -11.95 -23.44
CA GLY H 162 16.72 -12.55 -23.70
C GLY H 162 17.91 -11.63 -23.46
N PHE H 163 17.91 -10.89 -22.37
CA PHE H 163 19.00 -9.96 -22.05
C PHE H 163 20.10 -10.71 -21.30
N ASN H 164 21.23 -10.93 -21.97
CA ASN H 164 22.36 -11.65 -21.41
C ASN H 164 23.62 -10.81 -21.54
N ILE H 165 24.52 -10.95 -20.58
CA ILE H 165 25.83 -10.31 -20.60
C ILE H 165 26.88 -11.34 -20.23
N TRP H 166 27.93 -11.44 -21.04
CA TRP H 166 29.08 -12.29 -20.75
C TRP H 166 30.26 -11.43 -20.34
N ASP H 167 31.25 -12.08 -19.72
CA ASP H 167 32.47 -11.40 -19.28
C ASP H 167 33.59 -11.48 -20.30
N SER H 168 33.31 -11.99 -21.50
CA SER H 168 34.34 -12.17 -22.52
C SER H 168 33.71 -11.95 -23.89
N VAL H 169 34.56 -11.76 -24.88
CA VAL H 169 34.11 -11.57 -26.26
C VAL H 169 33.76 -12.93 -26.84
N LEU H 170 32.48 -13.17 -27.09
CA LEU H 170 32.04 -14.42 -27.68
C LEU H 170 32.60 -14.58 -29.09
N SER H 171 32.92 -15.81 -29.45
CA SER H 171 33.39 -16.08 -30.80
C SER H 171 32.25 -15.98 -31.80
N ASN H 172 32.60 -16.03 -33.08
CA ASN H 172 31.58 -15.92 -34.12
C ASN H 172 30.58 -17.06 -34.03
N GLU H 173 31.06 -18.28 -33.77
CA GLU H 173 30.16 -19.42 -33.67
C GLU H 173 29.17 -19.23 -32.53
N GLU H 174 29.65 -18.78 -31.37
CA GLU H 174 28.77 -18.53 -30.25
C GLU H 174 27.77 -17.43 -30.57
N ILE H 175 28.20 -16.38 -31.27
CA ILE H 175 27.31 -15.28 -31.59
C ILE H 175 26.19 -15.74 -32.52
N ARG H 176 26.53 -16.52 -33.55
CA ARG H 176 25.46 -17.05 -34.40
C ARG H 176 24.59 -18.05 -33.66
N GLU H 177 25.14 -18.78 -32.69
CA GLU H 177 24.32 -19.69 -31.89
C GLU H 177 23.30 -18.93 -31.05
N THR H 178 23.71 -17.80 -30.47
CA THR H 178 22.85 -17.10 -29.52
C THR H 178 21.56 -16.60 -30.18
N GLY H 179 21.58 -16.37 -31.49
CA GLY H 179 20.41 -15.92 -32.21
C GLY H 179 19.62 -17.01 -32.92
N GLY H 180 19.85 -18.28 -32.58
CA GLY H 180 19.21 -19.38 -33.26
C GLY H 180 17.80 -19.64 -32.75
N ALA H 181 17.21 -20.71 -33.28
CA ALA H 181 15.86 -21.09 -32.92
C ALA H 181 15.80 -21.89 -31.62
N GLU H 182 16.93 -22.30 -31.08
CA GLU H 182 17.02 -22.99 -29.79
C GLU H 182 18.09 -22.34 -28.93
N SER H 183 18.09 -21.01 -28.87
CA SER H 183 19.15 -20.25 -28.24
C SER H 183 18.72 -19.60 -26.93
N CYS H 184 17.52 -19.87 -26.46
CA CYS H 184 17.02 -19.19 -25.27
C CYS H 184 17.40 -19.92 -23.99
N HIS H 185 18.08 -21.07 -24.08
CA HIS H 185 18.55 -21.78 -22.91
C HIS H 185 20.00 -21.47 -22.56
N ILE H 186 20.73 -20.79 -23.44
CA ILE H 186 22.09 -20.37 -23.16
C ILE H 186 22.05 -18.94 -22.66
N ARG H 187 22.56 -18.73 -21.45
CA ARG H 187 22.50 -17.44 -20.79
C ARG H 187 23.89 -17.05 -20.31
N GLY H 188 24.11 -15.74 -20.19
CA GLY H 188 25.39 -15.22 -19.78
C GLY H 188 25.60 -15.37 -18.30
N ASN H 189 26.83 -15.08 -17.87
CA ASN H 189 27.19 -15.27 -16.47
C ASN H 189 27.03 -13.99 -15.65
N ILE H 190 27.46 -12.83 -16.16
CA ILE H 190 27.25 -11.59 -15.42
C ILE H 190 25.77 -11.31 -15.27
N VAL H 191 25.01 -11.48 -16.35
CA VAL H 191 23.56 -11.35 -16.35
C VAL H 191 22.99 -12.49 -17.18
N GLY H 192 21.98 -13.15 -16.66
CA GLY H 192 21.32 -14.23 -17.36
C GLY H 192 19.82 -14.07 -17.30
N TRP H 193 19.16 -14.34 -18.43
CA TRP H 193 17.71 -14.21 -18.52
C TRP H 193 17.05 -15.40 -17.82
N GLY H 194 16.38 -15.13 -16.71
CA GLY H 194 15.70 -16.15 -15.94
C GLY H 194 16.33 -16.44 -14.59
N VAL H 195 17.62 -16.16 -14.43
CA VAL H 195 18.29 -16.34 -13.16
C VAL H 195 18.58 -15.01 -12.47
N THR H 196 18.81 -13.94 -13.22
CA THR H 196 19.12 -12.65 -12.62
C THR H 196 17.83 -11.90 -12.30
N GLU H 197 17.90 -11.08 -11.25
CA GLU H 197 16.74 -10.32 -10.80
C GLU H 197 16.53 -9.10 -11.69
N ILE H 198 15.33 -8.99 -12.27
CA ILE H 198 14.93 -7.84 -13.06
C ILE H 198 13.57 -7.39 -12.55
N GLN H 199 13.49 -6.13 -12.10
CA GLN H 199 12.29 -5.61 -11.45
C GLN H 199 11.66 -4.53 -12.31
N PRO H 200 10.59 -4.81 -13.06
CA PRO H 200 9.92 -3.74 -13.80
C PRO H 200 9.29 -2.73 -12.85
N HIS H 201 9.26 -1.48 -13.28
CA HIS H 201 8.77 -0.39 -12.48
C HIS H 201 7.88 0.52 -13.32
N GLY H 202 6.97 1.23 -12.66
CA GLY H 202 6.26 2.32 -13.27
C GLY H 202 5.27 1.95 -14.35
N GLY H 203 4.99 0.67 -14.55
CA GLY H 203 4.02 0.28 -15.56
C GLY H 203 4.45 -0.87 -16.43
N ALA H 204 5.73 -1.24 -16.36
CA ALA H 204 6.22 -2.41 -17.09
C ALA H 204 5.68 -3.68 -16.45
N GLN H 205 5.41 -4.69 -17.29
CA GLN H 205 4.75 -5.89 -16.84
C GLN H 205 5.46 -7.12 -17.39
N TYR H 206 5.51 -8.18 -16.59
CA TYR H 206 5.90 -9.49 -17.08
C TYR H 206 4.73 -10.12 -17.83
N VAL H 207 5.03 -10.72 -18.97
CA VAL H 207 4.01 -11.39 -19.77
C VAL H 207 4.53 -12.78 -20.16
N SER H 208 3.66 -13.77 -20.10
CA SER H 208 4.02 -15.14 -20.44
C SER H 208 3.24 -15.61 -21.65
C1 NAG I . -3.76 39.68 -7.33
C2 NAG I . -3.00 40.29 -8.53
C3 NAG I . -3.94 41.16 -9.37
C4 NAG I . -5.19 40.39 -9.75
C5 NAG I . -5.85 39.83 -8.49
C6 NAG I . -7.09 39.00 -8.78
C7 NAG I . -0.60 40.78 -8.39
C8 NAG I . 0.45 41.69 -7.83
N2 NAG I . -1.86 41.07 -8.08
O3 NAG I . -3.26 41.59 -10.54
O4 NAG I . -6.11 41.23 -10.43
O5 NAG I . -4.93 38.98 -7.81
O6 NAG I . -8.21 39.83 -9.06
O7 NAG I . -0.31 39.82 -9.10
H1 NAG I . -4.03 40.39 -6.73
H2 NAG I . -2.69 39.56 -9.09
H3 NAG I . -4.20 41.94 -8.85
H4 NAG I . -4.95 39.64 -10.34
H5 NAG I . -6.10 40.58 -7.92
H61 NAG I . -7.28 38.44 -8.00
H62 NAG I . -6.91 38.43 -9.55
H81 NAG I . 1.34 41.34 -8.05
H82 NAG I . 0.34 41.74 -6.86
H83 NAG I . 0.35 42.59 -8.21
HN2 NAG I . -2.02 41.79 -7.54
HO3 NAG I . -3.08 40.89 -11.06
HO4 NAG I . -5.89 41.28 -11.29
HO6 NAG I . -8.54 40.12 -8.29
C1 NAG J . -34.11 8.11 20.49
C2 NAG J . -35.30 8.58 19.65
C3 NAG J . -36.57 7.85 20.05
C4 NAG J . -36.37 6.35 20.03
C5 NAG J . -35.17 5.99 20.90
C6 NAG J . -34.84 4.52 20.90
C7 NAG J . -35.19 10.88 18.79
C8 NAG J . -35.44 12.33 19.09
N2 NAG J . -35.48 10.02 19.76
O3 NAG J . -37.63 8.20 19.17
O4 NAG J . -37.52 5.68 20.54
O5 NAG J . -34.00 6.68 20.41
O6 NAG J . -35.62 3.81 21.86
O7 NAG J . -34.75 10.51 17.71
H1 NAG J . -34.24 8.36 21.42
H2 NAG J . -35.12 8.37 18.70
H3 NAG J . -36.82 8.13 20.96
H4 NAG J . -36.20 6.06 19.12
H5 NAG J . -35.34 6.27 21.82
H61 NAG J . -35.03 4.14 20.02
H62 NAG J . -33.90 4.39 21.10
H81 NAG J . -35.16 12.87 18.32
H82 NAG J . -36.39 12.47 19.27
H83 NAG J . -34.91 12.59 19.88
HN2 NAG J . -35.80 10.35 20.56
HO3 NAG J . -37.47 7.86 18.37
HO4 NAG J . -37.94 5.28 19.86
HO6 NAG J . -35.30 3.99 22.67
C1 NAG K . 7.66 -19.70 34.66
C2 NAG K . 6.72 -20.86 34.99
C3 NAG K . 7.51 -22.08 35.45
C4 NAG K . 8.61 -22.43 34.45
C5 NAG K . 9.47 -21.20 34.18
C6 NAG K . 10.53 -21.43 33.13
C7 NAG K . 4.47 -20.28 35.79
C8 NAG K . 3.64 -19.88 36.98
N2 NAG K . 5.77 -20.47 36.02
O3 NAG K . 6.63 -23.19 35.60
O4 NAG K . 9.43 -23.47 34.95
O5 NAG K . 8.63 -20.13 33.69
O6 NAG K . 11.72 -21.94 33.71
O7 NAG K . 3.98 -20.43 34.67
H1 NAG K . 8.11 -19.40 35.46
H2 NAG K . 6.23 -21.10 34.19
H3 NAG K . 7.92 -21.90 36.32
H4 NAG K . 8.20 -22.72 33.61
H5 NAG K . 9.89 -20.92 35.01
H61 NAG K . 10.20 -22.08 32.48
H62 NAG K . 10.72 -20.59 32.68
H81 NAG K . 2.72 -19.74 36.69
H82 NAG K . 3.67 -20.59 37.65
H83 NAG K . 3.99 -19.05 37.35
HN2 NAG K . 6.07 -20.35 36.87
HO3 NAG K . 6.38 -23.47 34.79
HO4 NAG K . 8.97 -24.22 34.98
HO6 NAG K . 12.35 -21.30 33.69
C1 NAG L . 38.24 11.97 6.74
C2 NAG L . 39.30 10.85 6.74
C3 NAG L . 40.52 11.28 5.93
C4 NAG L . 40.12 11.77 4.55
C5 NAG L . 39.06 12.86 4.68
C6 NAG L . 38.55 13.35 3.34
C7 NAG L . 39.38 9.33 8.66
C8 NAG L . 39.87 9.14 10.07
N2 NAG L . 39.69 10.50 8.09
O3 NAG L . 41.41 10.17 5.80
O4 NAG L . 41.25 12.30 3.87
O5 NAG L . 37.93 12.34 5.39
O6 NAG L . 39.38 14.38 2.82
O7 NAG L . 38.74 8.46 8.07
H1 NAG L . 38.58 12.74 7.22
H2 NAG L . 38.91 10.06 6.30
H3 NAG L . 40.99 12.00 6.40
H4 NAG L . 39.75 11.02 4.03
H5 NAG L . 39.44 13.61 5.17
H61 NAG L . 38.53 12.61 2.72
H62 NAG L . 37.64 13.69 3.45
H81 NAG L . 39.51 8.31 10.44
H82 NAG L . 39.56 9.90 10.62
H83 NAG L . 40.84 9.11 10.07
HN2 NAG L . 40.16 11.11 8.58
HO3 NAG L . 40.97 9.48 5.45
HO4 NAG L . 41.36 11.88 3.09
HO6 NAG L . 38.91 14.86 2.23
C1 NAG M . 28.87 -28.62 -3.43
C2 NAG M . 30.33 -28.18 -3.64
C3 NAG M . 31.30 -29.23 -3.07
C4 NAG M . 30.92 -29.56 -1.63
C5 NAG M . 29.46 -29.95 -1.55
C6 NAG M . 28.99 -30.26 -0.15
C7 NAG M . 30.63 -26.79 -5.65
C8 NAG M . 30.93 -26.77 -7.12
N2 NAG M . 30.61 -27.99 -5.06
O3 NAG M . 32.62 -28.72 -3.12
O4 NAG M . 31.74 -30.63 -1.15
O5 NAG M . 28.65 -28.89 -2.05
O6 NAG M . 28.21 -31.44 -0.12
O7 NAG M . 30.42 -25.74 -5.02
H1 NAG M . 28.71 -29.43 -3.95
H2 NAG M . 30.48 -27.34 -3.18
H3 NAG M . 31.24 -30.04 -3.60
H4 NAG M . 31.07 -28.77 -1.07
H5 NAG M . 29.32 -30.75 -2.11
H61 NAG M . 29.76 -30.36 0.43
H62 NAG M . 28.44 -29.51 0.17
H81 NAG M . 30.85 -25.86 -7.46
H82 NAG M . 31.84 -27.10 -7.26
H83 NAG M . 30.30 -27.36 -7.58
HN2 NAG M . 30.77 -28.72 -5.58
HO3 NAG M . 32.65 -27.93 -2.70
HO4 NAG M . 32.40 -30.29 -0.67
HO6 NAG M . 27.57 -31.41 -0.74
C1 NAG N . -22.41 -32.88 7.52
C2 NAG N . -21.98 -33.88 8.60
C3 NAG N . -23.21 -34.52 9.26
C4 NAG N . -24.19 -33.44 9.72
C5 NAG N . -24.52 -32.52 8.56
C6 NAG N . -25.45 -31.39 8.94
C7 NAG N . -19.79 -34.83 8.01
C8 NAG N . -19.08 -35.99 7.38
N2 NAG N . -21.13 -34.91 8.04
O3 NAG N . -22.80 -35.30 10.37
O4 NAG N . -25.38 -34.04 10.21
O5 NAG N . -23.31 -31.92 8.07
O6 NAG N . -26.66 -31.45 8.20
O7 NAG N . -19.19 -33.87 8.48
H1 NAG N . -22.86 -33.36 6.80
H2 NAG N . -21.48 -33.40 9.29
H3 NAG N . -23.66 -35.09 8.61
H4 NAG N . -23.77 -32.91 10.44
H5 NAG N . -24.93 -33.04 7.84
H61 NAG N . -25.01 -30.54 8.76
H62 NAG N . -25.65 -31.45 9.89
H81 NAG N . -18.13 -35.81 7.34
H82 NAG N . -19.23 -36.79 7.91
H83 NAG N . -19.41 -36.13 6.48
HN2 NAG N . -21.53 -35.65 7.66
HO3 NAG N . -21.94 -35.51 10.28
HO4 NAG N . -25.36 -34.07 11.09
HO6 NAG N . -26.48 -31.48 7.33
C1 NAG O . -32.57 8.84 -22.86
C2 NAG O . -33.84 9.01 -22.02
C3 NAG O . -33.97 10.44 -21.50
C4 NAG O . -33.81 11.47 -22.62
C5 NAG O . -32.65 11.11 -23.53
C6 NAG O . -31.71 12.26 -23.80
C7 NAG O . -35.61 7.44 -22.65
C8 NAG O . -36.83 7.22 -23.50
N2 NAG O . -35.03 8.63 -22.77
O3 NAG O . -32.98 10.68 -20.49
O4 NAG O . -35.01 11.55 -23.37
O5 NAG O . -31.87 10.07 -22.92
O6 NAG O . -32.24 13.13 -24.79
O7 NAG O . -35.19 6.58 -21.88
H1 NAG O . -32.82 8.57 -23.77
H2 NAG O . -33.77 8.42 -21.25
H3 NAG O . -34.85 10.55 -21.09
H4 NAG O . -33.63 12.35 -22.21
H5 NAG O . -33.00 10.78 -24.38
H61 NAG O . -31.57 12.76 -22.98
H62 NAG O . -30.86 11.91 -24.11
H81 NAG O . -37.18 6.33 -23.34
H82 NAG O . -36.58 7.30 -24.43
H83 NAG O . -37.51 7.88 -23.28
HN2 NAG O . -35.38 9.23 -23.36
HO3 NAG O . -32.59 9.90 -20.28
HO4 NAG O . -34.98 10.96 -24.04
HO6 NAG O . -33.12 13.08 -24.79
C1 NAG P . 18.50 13.06 -33.65
C2 NAG P . 18.27 14.52 -34.05
C3 NAG P . 19.59 15.21 -34.41
C4 NAG P . 20.62 15.01 -33.30
C5 NAG P . 20.75 13.53 -32.98
C6 NAG P . 21.70 13.26 -31.83
C7 NAG P . 16.09 15.08 -35.05
C8 NAG P . 15.28 15.09 -36.31
N2 NAG P . 17.34 14.61 -35.17
O3 NAG P . 19.36 16.60 -34.61
O4 NAG P . 21.88 15.52 -33.71
O5 NAG P . 19.48 13.00 -32.60
O6 NAG P . 23.03 13.03 -32.30
O7 NAG P . 15.64 15.48 -33.98
H1 NAG P . 18.83 12.57 -34.42
H2 NAG P . 17.88 15.00 -33.28
H3 NAG P . 19.93 14.82 -35.23
H4 NAG P . 20.32 15.48 -32.50
H5 NAG P . 21.07 13.06 -33.78
H61 NAG P . 21.70 14.01 -31.23
H62 NAG P . 21.40 12.46 -31.36
H81 NAG P . 14.38 15.43 -36.12
H82 NAG P . 15.71 15.67 -36.97
H83 NAG P . 15.21 14.19 -36.66
HN2 NAG P . 17.62 14.32 -35.99
HO3 NAG P . 19.26 16.99 -33.82
HO4 NAG P . 21.78 16.33 -34.05
HO6 NAG P . 23.22 12.17 -32.26
#